data_1T0D
# 
_entry.id   1T0D 
# 
_audit_conform.dict_name       mmcif_pdbx.dic 
_audit_conform.dict_version    5.389 
_audit_conform.dict_location   http://mmcif.pdb.org/dictionaries/ascii/mmcif_pdbx.dic 
# 
loop_
_database_2.database_id 
_database_2.database_code 
_database_2.pdbx_database_accession 
_database_2.pdbx_DOI 
PDB   1T0D         pdb_00001t0d 10.2210/pdb1t0d/pdb 
NDB   UR0037       ?            ?                   
RCSB  RCSB022154   ?            ?                   
WWPDB D_1000022154 ?            ?                   
# 
loop_
_pdbx_audit_revision_history.ordinal 
_pdbx_audit_revision_history.data_content_type 
_pdbx_audit_revision_history.major_revision 
_pdbx_audit_revision_history.minor_revision 
_pdbx_audit_revision_history.revision_date 
1 'Structure model' 1 0 2004-06-15 
2 'Structure model' 1 1 2008-04-30 
3 'Structure model' 1 2 2011-07-13 
4 'Structure model' 1 3 2024-02-14 
5 'Structure model' 1 4 2024-04-03 
# 
_pdbx_audit_revision_details.ordinal             1 
_pdbx_audit_revision_details.revision_ordinal    1 
_pdbx_audit_revision_details.data_content_type   'Structure model' 
_pdbx_audit_revision_details.provider            repository 
_pdbx_audit_revision_details.type                'Initial release' 
_pdbx_audit_revision_details.description         ? 
_pdbx_audit_revision_details.details             ? 
# 
loop_
_pdbx_audit_revision_group.ordinal 
_pdbx_audit_revision_group.revision_ordinal 
_pdbx_audit_revision_group.data_content_type 
_pdbx_audit_revision_group.group 
1 2 'Structure model' 'Version format compliance' 
2 3 'Structure model' 'Version format compliance' 
3 4 'Structure model' 'Data collection'           
4 4 'Structure model' 'Database references'       
5 4 'Structure model' 'Derived calculations'      
6 5 'Structure model' 'Refinement description'    
# 
loop_
_pdbx_audit_revision_category.ordinal 
_pdbx_audit_revision_category.revision_ordinal 
_pdbx_audit_revision_category.data_content_type 
_pdbx_audit_revision_category.category 
1 4 'Structure model' chem_comp_atom                
2 4 'Structure model' chem_comp_bond                
3 4 'Structure model' database_2                    
4 4 'Structure model' struct_conn                   
5 5 'Structure model' pdbx_initial_refinement_model 
# 
loop_
_pdbx_audit_revision_item.ordinal 
_pdbx_audit_revision_item.revision_ordinal 
_pdbx_audit_revision_item.data_content_type 
_pdbx_audit_revision_item.item 
1 4 'Structure model' '_database_2.pdbx_DOI'                
2 4 'Structure model' '_database_2.pdbx_database_accession' 
3 4 'Structure model' '_struct_conn.pdbx_leaving_atom_flag' 
# 
_pdbx_database_status.status_code                     REL 
_pdbx_database_status.entry_id                        1T0D 
_pdbx_database_status.recvd_initial_deposition_date   2004-04-08 
_pdbx_database_status.deposit_site                    RCSB 
_pdbx_database_status.process_site                    RCSB 
_pdbx_database_status.status_code_sf                  REL 
_pdbx_database_status.SG_entry                        . 
_pdbx_database_status.pdb_format_compatible           Y 
_pdbx_database_status.status_code_mr                  ? 
_pdbx_database_status.status_code_cs                  ? 
_pdbx_database_status.status_code_nmr_data            ? 
_pdbx_database_status.methods_development_category    ? 
# 
_pdbx_database_related.db_name        PDB 
_pdbx_database_related.db_id          1T0E 
_pdbx_database_related.details        . 
_pdbx_database_related.content_type   unspecified 
# 
loop_
_audit_author.name 
_audit_author.pdbx_ordinal 
'Shandrick, S.'  1 
'Zhao, Q.'       2 
'Han, Q.'        3 
'Ayida, B.K.'    4 
'Takahashi, M.'  5 
'Winters, G.C.'  6 
'Simonsen, K.B.' 7 
'Vourloumis, D.' 8 
'Hermann, T.'    9 
# 
_citation.id                        primary 
_citation.title                     'Monitoring molecular recognition of the ribosomal decoding site.' 
_citation.journal_abbrev            Angew.Chem.Int.Ed.Engl. 
_citation.journal_volume            43 
_citation.page_first                3177 
_citation.page_last                 3182 
_citation.year                      2004 
_citation.journal_id_ASTM           ACIEAY 
_citation.country                   GE 
_citation.journal_id_ISSN           0570-0833 
_citation.journal_id_CSD            0179 
_citation.book_publisher            ? 
_citation.pdbx_database_id_PubMed   15199571 
_citation.pdbx_database_id_DOI      10.1002/anie.200454217 
# 
loop_
_citation_author.citation_id 
_citation_author.name 
_citation_author.ordinal 
_citation_author.identifier_ORCID 
primary 'Shandrick, S.'  1 ? 
primary 'Zhao, Q.'       2 ? 
primary 'Han, Q.'        3 ? 
primary 'Ayida, B.K.'    4 ? 
primary 'Takahashi, M.'  5 ? 
primary 'Winters, G.C.'  6 ? 
primary 'Simonsen, K.B.' 7 ? 
primary 'Vourloumis, D.' 8 ? 
primary 'Hermann, T.'    9 ? 
# 
loop_
_entity.id 
_entity.type 
_entity.src_method 
_entity.pdbx_description 
_entity.formula_weight 
_entity.pdbx_number_of_molecules 
_entity.pdbx_ec 
_entity.pdbx_mutation 
_entity.pdbx_fragment 
_entity.details 
1 polymer syn "5'-R(*GP*GP*UP*GP*GP*UP*GP*(MTU)P*AP*GP*UP*CP*GP*CP*UP*GP*G)-3'" 5555.333 2   ? ? ? ? 
2 polymer syn "5'-R(*CP*AP*GP*CP*GP*UP*CP*AP*CP*AP*CP*CP*AP*CP*CP*C)-3'"        5015.079 2   ? ? ? ? 
3 water   nat water                                                             18.015   215 ? ? ? ? 
# 
loop_
_entity_poly.entity_id 
_entity_poly.type 
_entity_poly.nstd_linkage 
_entity_poly.nstd_monomer 
_entity_poly.pdbx_seq_one_letter_code 
_entity_poly.pdbx_seq_one_letter_code_can 
_entity_poly.pdbx_strand_id 
_entity_poly.pdbx_target_identifier 
1 polyribonucleotide no yes 'GGUGGUG(MTU)AGUCGCUGG' GGUGGUGAAGUCGCUGG A,C ? 
2 polyribonucleotide no no  CAGCGUCACACCACCC        CAGCGUCACACCACCC  B,D ? 
# 
_pdbx_entity_nonpoly.entity_id   3 
_pdbx_entity_nonpoly.name        water 
_pdbx_entity_nonpoly.comp_id     HOH 
# 
loop_
_entity_poly_seq.entity_id 
_entity_poly_seq.num 
_entity_poly_seq.mon_id 
_entity_poly_seq.hetero 
1 1  G   n 
1 2  G   n 
1 3  U   n 
1 4  G   n 
1 5  G   n 
1 6  U   n 
1 7  G   n 
1 8  MTU n 
1 9  A   n 
1 10 G   n 
1 11 U   n 
1 12 C   n 
1 13 G   n 
1 14 C   n 
1 15 U   n 
1 16 G   n 
1 17 G   n 
2 1  C   n 
2 2  A   n 
2 3  G   n 
2 4  C   n 
2 5  G   n 
2 6  U   n 
2 7  C   n 
2 8  A   n 
2 9  C   n 
2 10 A   n 
2 11 C   n 
2 12 C   n 
2 13 A   n 
2 14 C   n 
2 15 C   n 
2 16 C   n 
# 
loop_
_chem_comp.id 
_chem_comp.type 
_chem_comp.mon_nstd_flag 
_chem_comp.name 
_chem_comp.pdbx_synonyms 
_chem_comp.formula 
_chem_comp.formula_weight 
A   'RNA linking' y "ADENOSINE-5'-MONOPHOSPHATE"            ? 'C10 H14 N5 O7 P' 347.221 
C   'RNA linking' y "CYTIDINE-5'-MONOPHOSPHATE"             ? 'C9 H14 N3 O8 P'  323.197 
G   'RNA linking' y "GUANOSINE-5'-MONOPHOSPHATE"            ? 'C10 H14 N5 O8 P' 363.221 
HOH non-polymer   . WATER                                   ? 'H2 O'            18.015  
MTU 'RNA linking' n 9-BETA-D-RIBOFURANOSYL-9H-PURIN-2-AMINE ? 'C10 H14 N5 O7 P' 347.221 
U   'RNA linking' y "URIDINE-5'-MONOPHOSPHATE"              ? 'C9 H13 N2 O9 P'  324.181 
# 
loop_
_pdbx_poly_seq_scheme.asym_id 
_pdbx_poly_seq_scheme.entity_id 
_pdbx_poly_seq_scheme.seq_id 
_pdbx_poly_seq_scheme.mon_id 
_pdbx_poly_seq_scheme.ndb_seq_num 
_pdbx_poly_seq_scheme.pdb_seq_num 
_pdbx_poly_seq_scheme.auth_seq_num 
_pdbx_poly_seq_scheme.pdb_mon_id 
_pdbx_poly_seq_scheme.auth_mon_id 
_pdbx_poly_seq_scheme.pdb_strand_id 
_pdbx_poly_seq_scheme.pdb_ins_code 
_pdbx_poly_seq_scheme.hetero 
A 1 1  G   1  1  1  G   G  A . n 
A 1 2  G   2  2  2  G   G  A . n 
A 1 3  U   3  3  3  U   U  A . n 
A 1 4  G   4  4  4  G   G  A . n 
A 1 5  G   5  5  5  G   G  A . n 
A 1 6  U   6  6  6  U   U  A . n 
A 1 7  G   7  7  7  G   G  A . n 
A 1 8  MTU 8  8  8  MTU +A A . n 
A 1 9  A   9  9  9  A   A  A . n 
A 1 10 G   10 10 10 G   G  A . n 
A 1 11 U   11 11 11 U   U  A . n 
A 1 12 C   12 12 12 C   C  A . n 
A 1 13 G   13 13 13 G   G  A . n 
A 1 14 C   14 14 14 C   C  A . n 
A 1 15 U   15 15 15 U   U  A . n 
A 1 16 G   16 16 16 G   G  A . n 
A 1 17 G   17 17 17 G   G  A . n 
B 2 1  C   1  20 20 C   C  B . n 
B 2 2  A   2  21 21 A   A  B . n 
B 2 3  G   3  22 22 G   G  B . n 
B 2 4  C   4  23 23 C   C  B . n 
B 2 5  G   5  24 24 G   G  B . n 
B 2 6  U   6  25 25 U   U  B . n 
B 2 7  C   7  26 26 C   C  B . n 
B 2 8  A   8  27 27 A   A  B . n 
B 2 9  C   9  28 28 C   C  B . n 
B 2 10 A   10 29 29 A   A  B . n 
B 2 11 C   11 30 30 C   C  B . n 
B 2 12 C   12 31 31 C   C  B . n 
B 2 13 A   13 32 32 A   A  B . n 
B 2 14 C   14 33 33 C   C  B . n 
B 2 15 C   15 34 34 C   C  B . n 
B 2 16 C   16 35 35 C   C  B . n 
C 1 1  G   1  1  1  G   G  C . n 
C 1 2  G   2  2  2  G   G  C . n 
C 1 3  U   3  3  3  U   U  C . n 
C 1 4  G   4  4  4  G   G  C . n 
C 1 5  G   5  5  5  G   G  C . n 
C 1 6  U   6  6  6  U   U  C . n 
C 1 7  G   7  7  7  G   G  C . n 
C 1 8  MTU 8  8  8  MTU +A C . n 
C 1 9  A   9  9  9  A   A  C . n 
C 1 10 G   10 10 10 G   G  C . n 
C 1 11 U   11 11 11 U   U  C . n 
C 1 12 C   12 12 12 C   C  C . n 
C 1 13 G   13 13 13 G   G  C . n 
C 1 14 C   14 14 14 C   C  C . n 
C 1 15 U   15 15 15 U   U  C . n 
C 1 16 G   16 16 16 G   G  C . n 
C 1 17 G   17 17 17 G   G  C . n 
D 2 1  C   1  20 20 C   C  D . n 
D 2 2  A   2  21 21 A   A  D . n 
D 2 3  G   3  22 22 G   G  D . n 
D 2 4  C   4  23 23 C   C  D . n 
D 2 5  G   5  24 24 G   G  D . n 
D 2 6  U   6  25 25 U   U  D . n 
D 2 7  C   7  26 26 C   C  D . n 
D 2 8  A   8  27 27 A   A  D . n 
D 2 9  C   9  28 28 C   C  D . n 
D 2 10 A   10 29 29 A   A  D . n 
D 2 11 C   11 30 30 C   C  D . n 
D 2 12 C   12 31 31 C   C  D . n 
D 2 13 A   13 32 32 A   A  D . n 
D 2 14 C   14 33 33 C   C  D . n 
D 2 15 C   15 34 34 C   C  D . n 
D 2 16 C   16 35 35 C   C  D . n 
# 
loop_
_pdbx_nonpoly_scheme.asym_id 
_pdbx_nonpoly_scheme.entity_id 
_pdbx_nonpoly_scheme.mon_id 
_pdbx_nonpoly_scheme.ndb_seq_num 
_pdbx_nonpoly_scheme.pdb_seq_num 
_pdbx_nonpoly_scheme.auth_seq_num 
_pdbx_nonpoly_scheme.pdb_mon_id 
_pdbx_nonpoly_scheme.auth_mon_id 
_pdbx_nonpoly_scheme.pdb_strand_id 
_pdbx_nonpoly_scheme.pdb_ins_code 
E 3 HOH 1  18 2   HOH TIP A . 
E 3 HOH 2  19 10  HOH TIP A . 
E 3 HOH 3  20 16  HOH TIP A . 
E 3 HOH 4  21 17  HOH TIP A . 
E 3 HOH 5  22 19  HOH TIP A . 
E 3 HOH 6  23 27  HOH TIP A . 
E 3 HOH 7  24 35  HOH TIP A . 
E 3 HOH 8  25 36  HOH TIP A . 
E 3 HOH 9  26 38  HOH TIP A . 
E 3 HOH 10 27 48  HOH TIP A . 
E 3 HOH 11 28 60  HOH TIP A . 
E 3 HOH 12 29 63  HOH TIP A . 
E 3 HOH 13 30 79  HOH TIP A . 
E 3 HOH 14 31 82  HOH TIP A . 
E 3 HOH 15 32 86  HOH TIP A . 
E 3 HOH 16 33 93  HOH TIP A . 
E 3 HOH 17 34 98  HOH TIP A . 
E 3 HOH 18 35 99  HOH TIP A . 
E 3 HOH 19 36 103 HOH TIP A . 
E 3 HOH 20 37 104 HOH TIP A . 
E 3 HOH 21 38 106 HOH TIP A . 
E 3 HOH 22 39 114 HOH TIP A . 
E 3 HOH 23 40 117 HOH TIP A . 
E 3 HOH 24 41 119 HOH TIP A . 
E 3 HOH 25 42 120 HOH TIP A . 
E 3 HOH 26 43 131 HOH TIP A . 
E 3 HOH 27 44 136 HOH TIP A . 
E 3 HOH 28 45 139 HOH TIP A . 
E 3 HOH 29 46 147 HOH TIP A . 
E 3 HOH 30 47 148 HOH TIP A . 
E 3 HOH 31 48 152 HOH TIP A . 
E 3 HOH 32 49 154 HOH TIP A . 
E 3 HOH 33 50 156 HOH TIP A . 
E 3 HOH 34 51 157 HOH TIP A . 
E 3 HOH 35 52 163 HOH TIP A . 
E 3 HOH 36 53 170 HOH TIP A . 
E 3 HOH 37 54 174 HOH TIP A . 
E 3 HOH 38 55 179 HOH TIP A . 
E 3 HOH 39 56 181 HOH TIP A . 
E 3 HOH 40 57 186 HOH TIP A . 
E 3 HOH 41 58 188 HOH TIP A . 
E 3 HOH 42 59 190 HOH TIP A . 
E 3 HOH 43 60 191 HOH TIP A . 
E 3 HOH 44 61 197 HOH TIP A . 
E 3 HOH 45 62 205 HOH TIP A . 
E 3 HOH 46 63 211 HOH TIP A . 
E 3 HOH 47 64 217 HOH TIP A . 
E 3 HOH 48 65 224 HOH TIP A . 
E 3 HOH 49 66 232 HOH TIP A . 
E 3 HOH 50 67 237 HOH TIP A . 
E 3 HOH 51 68 238 HOH TIP A . 
E 3 HOH 52 69 246 HOH TIP A . 
E 3 HOH 53 70 254 HOH TIP A . 
E 3 HOH 54 71 261 HOH TIP A . 
E 3 HOH 55 72 262 HOH TIP A . 
E 3 HOH 56 73 263 HOH TIP A . 
E 3 HOH 57 74 271 HOH TIP A . 
E 3 HOH 58 75 273 HOH TIP A . 
E 3 HOH 59 76 279 HOH TIP A . 
F 3 HOH 1  36 5   HOH TIP B . 
F 3 HOH 2  37 7   HOH TIP B . 
F 3 HOH 3  38 9   HOH TIP B . 
F 3 HOH 4  39 15  HOH TIP B . 
F 3 HOH 5  40 21  HOH TIP B . 
F 3 HOH 6  41 26  HOH TIP B . 
F 3 HOH 7  42 33  HOH TIP B . 
F 3 HOH 8  43 37  HOH TIP B . 
F 3 HOH 9  44 39  HOH TIP B . 
F 3 HOH 10 45 40  HOH TIP B . 
F 3 HOH 11 46 43  HOH TIP B . 
F 3 HOH 12 47 44  HOH TIP B . 
F 3 HOH 13 48 45  HOH TIP B . 
F 3 HOH 14 49 52  HOH TIP B . 
F 3 HOH 15 50 54  HOH TIP B . 
F 3 HOH 16 51 68  HOH TIP B . 
F 3 HOH 17 52 70  HOH TIP B . 
F 3 HOH 18 53 81  HOH TIP B . 
F 3 HOH 19 54 83  HOH TIP B . 
F 3 HOH 20 55 84  HOH TIP B . 
F 3 HOH 21 56 101 HOH TIP B . 
F 3 HOH 22 57 110 HOH TIP B . 
F 3 HOH 23 58 113 HOH TIP B . 
F 3 HOH 24 59 124 HOH TIP B . 
F 3 HOH 25 60 133 HOH TIP B . 
F 3 HOH 26 61 140 HOH TIP B . 
F 3 HOH 27 62 143 HOH TIP B . 
F 3 HOH 28 63 144 HOH TIP B . 
F 3 HOH 29 64 171 HOH TIP B . 
F 3 HOH 30 65 172 HOH TIP B . 
F 3 HOH 31 66 177 HOH TIP B . 
F 3 HOH 32 67 182 HOH TIP B . 
F 3 HOH 33 68 187 HOH TIP B . 
F 3 HOH 34 69 189 HOH TIP B . 
F 3 HOH 35 70 192 HOH TIP B . 
F 3 HOH 36 71 208 HOH TIP B . 
F 3 HOH 37 72 215 HOH TIP B . 
F 3 HOH 38 73 216 HOH TIP B . 
F 3 HOH 39 74 227 HOH TIP B . 
F 3 HOH 40 75 236 HOH TIP B . 
F 3 HOH 41 76 244 HOH TIP B . 
F 3 HOH 42 77 250 HOH TIP B . 
F 3 HOH 43 78 264 HOH TIP B . 
F 3 HOH 44 79 272 HOH TIP B . 
F 3 HOH 45 80 275 HOH TIP B . 
F 3 HOH 46 81 288 HOH TIP B . 
G 3 HOH 1  18 8   HOH TIP C . 
G 3 HOH 2  19 20  HOH TIP C . 
G 3 HOH 3  20 22  HOH TIP C . 
G 3 HOH 4  21 25  HOH TIP C . 
G 3 HOH 5  22 28  HOH TIP C . 
G 3 HOH 6  23 34  HOH TIP C . 
G 3 HOH 7  24 49  HOH TIP C . 
G 3 HOH 8  25 53  HOH TIP C . 
G 3 HOH 9  26 55  HOH TIP C . 
G 3 HOH 10 27 56  HOH TIP C . 
G 3 HOH 11 28 59  HOH TIP C . 
G 3 HOH 12 29 72  HOH TIP C . 
G 3 HOH 13 30 75  HOH TIP C . 
G 3 HOH 14 31 80  HOH TIP C . 
G 3 HOH 15 32 87  HOH TIP C . 
G 3 HOH 16 33 89  HOH TIP C . 
G 3 HOH 17 34 94  HOH TIP C . 
G 3 HOH 18 35 109 HOH TIP C . 
G 3 HOH 19 36 112 HOH TIP C . 
G 3 HOH 20 37 115 HOH TIP C . 
G 3 HOH 21 38 126 HOH TIP C . 
G 3 HOH 22 39 127 HOH TIP C . 
G 3 HOH 23 40 132 HOH TIP C . 
G 3 HOH 24 41 134 HOH TIP C . 
G 3 HOH 25 42 142 HOH TIP C . 
G 3 HOH 26 43 151 HOH TIP C . 
G 3 HOH 27 44 155 HOH TIP C . 
G 3 HOH 28 45 158 HOH TIP C . 
G 3 HOH 29 46 160 HOH TIP C . 
G 3 HOH 30 47 162 HOH TIP C . 
G 3 HOH 31 48 165 HOH TIP C . 
G 3 HOH 32 49 175 HOH TIP C . 
G 3 HOH 33 50 183 HOH TIP C . 
G 3 HOH 34 51 184 HOH TIP C . 
G 3 HOH 35 52 185 HOH TIP C . 
G 3 HOH 36 53 198 HOH TIP C . 
G 3 HOH 37 54 199 HOH TIP C . 
G 3 HOH 38 55 203 HOH TIP C . 
G 3 HOH 39 56 209 HOH TIP C . 
G 3 HOH 40 57 212 HOH TIP C . 
G 3 HOH 41 58 213 HOH TIP C . 
G 3 HOH 42 59 214 HOH TIP C . 
G 3 HOH 43 60 221 HOH TIP C . 
G 3 HOH 44 61 223 HOH TIP C . 
G 3 HOH 45 62 225 HOH TIP C . 
G 3 HOH 46 63 228 HOH TIP C . 
G 3 HOH 47 64 231 HOH TIP C . 
G 3 HOH 48 65 241 HOH TIP C . 
G 3 HOH 49 66 245 HOH TIP C . 
G 3 HOH 50 67 251 HOH TIP C . 
G 3 HOH 51 68 253 HOH TIP C . 
G 3 HOH 52 69 268 HOH TIP C . 
G 3 HOH 53 70 274 HOH TIP C . 
G 3 HOH 54 71 278 HOH TIP C . 
G 3 HOH 55 72 280 HOH TIP C . 
G 3 HOH 56 73 283 HOH TIP C . 
H 3 HOH 1  36 23  HOH TIP D . 
H 3 HOH 2  37 29  HOH TIP D . 
H 3 HOH 3  38 42  HOH TIP D . 
H 3 HOH 4  39 47  HOH TIP D . 
H 3 HOH 5  40 58  HOH TIP D . 
H 3 HOH 6  41 61  HOH TIP D . 
H 3 HOH 7  42 62  HOH TIP D . 
H 3 HOH 8  43 64  HOH TIP D . 
H 3 HOH 9  44 66  HOH TIP D . 
H 3 HOH 10 45 69  HOH TIP D . 
H 3 HOH 11 46 74  HOH TIP D . 
H 3 HOH 12 47 77  HOH TIP D . 
H 3 HOH 13 48 78  HOH TIP D . 
H 3 HOH 14 49 85  HOH TIP D . 
H 3 HOH 15 50 91  HOH TIP D . 
H 3 HOH 16 51 92  HOH TIP D . 
H 3 HOH 17 52 96  HOH TIP D . 
H 3 HOH 18 53 97  HOH TIP D . 
H 3 HOH 19 54 129 HOH TIP D . 
H 3 HOH 20 55 130 HOH TIP D . 
H 3 HOH 21 56 137 HOH TIP D . 
H 3 HOH 22 57 138 HOH TIP D . 
H 3 HOH 23 58 150 HOH TIP D . 
H 3 HOH 24 59 153 HOH TIP D . 
H 3 HOH 25 60 159 HOH TIP D . 
H 3 HOH 26 61 161 HOH TIP D . 
H 3 HOH 27 62 166 HOH TIP D . 
H 3 HOH 28 63 169 HOH TIP D . 
H 3 HOH 29 64 176 HOH TIP D . 
H 3 HOH 30 65 178 HOH TIP D . 
H 3 HOH 31 66 195 HOH TIP D . 
H 3 HOH 32 67 201 HOH TIP D . 
H 3 HOH 33 68 202 HOH TIP D . 
H 3 HOH 34 69 204 HOH TIP D . 
H 3 HOH 35 70 206 HOH TIP D . 
H 3 HOH 36 71 207 HOH TIP D . 
H 3 HOH 37 72 210 HOH TIP D . 
H 3 HOH 38 73 218 HOH TIP D . 
H 3 HOH 39 74 219 HOH TIP D . 
H 3 HOH 40 75 220 HOH TIP D . 
H 3 HOH 41 76 226 HOH TIP D . 
H 3 HOH 42 77 229 HOH TIP D . 
H 3 HOH 43 78 242 HOH TIP D . 
H 3 HOH 44 79 247 HOH TIP D . 
H 3 HOH 45 80 248 HOH TIP D . 
H 3 HOH 46 81 252 HOH TIP D . 
H 3 HOH 47 82 259 HOH TIP D . 
H 3 HOH 48 83 260 HOH TIP D . 
H 3 HOH 49 84 266 HOH TIP D . 
H 3 HOH 50 85 270 HOH TIP D . 
H 3 HOH 51 86 276 HOH TIP D . 
H 3 HOH 52 87 282 HOH TIP D . 
H 3 HOH 53 88 285 HOH TIP D . 
H 3 HOH 54 89 289 HOH TIP D . 
# 
loop_
_software.name 
_software.classification 
_software.version 
_software.citation_id 
_software.pdbx_ordinal 
DENZO     'data reduction' . ? 1 
SCALEPACK 'data scaling'   . ? 2 
AMoRE     phasing          . ? 3 
CNS       refinement       . ? 4 
# 
_cell.entry_id           1T0D 
_cell.length_a           31.640 
_cell.length_b           87.320 
_cell.length_c           32.790 
_cell.angle_alpha        90.00 
_cell.angle_beta         93.27 
_cell.angle_gamma        90.00 
_cell.Z_PDB              4 
_cell.pdbx_unique_axis   ? 
# 
_symmetry.entry_id                         1T0D 
_symmetry.space_group_name_H-M             'P 1 21 1' 
_symmetry.pdbx_full_space_group_name_H-M   ? 
_symmetry.cell_setting                     ? 
_symmetry.Int_Tables_number                4 
# 
_exptl.entry_id          1T0D 
_exptl.method            'X-RAY DIFFRACTION' 
_exptl.crystals_number   1 
# 
_exptl_crystal.id                    1 
_exptl_crystal.density_meas          ? 
_exptl_crystal.density_percent_sol   40.5 
_exptl_crystal.description           ? 
_exptl_crystal.density_Matthews      2.1 
# 
_exptl_crystal_grow.crystal_id      1 
_exptl_crystal_grow.method          'VAPOR DIFFUSION, HANGING DROP' 
_exptl_crystal_grow.temp            293.15 
_exptl_crystal_grow.temp_details    ? 
_exptl_crystal_grow.pH              6.8 
_exptl_crystal_grow.pdbx_details    
'Ammonium sulfate, magnesium acetate, cacodylate, pH 6.8, VAPOR DIFFUSION, HANGING DROP, temperature 293.15K' 
_exptl_crystal_grow.pdbx_pH_range   . 
# 
_diffrn.id                     1 
_diffrn.ambient_temp           103.0 
_diffrn.ambient_temp_details   ? 
_diffrn.crystal_id             1 
# 
_diffrn_detector.diffrn_id              1 
_diffrn_detector.detector               'IMAGE PLATE' 
_diffrn_detector.type                   'RIGAKU RAXIS IV' 
_diffrn_detector.pdbx_collection_date   2003-06-14 
_diffrn_detector.details                mirrors 
# 
_diffrn_radiation.diffrn_id                        1 
_diffrn_radiation.wavelength_id                    1 
_diffrn_radiation.pdbx_monochromatic_or_laue_m_l   M 
_diffrn_radiation.monochromator                    'Ni FILTER' 
_diffrn_radiation.pdbx_diffrn_protocol             'SINGLE WAVELENGTH' 
_diffrn_radiation.pdbx_scattering_type             x-ray 
# 
_diffrn_radiation_wavelength.id           1 
_diffrn_radiation_wavelength.wavelength   1.5418 
_diffrn_radiation_wavelength.wt           1.0 
# 
_diffrn_source.diffrn_id                   1 
_diffrn_source.source                      'ROTATING ANODE' 
_diffrn_source.type                        RIGAKU 
_diffrn_source.pdbx_synchrotron_site       ? 
_diffrn_source.pdbx_synchrotron_beamline   ? 
_diffrn_source.pdbx_wavelength             ? 
_diffrn_source.pdbx_wavelength_list        1.5418 
# 
_reflns.entry_id                     1T0D 
_reflns.observed_criterion_sigma_F   3 
_reflns.observed_criterion_sigma_I   3 
_reflns.d_resolution_high            2.2 
_reflns.d_resolution_low             30.0 
_reflns.number_all                   8984 
_reflns.number_obs                   8903 
_reflns.percent_possible_obs         99.1 
_reflns.pdbx_Rmerge_I_obs            0.09 
_reflns.pdbx_Rsym_value              ? 
_reflns.pdbx_netI_over_sigmaI        15.3 
_reflns.B_iso_Wilson_estimate        19.7 
_reflns.pdbx_redundancy              8.6 
_reflns.R_free_details               ? 
_reflns.pdbx_diffrn_id               1 
_reflns.pdbx_ordinal                 1 
# 
_reflns_shell.d_res_high             2.2 
_reflns_shell.d_res_low              2.28 
_reflns_shell.percent_possible_all   96.1 
_reflns_shell.Rmerge_I_obs           0.311 
_reflns_shell.pdbx_Rsym_value        ? 
_reflns_shell.meanI_over_sigI_obs    3.3 
_reflns_shell.pdbx_redundancy        ? 
_reflns_shell.percent_possible_obs   ? 
_reflns_shell.number_unique_all      844 
_reflns_shell.pdbx_diffrn_id         ? 
_reflns_shell.pdbx_ordinal           1 
# 
_refine.entry_id                                 1T0D 
_refine.ls_d_res_high                            2.2 
_refine.ls_d_res_low                             8 
_refine.pdbx_ls_sigma_F                          0.0 
_refine.pdbx_ls_sigma_I                          0.0 
_refine.ls_number_reflns_all                     8867 
_refine.ls_number_reflns_obs                     8285 
_refine.ls_number_reflns_R_free                  870 
_refine.ls_percent_reflns_obs                    93.4 
_refine.ls_R_factor_all                          ? 
_refine.ls_R_factor_obs                          ? 
_refine.ls_R_factor_R_work                       0.205 
_refine.ls_R_factor_R_free                       0.266 
_refine.ls_redundancy_reflns_obs                 ? 
_refine.pdbx_data_cutoff_high_absF               ? 
_refine.pdbx_data_cutoff_low_absF                ? 
_refine.ls_number_parameters                     ? 
_refine.ls_number_restraints                     ? 
_refine.ls_percent_reflns_R_free                 ? 
_refine.ls_R_factor_R_free_error                 ? 
_refine.ls_R_factor_R_free_error_details         ? 
_refine.pdbx_method_to_determine_struct          'MOLECULAR REPLACEMENT' 
_refine.pdbx_starting_model                      'a model of RNA' 
_refine.pdbx_ls_cross_valid_method               THROUGHOUT 
_refine.pdbx_R_Free_selection_details            RANDOM 
_refine.pdbx_stereochem_target_val_spec_case     ? 
_refine.pdbx_stereochemistry_target_values       'Engh & Huber' 
_refine.solvent_model_details                    ? 
_refine.solvent_model_param_bsol                 ? 
_refine.solvent_model_param_ksol                 ? 
_refine.occupancy_max                            ? 
_refine.occupancy_min                            ? 
_refine.pdbx_isotropic_thermal_model             anisotropic 
_refine.B_iso_mean                               25.8 
_refine.aniso_B[1][1]                            -3.96 
_refine.aniso_B[1][2]                            0.000 
_refine.aniso_B[1][3]                            0.408 
_refine.aniso_B[2][2]                            5.144 
_refine.aniso_B[2][3]                            0.00 
_refine.aniso_B[3][3]                            -1.183 
_refine.details                                  ? 
_refine.correlation_coeff_Fo_to_Fc               ? 
_refine.correlation_coeff_Fo_to_Fc_free          ? 
_refine.pdbx_solvent_vdw_probe_radii             ? 
_refine.pdbx_solvent_ion_probe_radii             ? 
_refine.pdbx_solvent_shrinkage_radii             ? 
_refine.overall_SU_R_Cruickshank_DPI             ? 
_refine.overall_SU_R_free                        ? 
_refine.overall_SU_B                             ? 
_refine.overall_SU_ML                            ? 
_refine.pdbx_overall_ESU_R                       ? 
_refine.pdbx_overall_ESU_R_Free                  ? 
_refine.pdbx_data_cutoff_high_rms_absF           ? 
_refine.pdbx_refine_id                           'X-RAY DIFFRACTION' 
_refine.pdbx_diffrn_id                           1 
_refine.pdbx_TLS_residual_ADP_flag               ? 
_refine.pdbx_overall_phase_error                 ? 
_refine.pdbx_overall_SU_R_free_Cruickshank_DPI   ? 
_refine.pdbx_overall_SU_R_Blow_DPI               ? 
_refine.pdbx_overall_SU_R_free_Blow_DPI          ? 
# 
_refine_analyze.entry_id                        1T0D 
_refine_analyze.Luzzati_coordinate_error_obs    0.27 
_refine_analyze.Luzzati_sigma_a_obs             0.30 
_refine_analyze.Luzzati_d_res_low_obs           5.00 
_refine_analyze.Luzzati_coordinate_error_free   0.37 
_refine_analyze.Luzzati_sigma_a_free            0.42 
_refine_analyze.Luzzati_d_res_low_free          ? 
_refine_analyze.number_disordered_residues      ? 
_refine_analyze.occupancy_sum_non_hydrogen      ? 
_refine_analyze.occupancy_sum_hydrogen          ? 
_refine_analyze.pdbx_refine_id                  'X-RAY DIFFRACTION' 
# 
_refine_hist.pdbx_refine_id                   'X-RAY DIFFRACTION' 
_refine_hist.cycle_id                         LAST 
_refine_hist.pdbx_number_atoms_protein        0 
_refine_hist.pdbx_number_atoms_nucleic_acid   1398 
_refine_hist.pdbx_number_atoms_ligand         0 
_refine_hist.number_atoms_solvent             215 
_refine_hist.number_atoms_total               1613 
_refine_hist.d_res_high                       2.2 
_refine_hist.d_res_low                        8 
# 
loop_
_refine_ls_restr.type 
_refine_ls_restr.dev_ideal 
_refine_ls_restr.dev_ideal_target 
_refine_ls_restr.weight 
_refine_ls_restr.number 
_refine_ls_restr.pdbx_refine_id 
_refine_ls_restr.pdbx_restraint_function 
c_bond_d  0.004 ? ? ? 'X-RAY DIFFRACTION' ? 
c_angle_d 0.93  ? ? ? 'X-RAY DIFFRACTION' ? 
# 
_refine_ls_shell.pdbx_total_number_of_bins_used   ? 
_refine_ls_shell.d_res_high                       2.2 
_refine_ls_shell.d_res_low                        2.34 
_refine_ls_shell.number_reflns_R_work             ? 
_refine_ls_shell.R_factor_R_work                  0.308 
_refine_ls_shell.percent_reflns_obs               82.4 
_refine_ls_shell.R_factor_R_free                  0.354 
_refine_ls_shell.R_factor_R_free_error            0.031 
_refine_ls_shell.percent_reflns_R_free            ? 
_refine_ls_shell.number_reflns_R_free             129 
_refine_ls_shell.redundancy_reflns_obs            ? 
_refine_ls_shell.pdbx_refine_id                   'X-RAY DIFFRACTION' 
_refine_ls_shell.number_reflns_all                ? 
_refine_ls_shell.R_factor_all                     ? 
# 
_struct.entry_id                  1T0D 
_struct.title                     'Crystal Structure of 2-aminopurine labelled bacterial decoding site RNA' 
_struct.pdbx_model_details        ? 
_struct.pdbx_CASP_flag            ? 
_struct.pdbx_model_type_details   ? 
# 
_struct_keywords.entry_id        1T0D 
_struct_keywords.pdbx_keywords   RNA 
_struct_keywords.text            
'2-AMINOPURINE, BACTERIAL DECODING SITE RNA, FLUORESCENCE EMISSION SPECTRA, 9-beta-D-Ribofuranosyl-9H-purin-2-amine, RNA' 
# 
loop_
_struct_asym.id 
_struct_asym.pdbx_blank_PDB_chainid_flag 
_struct_asym.pdbx_modified 
_struct_asym.entity_id 
_struct_asym.details 
A N N 1 ? 
B N N 2 ? 
C N N 1 ? 
D N N 2 ? 
E N N 3 ? 
F N N 3 ? 
G N N 3 ? 
H N N 3 ? 
# 
loop_
_struct_ref.id 
_struct_ref.entity_id 
_struct_ref.db_name 
_struct_ref.db_code 
_struct_ref.pdbx_db_accession 
_struct_ref.pdbx_db_isoform 
_struct_ref.pdbx_seq_one_letter_code 
_struct_ref.pdbx_align_begin 
1 1 PDB 1T0D 1T0D ? ? ? 
2 2 PDB 1T0D 1T0D ? ? ? 
# 
loop_
_struct_ref_seq.align_id 
_struct_ref_seq.ref_id 
_struct_ref_seq.pdbx_PDB_id_code 
_struct_ref_seq.pdbx_strand_id 
_struct_ref_seq.seq_align_beg 
_struct_ref_seq.pdbx_seq_align_beg_ins_code 
_struct_ref_seq.seq_align_end 
_struct_ref_seq.pdbx_seq_align_end_ins_code 
_struct_ref_seq.pdbx_db_accession 
_struct_ref_seq.db_align_beg 
_struct_ref_seq.pdbx_db_align_beg_ins_code 
_struct_ref_seq.db_align_end 
_struct_ref_seq.pdbx_db_align_end_ins_code 
_struct_ref_seq.pdbx_auth_seq_align_beg 
_struct_ref_seq.pdbx_auth_seq_align_end 
1 1 1T0D A 1 ? 17 ? 1T0D 1  ? 17 ? 1  17 
2 2 1T0D B 1 ? 16 ? 1T0D 20 ? 35 ? 20 35 
3 1 1T0D C 1 ? 17 ? 1T0D 1  ? 17 ? 1  17 
4 2 1T0D D 1 ? 16 ? 1T0D 20 ? 35 ? 20 35 
# 
loop_
_pdbx_struct_assembly.id 
_pdbx_struct_assembly.details 
_pdbx_struct_assembly.method_details 
_pdbx_struct_assembly.oligomeric_details 
_pdbx_struct_assembly.oligomeric_count 
1 author_defined_assembly ? dimeric 2 
2 author_defined_assembly ? dimeric 2 
# 
loop_
_pdbx_struct_assembly_gen.assembly_id 
_pdbx_struct_assembly_gen.oper_expression 
_pdbx_struct_assembly_gen.asym_id_list 
1 1 A,B,E,F 
2 1 C,D,G,H 
# 
_pdbx_struct_oper_list.id                   1 
_pdbx_struct_oper_list.type                 'identity operation' 
_pdbx_struct_oper_list.name                 1_555 
_pdbx_struct_oper_list.symmetry_operation   x,y,z 
_pdbx_struct_oper_list.matrix[1][1]         1.0000000000 
_pdbx_struct_oper_list.matrix[1][2]         0.0000000000 
_pdbx_struct_oper_list.matrix[1][3]         0.0000000000 
_pdbx_struct_oper_list.vector[1]            0.0000000000 
_pdbx_struct_oper_list.matrix[2][1]         0.0000000000 
_pdbx_struct_oper_list.matrix[2][2]         1.0000000000 
_pdbx_struct_oper_list.matrix[2][3]         0.0000000000 
_pdbx_struct_oper_list.vector[2]            0.0000000000 
_pdbx_struct_oper_list.matrix[3][1]         0.0000000000 
_pdbx_struct_oper_list.matrix[3][2]         0.0000000000 
_pdbx_struct_oper_list.matrix[3][3]         1.0000000000 
_pdbx_struct_oper_list.vector[3]            0.0000000000 
# 
loop_
_struct_biol.id 
_struct_biol.pdbx_parent_biol_id 
_struct_biol.details 
1 ? ? 
2 ? ? 
# 
loop_
_struct_conn.id 
_struct_conn.conn_type_id 
_struct_conn.pdbx_leaving_atom_flag 
_struct_conn.pdbx_PDB_id 
_struct_conn.ptnr1_label_asym_id 
_struct_conn.ptnr1_label_comp_id 
_struct_conn.ptnr1_label_seq_id 
_struct_conn.ptnr1_label_atom_id 
_struct_conn.pdbx_ptnr1_label_alt_id 
_struct_conn.pdbx_ptnr1_PDB_ins_code 
_struct_conn.pdbx_ptnr1_standard_comp_id 
_struct_conn.ptnr1_symmetry 
_struct_conn.ptnr2_label_asym_id 
_struct_conn.ptnr2_label_comp_id 
_struct_conn.ptnr2_label_seq_id 
_struct_conn.ptnr2_label_atom_id 
_struct_conn.pdbx_ptnr2_label_alt_id 
_struct_conn.pdbx_ptnr2_PDB_ins_code 
_struct_conn.ptnr1_auth_asym_id 
_struct_conn.ptnr1_auth_comp_id 
_struct_conn.ptnr1_auth_seq_id 
_struct_conn.ptnr2_auth_asym_id 
_struct_conn.ptnr2_auth_comp_id 
_struct_conn.ptnr2_auth_seq_id 
_struct_conn.ptnr2_symmetry 
_struct_conn.pdbx_ptnr3_label_atom_id 
_struct_conn.pdbx_ptnr3_label_seq_id 
_struct_conn.pdbx_ptnr3_label_comp_id 
_struct_conn.pdbx_ptnr3_label_asym_id 
_struct_conn.pdbx_ptnr3_label_alt_id 
_struct_conn.pdbx_ptnr3_PDB_ins_code 
_struct_conn.details 
_struct_conn.pdbx_dist_value 
_struct_conn.pdbx_value_order 
_struct_conn.pdbx_role 
covale1  covale one  ? A G   7  "O3'" ? ? ? 1_555 A MTU 8  P  ? ? A G   7  A MTU 8  1_555 ? ? ? ? ? ? ?               1.608 ? ? 
covale2  covale both ? A MTU 8  "O3'" ? ? ? 1_555 A A   9  P  ? ? A MTU 8  A A   9  1_555 ? ? ? ? ? ? ?               1.603 ? ? 
covale3  covale one  ? C G   7  "O3'" ? ? ? 1_555 C MTU 8  P  ? ? C G   7  C MTU 8  1_555 ? ? ? ? ? ? ?               1.602 ? ? 
covale4  covale both ? C MTU 8  "O3'" ? ? ? 1_555 C A   9  P  ? ? C MTU 8  C A   9  1_555 ? ? ? ? ? ? ?               1.598 ? ? 
hydrog1  hydrog ?    ? A G   1  N1    ? ? ? 1_555 B C   15 N3 ? ? A G   1  B C   34 1_555 ? ? ? ? ? ? WATSON-CRICK    ?     ? ? 
hydrog2  hydrog ?    ? A G   1  N2    ? ? ? 1_555 B C   15 O2 ? ? A G   1  B C   34 1_555 ? ? ? ? ? ? WATSON-CRICK    ?     ? ? 
hydrog3  hydrog ?    ? A G   1  O6    ? ? ? 1_555 B C   15 N4 ? ? A G   1  B C   34 1_555 ? ? ? ? ? ? WATSON-CRICK    ?     ? ? 
hydrog4  hydrog ?    ? A G   2  N1    ? ? ? 1_555 B C   14 N3 ? ? A G   2  B C   33 1_555 ? ? ? ? ? ? WATSON-CRICK    ?     ? ? 
hydrog5  hydrog ?    ? A G   2  N2    ? ? ? 1_555 B C   14 O2 ? ? A G   2  B C   33 1_555 ? ? ? ? ? ? WATSON-CRICK    ?     ? ? 
hydrog6  hydrog ?    ? A G   2  O6    ? ? ? 1_555 B C   14 N4 ? ? A G   2  B C   33 1_555 ? ? ? ? ? ? WATSON-CRICK    ?     ? ? 
hydrog7  hydrog ?    ? A U   3  N3    ? ? ? 1_555 B A   13 N1 ? ? A U   3  B A   32 1_555 ? ? ? ? ? ? WATSON-CRICK    ?     ? ? 
hydrog8  hydrog ?    ? A U   3  O4    ? ? ? 1_555 B A   13 N6 ? ? A U   3  B A   32 1_555 ? ? ? ? ? ? WATSON-CRICK    ?     ? ? 
hydrog9  hydrog ?    ? A G   4  N1    ? ? ? 1_555 B C   12 N3 ? ? A G   4  B C   31 1_555 ? ? ? ? ? ? WATSON-CRICK    ?     ? ? 
hydrog10 hydrog ?    ? A G   4  N2    ? ? ? 1_555 B C   12 O2 ? ? A G   4  B C   31 1_555 ? ? ? ? ? ? WATSON-CRICK    ?     ? ? 
hydrog11 hydrog ?    ? A G   4  O6    ? ? ? 1_555 B C   12 N4 ? ? A G   4  B C   31 1_555 ? ? ? ? ? ? WATSON-CRICK    ?     ? ? 
hydrog12 hydrog ?    ? A G   5  N1    ? ? ? 1_555 B C   11 N3 ? ? A G   5  B C   30 1_555 ? ? ? ? ? ? WATSON-CRICK    ?     ? ? 
hydrog13 hydrog ?    ? A G   5  N2    ? ? ? 1_555 B C   11 O2 ? ? A G   5  B C   30 1_555 ? ? ? ? ? ? WATSON-CRICK    ?     ? ? 
hydrog14 hydrog ?    ? A G   5  O6    ? ? ? 1_555 B C   11 N4 ? ? A G   5  B C   30 1_555 ? ? ? ? ? ? WATSON-CRICK    ?     ? ? 
hydrog15 hydrog ?    ? A U   6  N3    ? ? ? 1_555 B A   10 N1 ? ? A U   6  B A   29 1_555 ? ? ? ? ? ? WATSON-CRICK    ?     ? ? 
hydrog16 hydrog ?    ? A U   6  O4    ? ? ? 1_555 B A   10 N6 ? ? A U   6  B A   29 1_555 ? ? ? ? ? ? WATSON-CRICK    ?     ? ? 
hydrog17 hydrog ?    ? A G   7  N1    ? ? ? 1_555 B C   9  N3 ? ? A G   7  B C   28 1_555 ? ? ? ? ? ? WATSON-CRICK    ?     ? ? 
hydrog18 hydrog ?    ? A G   7  N2    ? ? ? 1_555 B C   9  O2 ? ? A G   7  B C   28 1_555 ? ? ? ? ? ? WATSON-CRICK    ?     ? ? 
hydrog19 hydrog ?    ? A G   7  O6    ? ? ? 1_555 B C   9  N4 ? ? A G   7  B C   28 1_555 ? ? ? ? ? ? WATSON-CRICK    ?     ? ? 
hydrog20 hydrog ?    ? A MTU 8  N1    ? ? ? 1_555 B A   8  N6 ? ? A MTU 8  B A   27 1_555 ? ? ? ? ? ? 'MTU-A MISPAIR' ?     ? ? 
hydrog21 hydrog ?    ? A G   10 N1    ? ? ? 1_555 B C   7  N3 ? ? A G   10 B C   26 1_555 ? ? ? ? ? ? WATSON-CRICK    ?     ? ? 
hydrog22 hydrog ?    ? A G   10 N2    ? ? ? 1_555 B C   7  O2 ? ? A G   10 B C   26 1_555 ? ? ? ? ? ? WATSON-CRICK    ?     ? ? 
hydrog23 hydrog ?    ? A G   10 O6    ? ? ? 1_555 B C   7  N4 ? ? A G   10 B C   26 1_555 ? ? ? ? ? ? WATSON-CRICK    ?     ? ? 
hydrog24 hydrog ?    ? A U   11 N3    ? ? ? 1_555 B U   6  O4 ? ? A U   11 B U   25 1_555 ? ? ? ? ? ? TYPE_16_PAIR    ?     ? ? 
hydrog25 hydrog ?    ? A U   11 O2    ? ? ? 1_555 B U   6  N3 ? ? A U   11 B U   25 1_555 ? ? ? ? ? ? TYPE_16_PAIR    ?     ? ? 
hydrog26 hydrog ?    ? A C   12 O2    ? ? ? 1_555 B G   5  N1 ? ? A C   12 B G   24 1_555 ? ? ? ? ? ? 'C-G PAIR'      ?     ? ? 
hydrog27 hydrog ?    ? A G   13 N1    ? ? ? 1_555 B C   4  N3 ? ? A G   13 B C   23 1_555 ? ? ? ? ? ? WATSON-CRICK    ?     ? ? 
hydrog28 hydrog ?    ? A G   13 N2    ? ? ? 1_555 B C   4  O2 ? ? A G   13 B C   23 1_555 ? ? ? ? ? ? WATSON-CRICK    ?     ? ? 
hydrog29 hydrog ?    ? A G   13 O6    ? ? ? 1_555 B C   4  N4 ? ? A G   13 B C   23 1_555 ? ? ? ? ? ? WATSON-CRICK    ?     ? ? 
hydrog30 hydrog ?    ? A C   14 N3    ? ? ? 1_555 B G   3  N1 ? ? A C   14 B G   22 1_555 ? ? ? ? ? ? WATSON-CRICK    ?     ? ? 
hydrog31 hydrog ?    ? A C   14 N4    ? ? ? 1_555 B G   3  O6 ? ? A C   14 B G   22 1_555 ? ? ? ? ? ? WATSON-CRICK    ?     ? ? 
hydrog32 hydrog ?    ? A C   14 O2    ? ? ? 1_555 B G   3  N2 ? ? A C   14 B G   22 1_555 ? ? ? ? ? ? WATSON-CRICK    ?     ? ? 
hydrog33 hydrog ?    ? A U   15 N3    ? ? ? 1_555 B A   2  N1 ? ? A U   15 B A   21 1_555 ? ? ? ? ? ? WATSON-CRICK    ?     ? ? 
hydrog34 hydrog ?    ? A U   15 O4    ? ? ? 1_555 B A   2  N6 ? ? A U   15 B A   21 1_555 ? ? ? ? ? ? WATSON-CRICK    ?     ? ? 
hydrog35 hydrog ?    ? A G   16 N1    ? ? ? 1_555 B C   1  N3 ? ? A G   16 B C   20 1_555 ? ? ? ? ? ? WATSON-CRICK    ?     ? ? 
hydrog36 hydrog ?    ? A G   16 N2    ? ? ? 1_555 B C   1  O2 ? ? A G   16 B C   20 1_555 ? ? ? ? ? ? WATSON-CRICK    ?     ? ? 
hydrog37 hydrog ?    ? A G   16 O6    ? ? ? 1_555 B C   1  N4 ? ? A G   16 B C   20 1_555 ? ? ? ? ? ? WATSON-CRICK    ?     ? ? 
hydrog38 hydrog ?    ? C G   1  N1    ? ? ? 1_555 D C   15 N3 ? ? C G   1  D C   34 1_555 ? ? ? ? ? ? WATSON-CRICK    ?     ? ? 
hydrog39 hydrog ?    ? C G   1  N2    ? ? ? 1_555 D C   15 O2 ? ? C G   1  D C   34 1_555 ? ? ? ? ? ? WATSON-CRICK    ?     ? ? 
hydrog40 hydrog ?    ? C G   1  O6    ? ? ? 1_555 D C   15 N4 ? ? C G   1  D C   34 1_555 ? ? ? ? ? ? WATSON-CRICK    ?     ? ? 
hydrog41 hydrog ?    ? C G   2  N1    ? ? ? 1_555 D C   14 N3 ? ? C G   2  D C   33 1_555 ? ? ? ? ? ? WATSON-CRICK    ?     ? ? 
hydrog42 hydrog ?    ? C G   2  N2    ? ? ? 1_555 D C   14 O2 ? ? C G   2  D C   33 1_555 ? ? ? ? ? ? WATSON-CRICK    ?     ? ? 
hydrog43 hydrog ?    ? C G   2  O6    ? ? ? 1_555 D C   14 N4 ? ? C G   2  D C   33 1_555 ? ? ? ? ? ? WATSON-CRICK    ?     ? ? 
hydrog44 hydrog ?    ? C U   3  N3    ? ? ? 1_555 D A   13 N1 ? ? C U   3  D A   32 1_555 ? ? ? ? ? ? WATSON-CRICK    ?     ? ? 
hydrog45 hydrog ?    ? C U   3  O4    ? ? ? 1_555 D A   13 N6 ? ? C U   3  D A   32 1_555 ? ? ? ? ? ? WATSON-CRICK    ?     ? ? 
hydrog46 hydrog ?    ? C G   4  N1    ? ? ? 1_555 D C   12 N3 ? ? C G   4  D C   31 1_555 ? ? ? ? ? ? WATSON-CRICK    ?     ? ? 
hydrog47 hydrog ?    ? C G   4  N2    ? ? ? 1_555 D C   12 O2 ? ? C G   4  D C   31 1_555 ? ? ? ? ? ? WATSON-CRICK    ?     ? ? 
hydrog48 hydrog ?    ? C G   4  O6    ? ? ? 1_555 D C   12 N4 ? ? C G   4  D C   31 1_555 ? ? ? ? ? ? WATSON-CRICK    ?     ? ? 
hydrog49 hydrog ?    ? C G   5  N1    ? ? ? 1_555 D C   11 N3 ? ? C G   5  D C   30 1_555 ? ? ? ? ? ? WATSON-CRICK    ?     ? ? 
hydrog50 hydrog ?    ? C G   5  N2    ? ? ? 1_555 D C   11 O2 ? ? C G   5  D C   30 1_555 ? ? ? ? ? ? WATSON-CRICK    ?     ? ? 
hydrog51 hydrog ?    ? C G   5  O6    ? ? ? 1_555 D C   11 N4 ? ? C G   5  D C   30 1_555 ? ? ? ? ? ? WATSON-CRICK    ?     ? ? 
hydrog52 hydrog ?    ? C U   6  N3    ? ? ? 1_555 D A   10 N1 ? ? C U   6  D A   29 1_555 ? ? ? ? ? ? WATSON-CRICK    ?     ? ? 
hydrog53 hydrog ?    ? C U   6  O4    ? ? ? 1_555 D A   10 N6 ? ? C U   6  D A   29 1_555 ? ? ? ? ? ? WATSON-CRICK    ?     ? ? 
hydrog54 hydrog ?    ? C G   7  N1    ? ? ? 1_555 D C   9  N3 ? ? C G   7  D C   28 1_555 ? ? ? ? ? ? WATSON-CRICK    ?     ? ? 
hydrog55 hydrog ?    ? C G   7  N2    ? ? ? 1_555 D C   9  O2 ? ? C G   7  D C   28 1_555 ? ? ? ? ? ? WATSON-CRICK    ?     ? ? 
hydrog56 hydrog ?    ? C G   7  O6    ? ? ? 1_555 D C   9  N4 ? ? C G   7  D C   28 1_555 ? ? ? ? ? ? WATSON-CRICK    ?     ? ? 
hydrog57 hydrog ?    ? C G   10 N1    ? ? ? 1_555 D C   7  N3 ? ? C G   10 D C   26 1_555 ? ? ? ? ? ? WATSON-CRICK    ?     ? ? 
hydrog58 hydrog ?    ? C G   10 N2    ? ? ? 1_555 D C   7  O2 ? ? C G   10 D C   26 1_555 ? ? ? ? ? ? WATSON-CRICK    ?     ? ? 
hydrog59 hydrog ?    ? C G   10 O6    ? ? ? 1_555 D C   7  N4 ? ? C G   10 D C   26 1_555 ? ? ? ? ? ? WATSON-CRICK    ?     ? ? 
hydrog60 hydrog ?    ? C U   11 N3    ? ? ? 1_555 D U   6  O4 ? ? C U   11 D U   25 1_555 ? ? ? ? ? ? TYPE_16_PAIR    ?     ? ? 
hydrog61 hydrog ?    ? C U   11 O2    ? ? ? 1_555 D U   6  N3 ? ? C U   11 D U   25 1_555 ? ? ? ? ? ? TYPE_16_PAIR    ?     ? ? 
hydrog62 hydrog ?    ? C C   12 N3    ? ? ? 1_555 D G   5  N1 ? ? C C   12 D G   24 1_555 ? ? ? ? ? ? WATSON-CRICK    ?     ? ? 
hydrog63 hydrog ?    ? C C   12 N4    ? ? ? 1_555 D G   5  O6 ? ? C C   12 D G   24 1_555 ? ? ? ? ? ? WATSON-CRICK    ?     ? ? 
hydrog64 hydrog ?    ? C C   12 O2    ? ? ? 1_555 D G   5  N2 ? ? C C   12 D G   24 1_555 ? ? ? ? ? ? WATSON-CRICK    ?     ? ? 
hydrog65 hydrog ?    ? C G   13 N1    ? ? ? 1_555 D C   4  N3 ? ? C G   13 D C   23 1_555 ? ? ? ? ? ? WATSON-CRICK    ?     ? ? 
hydrog66 hydrog ?    ? C G   13 N2    ? ? ? 1_555 D C   4  O2 ? ? C G   13 D C   23 1_555 ? ? ? ? ? ? WATSON-CRICK    ?     ? ? 
hydrog67 hydrog ?    ? C G   13 O6    ? ? ? 1_555 D C   4  N4 ? ? C G   13 D C   23 1_555 ? ? ? ? ? ? WATSON-CRICK    ?     ? ? 
hydrog68 hydrog ?    ? C C   14 N3    ? ? ? 1_555 D G   3  N1 ? ? C C   14 D G   22 1_555 ? ? ? ? ? ? WATSON-CRICK    ?     ? ? 
hydrog69 hydrog ?    ? C C   14 N4    ? ? ? 1_555 D G   3  O6 ? ? C C   14 D G   22 1_555 ? ? ? ? ? ? WATSON-CRICK    ?     ? ? 
hydrog70 hydrog ?    ? C C   14 O2    ? ? ? 1_555 D G   3  N2 ? ? C C   14 D G   22 1_555 ? ? ? ? ? ? WATSON-CRICK    ?     ? ? 
hydrog71 hydrog ?    ? C U   15 N3    ? ? ? 1_555 D A   2  N1 ? ? C U   15 D A   21 1_555 ? ? ? ? ? ? WATSON-CRICK    ?     ? ? 
hydrog72 hydrog ?    ? C U   15 O4    ? ? ? 1_555 D A   2  N6 ? ? C U   15 D A   21 1_555 ? ? ? ? ? ? WATSON-CRICK    ?     ? ? 
hydrog73 hydrog ?    ? C G   16 N1    ? ? ? 1_555 D C   1  N3 ? ? C G   16 D C   20 1_555 ? ? ? ? ? ? WATSON-CRICK    ?     ? ? 
hydrog74 hydrog ?    ? C G   16 N2    ? ? ? 1_555 D C   1  O2 ? ? C G   16 D C   20 1_555 ? ? ? ? ? ? WATSON-CRICK    ?     ? ? 
hydrog75 hydrog ?    ? C G   16 O6    ? ? ? 1_555 D C   1  N4 ? ? C G   16 D C   20 1_555 ? ? ? ? ? ? WATSON-CRICK    ?     ? ? 
# 
loop_
_struct_conn_type.id 
_struct_conn_type.criteria 
_struct_conn_type.reference 
covale ? ? 
hydrog ? ? 
# 
_pdbx_validate_close_contact.id               1 
_pdbx_validate_close_contact.PDB_model_num    1 
_pdbx_validate_close_contact.auth_atom_id_1   O 
_pdbx_validate_close_contact.auth_asym_id_1   A 
_pdbx_validate_close_contact.auth_comp_id_1   HOH 
_pdbx_validate_close_contact.auth_seq_id_1    60 
_pdbx_validate_close_contact.PDB_ins_code_1   ? 
_pdbx_validate_close_contact.label_alt_id_1   ? 
_pdbx_validate_close_contact.auth_atom_id_2   O 
_pdbx_validate_close_contact.auth_asym_id_2   A 
_pdbx_validate_close_contact.auth_comp_id_2   HOH 
_pdbx_validate_close_contact.auth_seq_id_2    70 
_pdbx_validate_close_contact.PDB_ins_code_2   ? 
_pdbx_validate_close_contact.label_alt_id_2   ? 
_pdbx_validate_close_contact.dist             1.93 
# 
loop_
_pdbx_struct_mod_residue.id 
_pdbx_struct_mod_residue.label_asym_id 
_pdbx_struct_mod_residue.label_comp_id 
_pdbx_struct_mod_residue.label_seq_id 
_pdbx_struct_mod_residue.auth_asym_id 
_pdbx_struct_mod_residue.auth_comp_id 
_pdbx_struct_mod_residue.auth_seq_id 
_pdbx_struct_mod_residue.PDB_ins_code 
_pdbx_struct_mod_residue.parent_comp_id 
_pdbx_struct_mod_residue.details 
1 A MTU 8 A MTU 8 ? A 9-BETA-D-RIBOFURANOSYL-9H-PURIN-2-AMINE 
2 C MTU 8 C MTU 8 ? A 9-BETA-D-RIBOFURANOSYL-9H-PURIN-2-AMINE 
# 
loop_
_chem_comp_atom.comp_id 
_chem_comp_atom.atom_id 
_chem_comp_atom.type_symbol 
_chem_comp_atom.pdbx_aromatic_flag 
_chem_comp_atom.pdbx_stereo_config 
_chem_comp_atom.pdbx_ordinal 
A   OP3    O N N 1   
A   P      P N N 2   
A   OP1    O N N 3   
A   OP2    O N N 4   
A   "O5'"  O N N 5   
A   "C5'"  C N N 6   
A   "C4'"  C N R 7   
A   "O4'"  O N N 8   
A   "C3'"  C N S 9   
A   "O3'"  O N N 10  
A   "C2'"  C N R 11  
A   "O2'"  O N N 12  
A   "C1'"  C N R 13  
A   N9     N Y N 14  
A   C8     C Y N 15  
A   N7     N Y N 16  
A   C5     C Y N 17  
A   C6     C Y N 18  
A   N6     N N N 19  
A   N1     N Y N 20  
A   C2     C Y N 21  
A   N3     N Y N 22  
A   C4     C Y N 23  
A   HOP3   H N N 24  
A   HOP2   H N N 25  
A   "H5'"  H N N 26  
A   "H5''" H N N 27  
A   "H4'"  H N N 28  
A   "H3'"  H N N 29  
A   "HO3'" H N N 30  
A   "H2'"  H N N 31  
A   "HO2'" H N N 32  
A   "H1'"  H N N 33  
A   H8     H N N 34  
A   H61    H N N 35  
A   H62    H N N 36  
A   H2     H N N 37  
C   OP3    O N N 38  
C   P      P N N 39  
C   OP1    O N N 40  
C   OP2    O N N 41  
C   "O5'"  O N N 42  
C   "C5'"  C N N 43  
C   "C4'"  C N R 44  
C   "O4'"  O N N 45  
C   "C3'"  C N S 46  
C   "O3'"  O N N 47  
C   "C2'"  C N R 48  
C   "O2'"  O N N 49  
C   "C1'"  C N R 50  
C   N1     N N N 51  
C   C2     C N N 52  
C   O2     O N N 53  
C   N3     N N N 54  
C   C4     C N N 55  
C   N4     N N N 56  
C   C5     C N N 57  
C   C6     C N N 58  
C   HOP3   H N N 59  
C   HOP2   H N N 60  
C   "H5'"  H N N 61  
C   "H5''" H N N 62  
C   "H4'"  H N N 63  
C   "H3'"  H N N 64  
C   "HO3'" H N N 65  
C   "H2'"  H N N 66  
C   "HO2'" H N N 67  
C   "H1'"  H N N 68  
C   H41    H N N 69  
C   H42    H N N 70  
C   H5     H N N 71  
C   H6     H N N 72  
G   OP3    O N N 73  
G   P      P N N 74  
G   OP1    O N N 75  
G   OP2    O N N 76  
G   "O5'"  O N N 77  
G   "C5'"  C N N 78  
G   "C4'"  C N R 79  
G   "O4'"  O N N 80  
G   "C3'"  C N S 81  
G   "O3'"  O N N 82  
G   "C2'"  C N R 83  
G   "O2'"  O N N 84  
G   "C1'"  C N R 85  
G   N9     N Y N 86  
G   C8     C Y N 87  
G   N7     N Y N 88  
G   C5     C Y N 89  
G   C6     C N N 90  
G   O6     O N N 91  
G   N1     N N N 92  
G   C2     C N N 93  
G   N2     N N N 94  
G   N3     N N N 95  
G   C4     C Y N 96  
G   HOP3   H N N 97  
G   HOP2   H N N 98  
G   "H5'"  H N N 99  
G   "H5''" H N N 100 
G   "H4'"  H N N 101 
G   "H3'"  H N N 102 
G   "HO3'" H N N 103 
G   "H2'"  H N N 104 
G   "HO2'" H N N 105 
G   "H1'"  H N N 106 
G   H8     H N N 107 
G   H1     H N N 108 
G   H21    H N N 109 
G   H22    H N N 110 
HOH O      O N N 111 
HOH H1     H N N 112 
HOH H2     H N N 113 
MTU P      P N N 114 
MTU OP1    O N N 115 
MTU OP2    O N N 116 
MTU "O5'"  O N N 117 
MTU "C5'"  C N N 118 
MTU "C4'"  C N R 119 
MTU "O4'"  O N N 120 
MTU "C1'"  C N R 121 
MTU N9     N Y N 122 
MTU C4     C Y N 123 
MTU N3     N Y N 124 
MTU C2     C Y N 125 
MTU N2     N N N 126 
MTU N1     N Y N 127 
MTU C6     C Y N 128 
MTU C5     C Y N 129 
MTU N7     N Y N 130 
MTU C8     C Y N 131 
MTU "C2'"  C N R 132 
MTU "O2'"  O N N 133 
MTU "C3'"  C N S 134 
MTU "O3'"  O N N 135 
MTU O1     O N N 136 
MTU HO2P   H N N 137 
MTU "H5'"  H N N 138 
MTU "H5''" H N N 139 
MTU "H4'"  H N N 140 
MTU "H1'"  H N N 141 
MTU HN21   H N N 142 
MTU HN22   H N N 143 
MTU H6     H N N 144 
MTU H8     H N N 145 
MTU "H2'"  H N N 146 
MTU "HO2'" H N N 147 
MTU "H3'"  H N N 148 
MTU "HO3'" H N N 149 
MTU HO1    H N N 150 
U   OP3    O N N 151 
U   P      P N N 152 
U   OP1    O N N 153 
U   OP2    O N N 154 
U   "O5'"  O N N 155 
U   "C5'"  C N N 156 
U   "C4'"  C N R 157 
U   "O4'"  O N N 158 
U   "C3'"  C N S 159 
U   "O3'"  O N N 160 
U   "C2'"  C N R 161 
U   "O2'"  O N N 162 
U   "C1'"  C N R 163 
U   N1     N N N 164 
U   C2     C N N 165 
U   O2     O N N 166 
U   N3     N N N 167 
U   C4     C N N 168 
U   O4     O N N 169 
U   C5     C N N 170 
U   C6     C N N 171 
U   HOP3   H N N 172 
U   HOP2   H N N 173 
U   "H5'"  H N N 174 
U   "H5''" H N N 175 
U   "H4'"  H N N 176 
U   "H3'"  H N N 177 
U   "HO3'" H N N 178 
U   "H2'"  H N N 179 
U   "HO2'" H N N 180 
U   "H1'"  H N N 181 
U   H3     H N N 182 
U   H5     H N N 183 
U   H6     H N N 184 
# 
loop_
_chem_comp_bond.comp_id 
_chem_comp_bond.atom_id_1 
_chem_comp_bond.atom_id_2 
_chem_comp_bond.value_order 
_chem_comp_bond.pdbx_aromatic_flag 
_chem_comp_bond.pdbx_stereo_config 
_chem_comp_bond.pdbx_ordinal 
A   OP3   P      sing N N 1   
A   OP3   HOP3   sing N N 2   
A   P     OP1    doub N N 3   
A   P     OP2    sing N N 4   
A   P     "O5'"  sing N N 5   
A   OP2   HOP2   sing N N 6   
A   "O5'" "C5'"  sing N N 7   
A   "C5'" "C4'"  sing N N 8   
A   "C5'" "H5'"  sing N N 9   
A   "C5'" "H5''" sing N N 10  
A   "C4'" "O4'"  sing N N 11  
A   "C4'" "C3'"  sing N N 12  
A   "C4'" "H4'"  sing N N 13  
A   "O4'" "C1'"  sing N N 14  
A   "C3'" "O3'"  sing N N 15  
A   "C3'" "C2'"  sing N N 16  
A   "C3'" "H3'"  sing N N 17  
A   "O3'" "HO3'" sing N N 18  
A   "C2'" "O2'"  sing N N 19  
A   "C2'" "C1'"  sing N N 20  
A   "C2'" "H2'"  sing N N 21  
A   "O2'" "HO2'" sing N N 22  
A   "C1'" N9     sing N N 23  
A   "C1'" "H1'"  sing N N 24  
A   N9    C8     sing Y N 25  
A   N9    C4     sing Y N 26  
A   C8    N7     doub Y N 27  
A   C8    H8     sing N N 28  
A   N7    C5     sing Y N 29  
A   C5    C6     sing Y N 30  
A   C5    C4     doub Y N 31  
A   C6    N6     sing N N 32  
A   C6    N1     doub Y N 33  
A   N6    H61    sing N N 34  
A   N6    H62    sing N N 35  
A   N1    C2     sing Y N 36  
A   C2    N3     doub Y N 37  
A   C2    H2     sing N N 38  
A   N3    C4     sing Y N 39  
C   OP3   P      sing N N 40  
C   OP3   HOP3   sing N N 41  
C   P     OP1    doub N N 42  
C   P     OP2    sing N N 43  
C   P     "O5'"  sing N N 44  
C   OP2   HOP2   sing N N 45  
C   "O5'" "C5'"  sing N N 46  
C   "C5'" "C4'"  sing N N 47  
C   "C5'" "H5'"  sing N N 48  
C   "C5'" "H5''" sing N N 49  
C   "C4'" "O4'"  sing N N 50  
C   "C4'" "C3'"  sing N N 51  
C   "C4'" "H4'"  sing N N 52  
C   "O4'" "C1'"  sing N N 53  
C   "C3'" "O3'"  sing N N 54  
C   "C3'" "C2'"  sing N N 55  
C   "C3'" "H3'"  sing N N 56  
C   "O3'" "HO3'" sing N N 57  
C   "C2'" "O2'"  sing N N 58  
C   "C2'" "C1'"  sing N N 59  
C   "C2'" "H2'"  sing N N 60  
C   "O2'" "HO2'" sing N N 61  
C   "C1'" N1     sing N N 62  
C   "C1'" "H1'"  sing N N 63  
C   N1    C2     sing N N 64  
C   N1    C6     sing N N 65  
C   C2    O2     doub N N 66  
C   C2    N3     sing N N 67  
C   N3    C4     doub N N 68  
C   C4    N4     sing N N 69  
C   C4    C5     sing N N 70  
C   N4    H41    sing N N 71  
C   N4    H42    sing N N 72  
C   C5    C6     doub N N 73  
C   C5    H5     sing N N 74  
C   C6    H6     sing N N 75  
G   OP3   P      sing N N 76  
G   OP3   HOP3   sing N N 77  
G   P     OP1    doub N N 78  
G   P     OP2    sing N N 79  
G   P     "O5'"  sing N N 80  
G   OP2   HOP2   sing N N 81  
G   "O5'" "C5'"  sing N N 82  
G   "C5'" "C4'"  sing N N 83  
G   "C5'" "H5'"  sing N N 84  
G   "C5'" "H5''" sing N N 85  
G   "C4'" "O4'"  sing N N 86  
G   "C4'" "C3'"  sing N N 87  
G   "C4'" "H4'"  sing N N 88  
G   "O4'" "C1'"  sing N N 89  
G   "C3'" "O3'"  sing N N 90  
G   "C3'" "C2'"  sing N N 91  
G   "C3'" "H3'"  sing N N 92  
G   "O3'" "HO3'" sing N N 93  
G   "C2'" "O2'"  sing N N 94  
G   "C2'" "C1'"  sing N N 95  
G   "C2'" "H2'"  sing N N 96  
G   "O2'" "HO2'" sing N N 97  
G   "C1'" N9     sing N N 98  
G   "C1'" "H1'"  sing N N 99  
G   N9    C8     sing Y N 100 
G   N9    C4     sing Y N 101 
G   C8    N7     doub Y N 102 
G   C8    H8     sing N N 103 
G   N7    C5     sing Y N 104 
G   C5    C6     sing N N 105 
G   C5    C4     doub Y N 106 
G   C6    O6     doub N N 107 
G   C6    N1     sing N N 108 
G   N1    C2     sing N N 109 
G   N1    H1     sing N N 110 
G   C2    N2     sing N N 111 
G   C2    N3     doub N N 112 
G   N2    H21    sing N N 113 
G   N2    H22    sing N N 114 
G   N3    C4     sing N N 115 
HOH O     H1     sing N N 116 
HOH O     H2     sing N N 117 
MTU P     OP1    doub N N 118 
MTU P     OP2    sing N N 119 
MTU P     "O5'"  sing N N 120 
MTU P     O1     sing N N 121 
MTU OP2   HO2P   sing N N 122 
MTU "O5'" "C5'"  sing N N 123 
MTU "C5'" "C4'"  sing N N 124 
MTU "C5'" "H5'"  sing N N 125 
MTU "C5'" "H5''" sing N N 126 
MTU "C4'" "O4'"  sing N N 127 
MTU "C4'" "C3'"  sing N N 128 
MTU "C4'" "H4'"  sing N N 129 
MTU "O4'" "C1'"  sing N N 130 
MTU "C1'" N9     sing N N 131 
MTU "C1'" "C2'"  sing N N 132 
MTU "C1'" "H1'"  sing N N 133 
MTU N9    C4     sing Y N 134 
MTU N9    C8     sing Y N 135 
MTU C4    N3     doub Y N 136 
MTU C4    C5     sing Y N 137 
MTU N3    C2     sing Y N 138 
MTU C2    N2     sing N N 139 
MTU C2    N1     doub Y N 140 
MTU N2    HN21   sing N N 141 
MTU N2    HN22   sing N N 142 
MTU N1    C6     sing Y N 143 
MTU C6    C5     doub Y N 144 
MTU C6    H6     sing N N 145 
MTU C5    N7     sing Y N 146 
MTU N7    C8     doub Y N 147 
MTU C8    H8     sing N N 148 
MTU "C2'" "O2'"  sing N N 149 
MTU "C2'" "C3'"  sing N N 150 
MTU "C2'" "H2'"  sing N N 151 
MTU "O2'" "HO2'" sing N N 152 
MTU "C3'" "O3'"  sing N N 153 
MTU "C3'" "H3'"  sing N N 154 
MTU "O3'" "HO3'" sing N N 155 
MTU O1    HO1    sing N N 156 
U   OP3   P      sing N N 157 
U   OP3   HOP3   sing N N 158 
U   P     OP1    doub N N 159 
U   P     OP2    sing N N 160 
U   P     "O5'"  sing N N 161 
U   OP2   HOP2   sing N N 162 
U   "O5'" "C5'"  sing N N 163 
U   "C5'" "C4'"  sing N N 164 
U   "C5'" "H5'"  sing N N 165 
U   "C5'" "H5''" sing N N 166 
U   "C4'" "O4'"  sing N N 167 
U   "C4'" "C3'"  sing N N 168 
U   "C4'" "H4'"  sing N N 169 
U   "O4'" "C1'"  sing N N 170 
U   "C3'" "O3'"  sing N N 171 
U   "C3'" "C2'"  sing N N 172 
U   "C3'" "H3'"  sing N N 173 
U   "O3'" "HO3'" sing N N 174 
U   "C2'" "O2'"  sing N N 175 
U   "C2'" "C1'"  sing N N 176 
U   "C2'" "H2'"  sing N N 177 
U   "O2'" "HO2'" sing N N 178 
U   "C1'" N1     sing N N 179 
U   "C1'" "H1'"  sing N N 180 
U   N1    C2     sing N N 181 
U   N1    C6     sing N N 182 
U   C2    O2     doub N N 183 
U   C2    N3     sing N N 184 
U   N3    C4     sing N N 185 
U   N3    H3     sing N N 186 
U   C4    O4     doub N N 187 
U   C4    C5     sing N N 188 
U   C5    C6     doub N N 189 
U   C5    H5     sing N N 190 
U   C6    H6     sing N N 191 
# 
loop_
_ndb_struct_conf_na.entry_id 
_ndb_struct_conf_na.feature 
1T0D 'double helix'         
1T0D 'a-form double helix'  
1T0D 'bulge loop'           
1T0D 'mismatched base pair' 
1T0D 'internal loop'        
# 
loop_
_ndb_struct_na_base_pair.model_number 
_ndb_struct_na_base_pair.i_label_asym_id 
_ndb_struct_na_base_pair.i_label_comp_id 
_ndb_struct_na_base_pair.i_label_seq_id 
_ndb_struct_na_base_pair.i_symmetry 
_ndb_struct_na_base_pair.j_label_asym_id 
_ndb_struct_na_base_pair.j_label_comp_id 
_ndb_struct_na_base_pair.j_label_seq_id 
_ndb_struct_na_base_pair.j_symmetry 
_ndb_struct_na_base_pair.shear 
_ndb_struct_na_base_pair.stretch 
_ndb_struct_na_base_pair.stagger 
_ndb_struct_na_base_pair.buckle 
_ndb_struct_na_base_pair.propeller 
_ndb_struct_na_base_pair.opening 
_ndb_struct_na_base_pair.pair_number 
_ndb_struct_na_base_pair.pair_name 
_ndb_struct_na_base_pair.i_auth_asym_id 
_ndb_struct_na_base_pair.i_auth_seq_id 
_ndb_struct_na_base_pair.i_PDB_ins_code 
_ndb_struct_na_base_pair.j_auth_asym_id 
_ndb_struct_na_base_pair.j_auth_seq_id 
_ndb_struct_na_base_pair.j_PDB_ins_code 
_ndb_struct_na_base_pair.hbond_type_28 
_ndb_struct_na_base_pair.hbond_type_12 
1 A G   1  1_555 B C 15 1_555 -0.045 -0.116 -0.246 -3.120  -7.355  0.889   1  A_G1:C34_B   A 1  ? B 34 ? 19 1 
1 A G   2  1_555 B C 14 1_555 -0.291 -0.309 -0.014 -9.648  -10.933 1.009   2  A_G2:C33_B   A 2  ? B 33 ? 19 1 
1 A U   3  1_555 B A 13 1_555 0.091  -0.137 0.213  -2.857  -7.380  0.786   3  A_U3:A32_B   A 3  ? B 32 ? 20 1 
1 A G   4  1_555 B C 12 1_555 -0.178 -0.228 0.028  0.038   -13.041 1.153   4  A_G4:C31_B   A 4  ? B 31 ? 19 1 
1 A G   5  1_555 B C 11 1_555 -0.300 -0.342 0.041  -6.605  -16.349 -1.822  5  A_G5:C30_B   A 5  ? B 30 ? 19 1 
1 A U   6  1_555 B A 10 1_555 0.160  -0.140 0.455  -10.703 -17.496 7.581   6  A_U6:A29_B   A 6  ? B 29 ? 20 1 
1 A G   7  1_555 B C 9  1_555 -0.419 -0.261 0.300  -5.056  -11.992 -1.985  7  A_G7:C28_B   A 7  ? B 28 ? 19 1 
1 A MTU 8  1_555 B A 8  1_555 0.766  1.281  -0.225 7.248   1.480   -13.946 8  A_MTU8:A27_B A 8  ? B 27 ? ?  1 
1 A G   10 1_555 B C 7  1_555 0.070  -0.216 -0.127 0.945   -7.801  1.838   9  A_G10:C26_B  A 10 ? B 26 ? 19 1 
1 A U   11 1_555 B U 6  1_555 2.253  -1.819 0.006  -1.499  -9.613  11.429  10 A_U11:U25_B  A 11 ? B 25 ? 16 1 
1 A C   12 1_555 B G 5  1_555 0.861  0.028  -0.148 12.005  -13.850 12.850  11 A_C12:G24_B  A 12 ? B 24 ? ?  1 
1 A G   13 1_555 B C 4  1_555 -0.154 -0.201 -0.314 -8.124  -10.813 3.738   12 A_G13:C23_B  A 13 ? B 23 ? 19 1 
1 A C   14 1_555 B G 3  1_555 0.702  -0.335 -0.093 -0.593  -16.902 3.311   13 A_C14:G22_B  A 14 ? B 22 ? 19 1 
1 A U   15 1_555 B A 2  1_555 0.147  -0.313 0.195  -2.812  -5.917  3.012   14 A_U15:A21_B  A 15 ? B 21 ? 20 1 
1 A G   16 1_555 B C 1  1_555 -0.288 -0.117 0.286  -1.929  -14.807 2.549   15 A_G16:C20_B  A 16 ? B 20 ? 19 1 
1 C G   1  1_555 D C 15 1_555 -0.167 -0.242 -0.029 0.357   -10.228 -3.148  16 C_G1:C34_D   C 1  ? D 34 ? 19 1 
1 C G   2  1_555 D C 14 1_555 -0.360 -0.207 -0.059 -12.134 -16.769 4.179   17 C_G2:C33_D   C 2  ? D 33 ? 19 1 
1 C U   3  1_555 D A 13 1_555 -0.177 -0.044 -0.064 -4.571  -10.590 -3.998  18 C_U3:A32_D   C 3  ? D 32 ? 20 1 
1 C G   4  1_555 D C 12 1_555 -0.222 -0.224 -0.013 -4.798  -10.427 -0.184  19 C_G4:C31_D   C 4  ? D 31 ? 19 1 
1 C G   5  1_555 D C 11 1_555 -0.195 -0.130 -0.082 -11.353 -18.298 4.371   20 C_G5:C30_D   C 5  ? D 30 ? 19 1 
1 C U   6  1_555 D A 10 1_555 -0.001 -0.119 0.170  -7.596  -15.517 2.996   21 C_U6:A29_D   C 6  ? D 29 ? 20 1 
1 C G   7  1_555 D C 9  1_555 -0.216 -0.239 0.558  -1.114  -10.805 -0.493  22 C_G7:C28_D   C 7  ? D 28 ? 19 1 
1 C G   10 1_555 D C 7  1_555 -0.242 -0.257 -0.120 -5.028  -4.580  2.482   23 C_G10:C26_D  C 10 ? D 26 ? 19 1 
1 C U   11 1_555 D U 6  1_555 2.067  -1.723 -0.056 -4.858  -14.309 2.810   24 C_U11:U25_D  C 11 ? D 25 ? 16 1 
1 C C   12 1_555 D G 5  1_555 0.199  -0.176 -0.134 3.229   -9.404  5.682   25 C_C12:G24_D  C 12 ? D 24 ? 19 1 
1 C G   13 1_555 D C 4  1_555 -0.135 -0.175 -0.006 -3.398  -11.121 0.118   26 C_G13:C23_D  C 13 ? D 23 ? 19 1 
1 C C   14 1_555 D G 3  1_555 0.240  -0.132 0.223  -1.968  -10.448 2.842   27 C_C14:G22_D  C 14 ? D 22 ? 19 1 
1 C U   15 1_555 D A 2  1_555 0.152  -0.305 -0.209 -0.775  -9.006  0.968   28 C_U15:A21_D  C 15 ? D 21 ? 20 1 
1 C G   16 1_555 D C 1  1_555 -0.225 -0.099 0.047  -17.222 -20.464 2.848   29 C_G16:C20_D  C 16 ? D 20 ? 19 1 
# 
loop_
_ndb_struct_na_base_pair_step.model_number 
_ndb_struct_na_base_pair_step.i_label_asym_id_1 
_ndb_struct_na_base_pair_step.i_label_comp_id_1 
_ndb_struct_na_base_pair_step.i_label_seq_id_1 
_ndb_struct_na_base_pair_step.i_symmetry_1 
_ndb_struct_na_base_pair_step.j_label_asym_id_1 
_ndb_struct_na_base_pair_step.j_label_comp_id_1 
_ndb_struct_na_base_pair_step.j_label_seq_id_1 
_ndb_struct_na_base_pair_step.j_symmetry_1 
_ndb_struct_na_base_pair_step.i_label_asym_id_2 
_ndb_struct_na_base_pair_step.i_label_comp_id_2 
_ndb_struct_na_base_pair_step.i_label_seq_id_2 
_ndb_struct_na_base_pair_step.i_symmetry_2 
_ndb_struct_na_base_pair_step.j_label_asym_id_2 
_ndb_struct_na_base_pair_step.j_label_comp_id_2 
_ndb_struct_na_base_pair_step.j_label_seq_id_2 
_ndb_struct_na_base_pair_step.j_symmetry_2 
_ndb_struct_na_base_pair_step.shift 
_ndb_struct_na_base_pair_step.slide 
_ndb_struct_na_base_pair_step.rise 
_ndb_struct_na_base_pair_step.tilt 
_ndb_struct_na_base_pair_step.roll 
_ndb_struct_na_base_pair_step.twist 
_ndb_struct_na_base_pair_step.x_displacement 
_ndb_struct_na_base_pair_step.y_displacement 
_ndb_struct_na_base_pair_step.helical_rise 
_ndb_struct_na_base_pair_step.inclination 
_ndb_struct_na_base_pair_step.tip 
_ndb_struct_na_base_pair_step.helical_twist 
_ndb_struct_na_base_pair_step.step_number 
_ndb_struct_na_base_pair_step.step_name 
_ndb_struct_na_base_pair_step.i_auth_asym_id_1 
_ndb_struct_na_base_pair_step.i_auth_seq_id_1 
_ndb_struct_na_base_pair_step.i_PDB_ins_code_1 
_ndb_struct_na_base_pair_step.j_auth_asym_id_1 
_ndb_struct_na_base_pair_step.j_auth_seq_id_1 
_ndb_struct_na_base_pair_step.j_PDB_ins_code_1 
_ndb_struct_na_base_pair_step.i_auth_asym_id_2 
_ndb_struct_na_base_pair_step.i_auth_seq_id_2 
_ndb_struct_na_base_pair_step.i_PDB_ins_code_2 
_ndb_struct_na_base_pair_step.j_auth_asym_id_2 
_ndb_struct_na_base_pair_step.j_auth_seq_id_2 
_ndb_struct_na_base_pair_step.j_PDB_ins_code_2 
1 A G   1  1_555 B C 15 1_555 A G   2  1_555 B C 14 1_555 0.416  -1.975 3.303 -0.312 8.618  30.404 -5.115 -0.819 2.653 16.031 
0.581   31.575 1  AA_G1G2:C33C34_BB    A 1  ? B 34 ? A 2  ? B 33 ? 
1 A G   2  1_555 B C 14 1_555 A U   3  1_555 B A 13 1_555 -0.468 -1.402 3.125 -1.563 3.201  32.291 -3.032 0.580  2.994 5.734  
2.799   32.482 2  AA_G2U3:A32C33_BB    A 2  ? B 33 ? A 3  ? B 32 ? 
1 A U   3  1_555 B A 13 1_555 A G   4  1_555 B C 12 1_555 0.283  -1.234 3.044 2.453  10.462 31.791 -3.650 -0.137 2.536 18.453 
-4.326  33.514 3  AA_U3G4:C31A32_BB    A 3  ? B 32 ? A 4  ? B 31 ? 
1 A G   4  1_555 B C 12 1_555 A G   5  1_555 B C 11 1_555 0.071  -1.662 3.405 -1.508 10.468 31.885 -4.535 -0.361 2.733 18.432 
2.655   33.550 4  AA_G4G5:C30C31_BB    A 4  ? B 31 ? A 5  ? B 30 ? 
1 A G   5  1_555 B C 11 1_555 A U   6  1_555 B A 10 1_555 0.997  -1.470 3.272 1.149  6.153  34.209 -3.370 -1.499 3.001 10.352 
-1.934  34.760 5  AA_G5U6:A29C30_BB    A 5  ? B 30 ? A 6  ? B 29 ? 
1 A U   6  1_555 B A 10 1_555 A G   7  1_555 B C 9  1_555 -0.582 -1.718 2.886 2.037  9.104  31.501 -4.300 1.312  2.273 16.326 
-3.653  32.820 6  AA_U6G7:C28A29_BB    A 6  ? B 29 ? A 7  ? B 28 ? 
1 A G   7  1_555 B C 9  1_555 A MTU 8  1_555 B A 8  1_555 -1.064 -1.025 3.160 3.692  6.448  32.678 -2.756 2.405  2.780 11.278 
-6.457  33.489 7  AA_G7MTU8:A27C28_BB  A 7  ? B 28 ? A 8  ? B 27 ? 
1 A MTU 8  1_555 B A 8  1_555 A G   10 1_555 B C 7  1_555 -0.908 -1.967 3.204 -3.948 10.770 38.993 -3.935 0.906  2.667 15.725 
5.765   40.582 8  AA_MTU8G10:C26A27_BB A 8  ? B 27 ? A 10 ? B 26 ? 
1 A G   10 1_555 B C 7  1_555 A U   11 1_555 B U 6  1_555 0.188  -1.108 3.393 0.421  11.718 44.428 -2.436 -0.204 3.024 15.186 
-0.546  45.873 9  AA_G10U11:U25C26_BB  A 10 ? B 26 ? A 11 ? B 25 ? 
1 A U   11 1_555 B U 6  1_555 A C   12 1_555 B G 5  1_555 0.200  -1.624 2.879 6.687  4.679  23.690 -4.916 1.210  2.480 10.987 
-15.704 25.037 10 AA_U11C12:G24U25_BB  A 11 ? B 25 ? A 12 ? B 24 ? 
1 A C   12 1_555 B G 5  1_555 A G   13 1_555 B C 4  1_555 -1.276 -1.670 3.604 -2.626 10.900 26.642 -5.835 1.962  2.827 22.432 
5.405   28.865 11 AA_C12G13:C23G24_BB  A 12 ? B 24 ? A 13 ? B 23 ? 
1 A G   13 1_555 B C 4  1_555 A C   14 1_555 B G 3  1_555 -0.595 -1.230 3.119 -0.663 6.440  36.162 -2.765 0.861  2.875 10.274 
1.058   36.717 12 AA_G13C14:G22C23_BB  A 13 ? B 23 ? A 14 ? B 22 ? 
1 A C   14 1_555 B G 3  1_555 A U   15 1_555 B A 2  1_555 0.299  -1.321 3.197 -3.318 8.345  30.645 -3.801 -1.100 2.707 15.380 
6.114   31.903 13 AA_C14U15:A21G22_BB  A 14 ? B 22 ? A 15 ? B 21 ? 
1 A U   15 1_555 B A 2  1_555 A G   16 1_555 B C 1  1_555 0.461  -1.571 3.041 2.219  8.074  31.551 -4.027 -0.482 2.596 14.530 
-3.994  32.616 14 AA_U15G16:C20A21_BB  A 15 ? B 21 ? A 16 ? B 20 ? 
1 C G   1  1_555 D C 15 1_555 C G   2  1_555 D C 14 1_555 0.639  -2.217 3.466 0.431  9.382  34.830 -4.883 -0.974 2.802 15.331 
-0.704  36.036 15 CC_G1G2:C33C34_DD    C 1  ? D 34 ? C 2  ? D 33 ? 
1 C G   2  1_555 D C 14 1_555 C U   3  1_555 D A 13 1_555 -1.072 -1.720 3.083 0.240  0.958  31.714 -3.311 2.001  3.023 1.753  
-0.440  31.729 16 CC_G2U3:A32C33_DD    C 2  ? D 33 ? C 3  ? D 32 ? 
1 C U   3  1_555 D A 13 1_555 C G   4  1_555 D C 12 1_555 0.719  -1.363 3.144 1.617  12.536 30.863 -4.239 -1.016 2.454 22.413 
-2.890  33.293 17 CC_U3G4:C31A32_DD    C 3  ? D 32 ? C 4  ? D 31 ? 
1 C G   4  1_555 D C 12 1_555 C G   5  1_555 D C 11 1_555 0.698  -1.823 3.440 2.603  9.606  31.076 -4.888 -0.800 2.815 17.379 
-4.709  32.593 18 CC_G4G5:C30C31_DD    C 4  ? D 31 ? C 5  ? D 30 ? 
1 C G   5  1_555 D C 11 1_555 C U   6  1_555 D A 10 1_555 -0.099 -1.366 3.110 -0.522 5.185  32.312 -3.248 0.094  2.863 9.242  
0.930   32.719 19 CC_G5U6:A29C30_DD    C 5  ? D 30 ? C 6  ? D 29 ? 
1 C U   6  1_555 D A 10 1_555 C G   7  1_555 D C 9  1_555 0.310  -1.394 2.881 -0.565 8.407  30.710 -3.810 -0.650 2.418 15.511 
1.042   31.818 20 CC_U6G7:C28A29_DD    C 6  ? D 29 ? C 7  ? D 28 ? 
1 C G   7  1_555 D C 9  1_555 C G   10 1_555 D C 7  1_555 -2.443 -2.999 6.149 -0.963 14.936 84.642 -2.822 1.756  5.686 11.017 
0.710   85.708 21 CC_G7G10:C26C28_DD   C 7  ? D 28 ? C 10 ? D 26 ? 
1 C G   10 1_555 D C 7  1_555 C U   11 1_555 D U 6  1_555 -0.059 -1.374 3.323 3.359  5.372  43.215 -2.358 0.398  3.126 7.248  
-4.532  43.655 22 CC_G10U11:U25C26_DD  C 10 ? D 26 ? C 11 ? D 25 ? 
1 C U   11 1_555 D U 6  1_555 C C   12 1_555 D G 5  1_555 0.213  -1.735 2.921 4.596  7.760  25.330 -5.378 0.514  2.300 17.023 
-10.083 26.863 23 CC_U11C12:G24U25_DD  C 11 ? D 25 ? C 12 ? D 24 ? 
1 C C   12 1_555 D G 5  1_555 C G   13 1_555 D C 4  1_555 -0.528 -1.768 3.296 -0.937 11.969 27.365 -5.681 0.850  2.349 23.894 
1.870   29.837 24 CC_C12G13:C23G24_DD  C 12 ? D 24 ? C 13 ? D 23 ? 
1 C G   13 1_555 D C 4  1_555 C C   14 1_555 D G 3  1_555 0.001  -1.700 3.267 -2.174 2.744  32.168 -3.524 -0.376 3.109 4.933  
3.909   32.353 25 CC_G13C14:G22C23_DD  C 13 ? D 23 ? C 14 ? D 22 ? 
1 C C   14 1_555 D G 3  1_555 C U   15 1_555 D A 2  1_555 0.105  -1.637 3.188 3.464  6.574  31.632 -3.997 0.376  2.795 11.857 
-6.248  32.472 26 CC_C14U15:A21G22_DD  C 14 ? D 22 ? C 15 ? D 21 ? 
1 C U   15 1_555 D A 2  1_555 C G   16 1_555 D C 1  1_555 0.708  -1.360 3.504 0.327  13.561 33.667 -4.088 -1.093 2.776 22.320 
-0.538  36.223 27 CC_U15G16:C20A21_DD  C 15 ? D 21 ? C 16 ? D 20 ? 
# 
_pdbx_initial_refinement_model.accession_code   ? 
_pdbx_initial_refinement_model.id               1 
_pdbx_initial_refinement_model.entity_id_list   ? 
_pdbx_initial_refinement_model.type             'in silico model' 
_pdbx_initial_refinement_model.source_name      Other 
_pdbx_initial_refinement_model.details          'canonical A-form RNA' 
# 
_atom_sites.entry_id                    1T0D 
_atom_sites.fract_transf_matrix[1][1]   -0.00087627 
_atom_sites.fract_transf_matrix[1][2]   -0.01713058 
_atom_sites.fract_transf_matrix[1][3]   -0.02660782 
_atom_sites.fract_transf_matrix[2][1]   -0.01058742 
_atom_sites.fract_transf_matrix[2][2]   0.00382071 
_atom_sites.fract_transf_matrix[2][3]   -0.00211116 
_atom_sites.fract_transf_matrix[3][1]   0.01154577 
_atom_sites.fract_transf_matrix[3][2]   0.02259884 
_atom_sites.fract_transf_matrix[3][3]   -0.01700314 
_atom_sites.fract_transf_vector[1]      0.250469 
_atom_sites.fract_transf_vector[2]      -0.004033 
_atom_sites.fract_transf_vector[3]      0.304729 
# 
loop_
_atom_type.symbol 
C 
N 
O 
P 
# 
loop_
_atom_site.group_PDB 
_atom_site.id 
_atom_site.type_symbol 
_atom_site.label_atom_id 
_atom_site.label_alt_id 
_atom_site.label_comp_id 
_atom_site.label_asym_id 
_atom_site.label_entity_id 
_atom_site.label_seq_id 
_atom_site.pdbx_PDB_ins_code 
_atom_site.Cartn_x 
_atom_site.Cartn_y 
_atom_site.Cartn_z 
_atom_site.occupancy 
_atom_site.B_iso_or_equiv 
_atom_site.pdbx_formal_charge 
_atom_site.auth_seq_id 
_atom_site.auth_comp_id 
_atom_site.auth_asym_id 
_atom_site.auth_atom_id 
_atom_site.pdbx_PDB_model_num 
ATOM   1    O "O5'" . G   A 1 1  ? -18.802 -4.684  8.117   1.00 39.62 ? 1  G   A "O5'" 1 
ATOM   2    C "C5'" . G   A 1 1  ? -18.935 -5.800  7.242   1.00 37.58 ? 1  G   A "C5'" 1 
ATOM   3    C "C4'" . G   A 1 1  ? -18.917 -5.350  5.802   1.00 38.39 ? 1  G   A "C4'" 1 
ATOM   4    O "O4'" . G   A 1 1  ? -19.933 -4.323  5.614   1.00 38.24 ? 1  G   A "O4'" 1 
ATOM   5    C "C3'" . G   A 1 1  ? -17.634 -4.676  5.334   1.00 37.15 ? 1  G   A "C3'" 1 
ATOM   6    O "O3'" . G   A 1 1  ? -16.639 -5.625  4.958   1.00 36.65 ? 1  G   A "O3'" 1 
ATOM   7    C "C2'" . G   A 1 1  ? -18.139 -3.874  4.145   1.00 36.50 ? 1  G   A "C2'" 1 
ATOM   8    O "O2'" . G   A 1 1  ? -18.393 -4.686  3.016   1.00 36.52 ? 1  G   A "O2'" 1 
ATOM   9    C "C1'" . G   A 1 1  ? -19.461 -3.343  4.700   1.00 36.07 ? 1  G   A "C1'" 1 
ATOM   10   N N9    . G   A 1 1  ? -19.278 -2.092  5.431   1.00 34.36 ? 1  G   A N9    1 
ATOM   11   C C8    . G   A 1 1  ? -19.265 -1.922  6.795   1.00 33.55 ? 1  G   A C8    1 
ATOM   12   N N7    . G   A 1 1  ? -19.052 -0.686  7.156   1.00 32.37 ? 1  G   A N7    1 
ATOM   13   C C5    . G   A 1 1  ? -18.925 0.005   5.960   1.00 31.18 ? 1  G   A C5    1 
ATOM   14   C C6    . G   A 1 1  ? -18.685 1.376   5.720   1.00 30.08 ? 1  G   A C6    1 
ATOM   15   O O6    . G   A 1 1  ? -18.547 2.286   6.541   1.00 26.89 ? 1  G   A O6    1 
ATOM   16   N N1    . G   A 1 1  ? -18.612 1.652   4.356   1.00 31.18 ? 1  G   A N1    1 
ATOM   17   C C2    . G   A 1 1  ? -18.763 0.723   3.352   1.00 31.77 ? 1  G   A C2    1 
ATOM   18   N N2    . G   A 1 1  ? -18.643 1.179   2.094   1.00 32.91 ? 1  G   A N2    1 
ATOM   19   N N3    . G   A 1 1  ? -19.007 -0.557  3.566   1.00 32.38 ? 1  G   A N3    1 
ATOM   20   C C4    . G   A 1 1  ? -19.067 -0.846  4.884   1.00 33.27 ? 1  G   A C4    1 
ATOM   21   P P     . G   A 1 2  ? -15.078 -5.248  5.104   1.00 34.18 ? 2  G   A P     1 
ATOM   22   O OP1   . G   A 1 2  ? -14.311 -6.451  4.693   1.00 35.85 ? 2  G   A OP1   1 
ATOM   23   O OP2   . G   A 1 2  ? -14.821 -4.638  6.426   1.00 35.79 ? 2  G   A OP2   1 
ATOM   24   O "O5'" . G   A 1 2  ? -14.863 -4.114  4.007   1.00 34.75 ? 2  G   A "O5'" 1 
ATOM   25   C "C5'" . G   A 1 2  ? -15.178 -4.358  2.641   1.00 28.88 ? 2  G   A "C5'" 1 
ATOM   26   C "C4'" . G   A 1 2  ? -15.038 -3.089  1.835   1.00 26.36 ? 2  G   A "C4'" 1 
ATOM   27   O "O4'" . G   A 1 2  ? -15.993 -2.102  2.306   1.00 22.81 ? 2  G   A "O4'" 1 
ATOM   28   C "C3'" . G   A 1 2  ? -13.704 -2.369  1.941   1.00 24.61 ? 2  G   A "C3'" 1 
ATOM   29   O "O3'" . G   A 1 2  ? -12.729 -2.959  1.082   1.00 24.41 ? 2  G   A "O3'" 1 
ATOM   30   C "C2'" . G   A 1 2  ? -14.080 -0.972  1.468   1.00 23.86 ? 2  G   A "C2'" 1 
ATOM   31   O "O2'" . G   A 1 2  ? -14.200 -0.902  0.065   1.00 22.45 ? 2  G   A "O2'" 1 
ATOM   32   C "C1'" . G   A 1 2  ? -15.468 -0.801  2.091   1.00 21.42 ? 2  G   A "C1'" 1 
ATOM   33   N N9    . G   A 1 2  ? -15.447 -0.083  3.364   1.00 20.66 ? 2  G   A N9    1 
ATOM   34   C C8    . G   A 1 2  ? -15.658 -0.609  4.617   1.00 16.96 ? 2  G   A C8    1 
ATOM   35   N N7    . G   A 1 2  ? -15.593 0.289   5.565   1.00 16.54 ? 2  G   A N7    1 
ATOM   36   C C5    . G   A 1 2  ? -15.324 1.479   4.903   1.00 16.45 ? 2  G   A C5    1 
ATOM   37   C C6    . G   A 1 2  ? -15.148 2.799   5.408   1.00 17.66 ? 2  G   A C6    1 
ATOM   38   O O6    . G   A 1 2  ? -15.218 3.191   6.575   1.00 17.30 ? 2  G   A O6    1 
ATOM   39   N N1    . G   A 1 2  ? -14.867 3.706   4.388   1.00 16.00 ? 2  G   A N1    1 
ATOM   40   C C2    . G   A 1 2  ? -14.778 3.388   3.058   1.00 17.00 ? 2  G   A C2    1 
ATOM   41   N N2    . G   A 1 2  ? -14.484 4.394   2.232   1.00 15.55 ? 2  G   A N2    1 
ATOM   42   N N3    . G   A 1 2  ? -14.958 2.166   2.574   1.00 17.61 ? 2  G   A N3    1 
ATOM   43   C C4    . G   A 1 2  ? -15.222 1.269   3.545   1.00 17.89 ? 2  G   A C4    1 
ATOM   44   P P     . U   A 1 3  ? -11.166 -2.860  1.454   1.00 24.18 ? 3  U   A P     1 
ATOM   45   O OP1   . U   A 1 3  ? -10.427 -3.738  0.514   1.00 24.45 ? 3  U   A OP1   1 
ATOM   46   O OP2   . U   A 1 3  ? -10.992 -3.043  2.916   1.00 24.18 ? 3  U   A OP2   1 
ATOM   47   O "O5'" . U   A 1 3  ? -10.787 -1.357  1.104   1.00 23.00 ? 3  U   A "O5'" 1 
ATOM   48   C "C5'" . U   A 1 3  ? -10.753 -0.913  -0.246  1.00 20.17 ? 3  U   A "C5'" 1 
ATOM   49   C "C4'" . U   A 1 3  ? -10.459 0.566   -0.298  1.00 18.81 ? 3  U   A "C4'" 1 
ATOM   50   O "O4'" . U   A 1 3  ? -11.532 1.293   0.359   1.00 19.81 ? 3  U   A "O4'" 1 
ATOM   51   C "C3'" . U   A 1 3  ? -9.233  1.004   0.482   1.00 18.61 ? 3  U   A "C3'" 1 
ATOM   52   O "O3'" . U   A 1 3  ? -8.050  0.787   -0.255  1.00 17.37 ? 3  U   A "O3'" 1 
ATOM   53   C "C2'" . U   A 1 3  ? -9.510  2.484   0.679   1.00 18.56 ? 3  U   A "C2'" 1 
ATOM   54   O "O2'" . U   A 1 3  ? -9.271  3.238   -0.492  1.00 16.67 ? 3  U   A "O2'" 1 
ATOM   55   C "C1'" . U   A 1 3  ? -11.008 2.461   0.979   1.00 17.65 ? 3  U   A "C1'" 1 
ATOM   56   N N1    . U   A 1 3  ? -11.284 2.399   2.421   1.00 17.43 ? 3  U   A N1    1 
ATOM   57   C C2    . U   A 1 3  ? -11.258 3.600   3.126   1.00 18.83 ? 3  U   A C2    1 
ATOM   58   O O2    . U   A 1 3  ? -11.015 4.682   2.591   1.00 13.48 ? 3  U   A O2    1 
ATOM   59   N N3    . U   A 1 3  ? -11.522 3.489   4.475   1.00 17.95 ? 3  U   A N3    1 
ATOM   60   C C4    . U   A 1 3  ? -11.800 2.326   5.176   1.00 20.67 ? 3  U   A C4    1 
ATOM   61   O O4    . U   A 1 3  ? -12.010 2.388   6.388   1.00 19.74 ? 3  U   A O4    1 
ATOM   62   C C5    . U   A 1 3  ? -11.807 1.127   4.373   1.00 18.63 ? 3  U   A C5    1 
ATOM   63   C C6    . U   A 1 3  ? -11.554 1.206   3.056   1.00 17.19 ? 3  U   A C6    1 
ATOM   64   P P     . G   A 1 4  ? -6.682  0.525   0.519   1.00 20.89 ? 4  G   A P     1 
ATOM   65   O OP1   . G   A 1 4  ? -5.662  0.136   -0.494  1.00 18.98 ? 4  G   A OP1   1 
ATOM   66   O OP2   . G   A 1 4  ? -6.962  -0.377  1.662   1.00 20.40 ? 4  G   A OP2   1 
ATOM   67   O "O5'" . G   A 1 4  ? -6.292  1.974   1.080   1.00 20.69 ? 4  G   A "O5'" 1 
ATOM   68   C "C5'" . G   A 1 4  ? -5.930  3.025   0.184   1.00 18.64 ? 4  G   A "C5'" 1 
ATOM   69   C "C4'" . G   A 1 4  ? -5.879  4.359   0.907   1.00 18.16 ? 4  G   A "C4'" 1 
ATOM   70   O "O4'" . G   A 1 4  ? -7.184  4.672   1.462   1.00 17.22 ? 4  G   A "O4'" 1 
ATOM   71   C "C3'" . G   A 1 4  ? -4.968  4.437   2.116   1.00 17.10 ? 4  G   A "C3'" 1 
ATOM   72   O "O3'" . G   A 1 4  ? -3.615  4.626   1.757   1.00 17.21 ? 4  G   A "O3'" 1 
ATOM   73   C "C2'" . G   A 1 4  ? -5.528  5.645   2.853   1.00 18.45 ? 4  G   A "C2'" 1 
ATOM   74   O "O2'" . G   A 1 4  ? -5.129  6.895   2.325   1.00 18.97 ? 4  G   A "O2'" 1 
ATOM   75   C "C1'" . G   A 1 4  ? -7.025  5.433   2.655   1.00 17.27 ? 4  G   A "C1'" 1 
ATOM   76   N N9    . G   A 1 4  ? -7.572  4.670   3.770   1.00 16.70 ? 4  G   A N9    1 
ATOM   77   C C8    . G   A 1 4  ? -7.805  3.319   3.819   1.00 16.75 ? 4  G   A C8    1 
ATOM   78   N N7    . G   A 1 4  ? -8.292  2.925   4.966   1.00 14.98 ? 4  G   A N7    1 
ATOM   79   C C5    . G   A 1 4  ? -8.390  4.088   5.718   1.00 13.98 ? 4  G   A C5    1 
ATOM   80   C C6    . G   A 1 4  ? -8.849  4.288   7.050   1.00 15.37 ? 4  G   A C6    1 
ATOM   81   O O6    . G   A 1 4  ? -9.287  3.441   7.842   1.00 13.89 ? 4  G   A O6    1 
ATOM   82   N N1    . G   A 1 4  ? -8.761  5.632   7.432   1.00 9.03  ? 4  G   A N1    1 
ATOM   83   C C2    . G   A 1 4  ? -8.284  6.646   6.636   1.00 13.67 ? 4  G   A C2    1 
ATOM   84   N N2    . G   A 1 4  ? -8.244  7.880   7.184   1.00 11.30 ? 4  G   A N2    1 
ATOM   85   N N3    . G   A 1 4  ? -7.864  6.469   5.384   1.00 13.31 ? 4  G   A N3    1 
ATOM   86   C C4    . G   A 1 4  ? -7.944  5.173   4.998   1.00 15.41 ? 4  G   A C4    1 
ATOM   87   P P     . G   A 1 5  ? -2.459  4.133   2.756   1.00 21.10 ? 5  G   A P     1 
ATOM   88   O OP1   . G   A 1 5  ? -1.191  4.385   2.021   1.00 19.14 ? 5  G   A OP1   1 
ATOM   89   O OP2   . G   A 1 5  ? -2.771  2.774   3.247   1.00 15.38 ? 5  G   A OP2   1 
ATOM   90   O "O5'" . G   A 1 5  ? -2.550  5.133   4.002   1.00 17.63 ? 5  G   A "O5'" 1 
ATOM   91   C "C5'" . G   A 1 5  ? -2.237  6.514   3.845   1.00 17.32 ? 5  G   A "C5'" 1 
ATOM   92   C "C4'" . G   A 1 5  ? -2.525  7.281   5.120   1.00 17.48 ? 5  G   A "C4'" 1 
ATOM   93   O "O4'" . G   A 1 5  ? -3.945  7.219   5.432   1.00 16.75 ? 5  G   A "O4'" 1 
ATOM   94   C "C3'" . G   A 1 5  ? -1.875  6.759   6.385   1.00 17.15 ? 5  G   A "C3'" 1 
ATOM   95   O "O3'" . G   A 1 5  ? -0.520  7.150   6.471   1.00 16.28 ? 5  G   A "O3'" 1 
ATOM   96   C "C2'" . G   A 1 5  ? -2.742  7.398   7.463   1.00 17.99 ? 5  G   A "C2'" 1 
ATOM   97   O "O2'" . G   A 1 5  ? -2.471  8.764   7.701   1.00 19.35 ? 5  G   A "O2'" 1 
ATOM   98   C "C1'" . G   A 1 5  ? -4.127  7.261   6.837   1.00 15.85 ? 5  G   A "C1'" 1 
ATOM   99   N N9    . G   A 1 5  ? -4.739  6.015   7.281   1.00 16.82 ? 5  G   A N9    1 
ATOM   100  C C8    . G   A 1 5  ? -4.869  4.828   6.591   1.00 16.15 ? 5  G   A C8    1 
ATOM   101  N N7    . G   A 1 5  ? -5.443  3.890   7.296   1.00 15.17 ? 5  G   A N7    1 
ATOM   102  C C5    . G   A 1 5  ? -5.711  4.495   8.518   1.00 15.45 ? 5  G   A C5    1 
ATOM   103  C C6    . G   A 1 5  ? -6.319  3.981   9.689   1.00 14.39 ? 5  G   A C6    1 
ATOM   104  O O6    . G   A 1 5  ? -6.783  2.846   9.884   1.00 12.59 ? 5  G   A O6    1 
ATOM   105  N N1    . G   A 1 5  ? -6.375  4.942   10.701  1.00 12.69 ? 5  G   A N1    1 
ATOM   106  C C2    . G   A 1 5  ? -5.921  6.232   10.595  1.00 13.88 ? 5  G   A C2    1 
ATOM   107  N N2    . G   A 1 5  ? -6.060  7.019   11.680  1.00 12.07 ? 5  G   A N2    1 
ATOM   108  N N3    . G   A 1 5  ? -5.365  6.723   9.510   1.00 13.84 ? 5  G   A N3    1 
ATOM   109  C C4    . G   A 1 5  ? -5.288  5.807   8.520   1.00 15.71 ? 5  G   A C4    1 
ATOM   110  P P     . U   A 1 6  ? 0.527   6.181   7.182   1.00 19.39 ? 6  U   A P     1 
ATOM   111  O OP1   . U   A 1 6  ? 1.873   6.776   7.040   1.00 18.11 ? 6  U   A OP1   1 
ATOM   112  O OP2   . U   A 1 6  ? 0.274   4.797   6.695   1.00 19.69 ? 6  U   A OP2   1 
ATOM   113  O "O5'" . U   A 1 6  ? 0.122   6.249   8.722   1.00 19.12 ? 6  U   A "O5'" 1 
ATOM   114  C "C5'" . U   A 1 6  ? 0.081   7.500   9.397   1.00 22.56 ? 6  U   A "C5'" 1 
ATOM   115  C "C4'" . U   A 1 6  ? -0.582  7.349   10.746  1.00 23.32 ? 6  U   A "C4'" 1 
ATOM   116  O "O4'" . U   A 1 6  ? -1.961  6.932   10.573  1.00 22.61 ? 6  U   A "O4'" 1 
ATOM   117  C "C3'" . U   A 1 6  ? -0.008  6.281   11.655  1.00 24.45 ? 6  U   A "C3'" 1 
ATOM   118  O "O3'" . U   A 1 6  ? 1.149   6.757   12.318  1.00 28.95 ? 6  U   A "O3'" 1 
ATOM   119  C "C2'" . U   A 1 6  ? -1.160  6.063   12.620  1.00 22.90 ? 6  U   A "C2'" 1 
ATOM   120  O "O2'" . U   A 1 6  ? -1.267  7.110   13.556  1.00 25.31 ? 6  U   A "O2'" 1 
ATOM   121  C "C1'" . U   A 1 6  ? -2.356  6.136   11.673  1.00 21.18 ? 6  U   A "C1'" 1 
ATOM   122  N N1    . U   A 1 6  ? -2.737  4.809   11.174  1.00 20.70 ? 6  U   A N1    1 
ATOM   123  C C2    . U   A 1 6  ? -3.457  4.006   12.032  1.00 20.61 ? 6  U   A C2    1 
ATOM   124  O O2    . U   A 1 6  ? -3.784  4.364   13.143  1.00 23.07 ? 6  U   A O2    1 
ATOM   125  N N3    . U   A 1 6  ? -3.776  2.766   11.546  1.00 20.19 ? 6  U   A N3    1 
ATOM   126  C C4    . U   A 1 6  ? -3.459  2.254   10.310  1.00 19.76 ? 6  U   A C4    1 
ATOM   127  O O4    . U   A 1 6  ? -3.764  1.093   10.049  1.00 21.02 ? 6  U   A O4    1 
ATOM   128  C C5    . U   A 1 6  ? -2.719  3.149   9.460   1.00 19.30 ? 6  U   A C5    1 
ATOM   129  C C6    . U   A 1 6  ? -2.389  4.368   9.912   1.00 19.67 ? 6  U   A C6    1 
ATOM   130  P P     . G   A 1 7  ? 2.154   5.714   13.014  1.00 34.14 ? 7  G   A P     1 
ATOM   131  O OP1   . G   A 1 7  ? 3.245   6.542   13.584  1.00 32.76 ? 7  G   A OP1   1 
ATOM   132  O OP2   . G   A 1 7  ? 2.478   4.614   12.069  1.00 31.18 ? 7  G   A OP2   1 
ATOM   133  O "O5'" . G   A 1 7  ? 1.300   5.101   14.216  1.00 33.85 ? 7  G   A "O5'" 1 
ATOM   134  C "C5'" . G   A 1 7  ? 0.889   5.919   15.312  1.00 33.70 ? 7  G   A "C5'" 1 
ATOM   135  C "C4'" . G   A 1 7  ? 0.269   5.071   16.399  1.00 34.17 ? 7  G   A "C4'" 1 
ATOM   136  O "O4'" . G   A 1 7  ? -0.993  4.526   15.942  1.00 34.04 ? 7  G   A "O4'" 1 
ATOM   137  C "C3'" . G   A 1 7  ? 1.079   3.853   16.813  1.00 35.54 ? 7  G   A "C3'" 1 
ATOM   138  O "O3'" . G   A 1 7  ? 2.042   4.232   17.785  1.00 39.08 ? 7  G   A "O3'" 1 
ATOM   139  C "C2'" . G   A 1 7  ? 0.020   2.930   17.402  1.00 33.60 ? 7  G   A "C2'" 1 
ATOM   140  O "O2'" . G   A 1 7  ? -0.281  3.228   18.751  1.00 35.31 ? 7  G   A "O2'" 1 
ATOM   141  C "C1'" . G   A 1 7  ? -1.194  3.249   16.527  1.00 32.30 ? 7  G   A "C1'" 1 
ATOM   142  N N9    . G   A 1 7  ? -1.436  2.290   15.456  1.00 29.91 ? 7  G   A N9    1 
ATOM   143  C C8    . G   A 1 7  ? -0.943  2.327   14.175  1.00 28.43 ? 7  G   A C8    1 
ATOM   144  N N7    . G   A 1 7  ? -1.379  1.345   13.434  1.00 27.69 ? 7  G   A N7    1 
ATOM   145  C C5    . G   A 1 7  ? -2.199  0.615   14.282  1.00 26.65 ? 7  G   A C5    1 
ATOM   146  C C6    . G   A 1 7  ? -2.963  -0.551  14.040  1.00 24.99 ? 7  G   A C6    1 
ATOM   147  O O6    . G   A 1 7  ? -3.080  -1.183  12.994  1.00 23.12 ? 7  G   A O6    1 
ATOM   148  N N1    . G   A 1 7  ? -3.641  -0.965  15.183  1.00 23.52 ? 7  G   A N1    1 
ATOM   149  C C2    . G   A 1 7  ? -3.592  -0.329  16.399  1.00 22.52 ? 7  G   A C2    1 
ATOM   150  N N2    . G   A 1 7  ? -4.291  -0.877  17.394  1.00 22.19 ? 7  G   A N2    1 
ATOM   151  N N3    . G   A 1 7  ? -2.900  0.766   16.626  1.00 24.24 ? 7  G   A N3    1 
ATOM   152  C C4    . G   A 1 7  ? -2.232  1.178   15.536  1.00 26.59 ? 7  G   A C4    1 
HETATM 153  P P     . MTU A 1 8  ? 3.376   3.354   17.975  1.00 42.50 ? 8  MTU A P     1 
HETATM 154  O OP1   . MTU A 1 8  ? 4.305   4.167   18.811  1.00 43.21 ? 8  MTU A OP1   1 
HETATM 155  O OP2   . MTU A 1 8  ? 3.838   2.819   16.660  1.00 41.97 ? 8  MTU A OP2   1 
HETATM 156  O "O5'" . MTU A 1 8  ? 2.878   2.122   18.845  1.00 40.79 ? 8  MTU A "O5'" 1 
HETATM 157  C "C5'" . MTU A 1 8  ? 2.262   2.324   20.110  1.00 39.22 ? 8  MTU A "C5'" 1 
HETATM 158  C "C4'" . MTU A 1 8  ? 1.849   0.994   20.678  1.00 37.51 ? 8  MTU A "C4'" 1 
HETATM 159  O "O4'" . MTU A 1 8  ? 0.626   0.537   20.053  1.00 36.59 ? 8  MTU A "O4'" 1 
HETATM 160  C "C1'" . MTU A 1 8  ? 0.699   -0.855  19.831  1.00 36.40 ? 8  MTU A "C1'" 1 
HETATM 161  N N9    . MTU A 1 8  ? 0.520   -1.087  18.397  1.00 38.51 ? 8  MTU A N9    1 
HETATM 162  C C4    . MTU A 1 8  ? -0.330  -2.002  17.831  1.00 37.15 ? 8  MTU A C4    1 
HETATM 163  N N3    . MTU A 1 8  ? -1.140  -2.862  18.472  1.00 37.88 ? 8  MTU A N3    1 
HETATM 164  C C2    . MTU A 1 8  ? -1.824  -3.594  17.600  1.00 38.00 ? 8  MTU A C2    1 
HETATM 165  N N2    . MTU A 1 8  ? -2.661  -4.441  18.099  1.00 36.00 ? 8  MTU A N2    1 
HETATM 166  N N1    . MTU A 1 8  ? -1.790  -3.566  16.260  1.00 39.12 ? 8  MTU A N1    1 
HETATM 167  C C6    . MTU A 1 8  ? -0.963  -2.689  15.649  1.00 37.32 ? 8  MTU A C6    1 
HETATM 168  C C5    . MTU A 1 8  ? -0.186  -1.855  16.463  1.00 37.39 ? 8  MTU A C5    1 
HETATM 169  N N7    . MTU A 1 8  ? 0.742   -0.866  16.170  1.00 36.89 ? 8  MTU A N7    1 
HETATM 170  C C8    . MTU A 1 8  ? 1.134   -0.445  17.347  1.00 37.77 ? 8  MTU A C8    1 
HETATM 171  C "C2'" . MTU A 1 8  ? 2.022   -1.361  20.411  1.00 35.45 ? 8  MTU A "C2'" 1 
HETATM 172  O "O2'" . MTU A 1 8  ? 1.777   -1.890  21.697  1.00 36.34 ? 8  MTU A "O2'" 1 
HETATM 173  C "C3'" . MTU A 1 8  ? 2.870   -0.091  20.405  1.00 34.96 ? 8  MTU A "C3'" 1 
HETATM 174  O "O3'" . MTU A 1 8  ? 3.865   -0.014  21.421  1.00 34.12 ? 8  MTU A "O3'" 1 
ATOM   175  P P     . A   A 1 9  ? 5.180   -0.926  21.335  1.00 33.02 ? 9  A   A P     1 
ATOM   176  O OP1   . A   A 1 9  ? 6.232   -0.248  22.119  1.00 33.71 ? 9  A   A OP1   1 
ATOM   177  O OP2   . A   A 1 9  ? 5.429   -1.263  19.912  1.00 36.64 ? 9  A   A OP2   1 
ATOM   178  O "O5'" . A   A 1 9  ? 4.729   -2.266  22.078  1.00 35.23 ? 9  A   A "O5'" 1 
ATOM   179  C "C5'" . A   A 1 9  ? 5.651   -3.063  22.824  1.00 32.71 ? 9  A   A "C5'" 1 
ATOM   180  C "C4'" . A   A 1 9  ? 4.972   -3.595  24.067  1.00 31.61 ? 9  A   A "C4'" 1 
ATOM   181  O "O4'" . A   A 1 9  ? 4.956   -2.581  25.105  1.00 30.08 ? 9  A   A "O4'" 1 
ATOM   182  C "C3'" . A   A 1 9  ? 3.507   -3.952  23.866  1.00 29.97 ? 9  A   A "C3'" 1 
ATOM   183  O "O3'" . A   A 1 9  ? 3.375   -5.262  23.330  1.00 27.86 ? 9  A   A "O3'" 1 
ATOM   184  C "C2'" . A   A 1 9  ? 2.936   -3.848  25.281  1.00 29.71 ? 9  A   A "C2'" 1 
ATOM   185  O "O2'" . A   A 1 9  ? 3.113   -5.020  26.048  1.00 30.39 ? 9  A   A "O2'" 1 
ATOM   186  C "C1'" . A   A 1 9  ? 3.776   -2.716  25.879  1.00 28.56 ? 9  A   A "C1'" 1 
ATOM   187  N N9    . A   A 1 9  ? 3.089   -1.427  25.906  1.00 27.30 ? 9  A   A N9    1 
ATOM   188  C C8    . A   A 1 9  ? 2.405   -0.803  24.894  1.00 28.00 ? 9  A   A C8    1 
ATOM   189  N N7    . A   A 1 9  ? 1.908   0.364   25.231  1.00 26.77 ? 9  A   A N7    1 
ATOM   190  C C5    . A   A 1 9  ? 2.291   0.519   26.552  1.00 25.25 ? 9  A   A C5    1 
ATOM   191  C C6    . A   A 1 9  ? 2.088   1.554   27.483  1.00 25.36 ? 9  A   A C6    1 
ATOM   192  N N6    . A   A 1 9  ? 1.417   2.682   27.212  1.00 21.71 ? 9  A   A N6    1 
ATOM   193  N N1    . A   A 1 9  ? 2.605   1.389   28.722  1.00 23.78 ? 9  A   A N1    1 
ATOM   194  C C2    . A   A 1 9  ? 3.269   0.265   28.999  1.00 23.98 ? 9  A   A C2    1 
ATOM   195  N N3    . A   A 1 9  ? 3.528   -0.774  28.214  1.00 25.65 ? 9  A   A N3    1 
ATOM   196  C C4    . A   A 1 9  ? 3.009   -0.581  26.986  1.00 26.58 ? 9  A   A C4    1 
ATOM   197  P P     . G   A 1 10 ? 2.779   -5.461  21.852  1.00 27.42 ? 10 G   A P     1 
ATOM   198  O OP1   . G   A 1 10 ? 3.930   -5.526  20.919  1.00 28.18 ? 10 G   A OP1   1 
ATOM   199  O OP2   . G   A 1 10 ? 1.700   -4.473  21.624  1.00 27.83 ? 10 G   A OP2   1 
ATOM   200  O "O5'" . G   A 1 10 ? 2.123   -6.909  21.883  1.00 28.79 ? 10 G   A "O5'" 1 
ATOM   201  C "C5'" . G   A 1 10 ? 1.214   -7.281  22.914  1.00 25.78 ? 10 G   A "C5'" 1 
ATOM   202  C "C4'" . G   A 1 10 ? 0.160   -8.192  22.356  1.00 24.35 ? 10 G   A "C4'" 1 
ATOM   203  O "O4'" . G   A 1 10 ? -0.740  -7.409  21.527  1.00 25.23 ? 10 G   A "O4'" 1 
ATOM   204  C "C3'" . G   A 1 10 ? 0.684   -9.265  21.411  1.00 23.05 ? 10 G   A "C3'" 1 
ATOM   205  O "O3'" . G   A 1 10 ? 1.193   -10.400 22.104  1.00 20.39 ? 10 G   A "O3'" 1 
ATOM   206  C "C2'" . G   A 1 10 ? -0.558  -9.587  20.598  1.00 23.62 ? 10 G   A "C2'" 1 
ATOM   207  O "O2'" . G   A 1 10 ? -1.455  -10.406 21.325  1.00 25.59 ? 10 G   A "O2'" 1 
ATOM   208  C "C1'" . G   A 1 10 ? -1.153  -8.189  20.409  1.00 23.48 ? 10 G   A "C1'" 1 
ATOM   209  N N9    . G   A 1 10 ? -0.688  -7.518  19.196  1.00 23.40 ? 10 G   A N9    1 
ATOM   210  C C8    . G   A 1 10 ? 0.080   -6.378  19.126  1.00 23.14 ? 10 G   A C8    1 
ATOM   211  N N7    . G   A 1 10 ? 0.328   -6.000  17.900  1.00 22.39 ? 10 G   A N7    1 
ATOM   212  C C5    . G   A 1 10 ? -0.314  -6.944  17.108  1.00 21.44 ? 10 G   A C5    1 
ATOM   213  C C6    . G   A 1 10 ? -0.407  -7.050  15.694  1.00 20.43 ? 10 G   A C6    1 
ATOM   214  O O6    . G   A 1 10 ? 0.044   -6.284  14.833  1.00 16.60 ? 10 G   A O6    1 
ATOM   215  N N1    . G   A 1 10 ? -1.131  -8.178  15.313  1.00 19.09 ? 10 G   A N1    1 
ATOM   216  C C2    . G   A 1 10 ? -1.718  -9.068  16.179  1.00 19.10 ? 10 G   A C2    1 
ATOM   217  N N2    . G   A 1 10 ? -2.403  -10.078 15.623  1.00 13.56 ? 10 G   A N2    1 
ATOM   218  N N3    . G   A 1 10 ? -1.647  -8.973  17.495  1.00 19.63 ? 10 G   A N3    1 
ATOM   219  C C4    . G   A 1 10 ? -0.935  -7.897  17.889  1.00 23.04 ? 10 G   A C4    1 
ATOM   220  P P     . U   A 1 11 ? 2.529   -11.119 21.570  1.00 20.86 ? 11 U   A P     1 
ATOM   221  O OP1   . U   A 1 11 ? 2.840   -12.230 22.501  1.00 21.34 ? 11 U   A OP1   1 
ATOM   222  O OP2   . U   A 1 11 ? 3.558   -10.096 21.285  1.00 19.90 ? 11 U   A OP2   1 
ATOM   223  O "O5'" . U   A 1 11 ? 2.105   -11.730 20.152  1.00 20.34 ? 11 U   A "O5'" 1 
ATOM   224  C "C5'" . U   A 1 11 ? 1.019   -12.641 20.026  1.00 17.98 ? 11 U   A "C5'" 1 
ATOM   225  C "C4'" . U   A 1 11 ? 0.915   -13.131 18.595  1.00 19.80 ? 11 U   A "C4'" 1 
ATOM   226  O "O4'" . U   A 1 11 ? 0.323   -12.116 17.739  1.00 18.70 ? 11 U   A "O4'" 1 
ATOM   227  C "C3'" . U   A 1 11 ? 2.241   -13.483 17.943  1.00 17.57 ? 11 U   A "C3'" 1 
ATOM   228  O "O3'" . U   A 1 11 ? 2.580   -14.817 18.302  1.00 15.51 ? 11 U   A "O3'" 1 
ATOM   229  C "C2'" . U   A 1 11 ? 1.928   -13.303 16.456  1.00 18.24 ? 11 U   A "C2'" 1 
ATOM   230  O "O2'" . U   A 1 11 ? 1.243   -14.407 15.888  1.00 16.39 ? 11 U   A "O2'" 1 
ATOM   231  C "C1'" . U   A 1 11 ? 0.973   -12.107 16.482  1.00 16.70 ? 11 U   A "C1'" 1 
ATOM   232  N N1    . U   A 1 11 ? 1.600   -10.788 16.316  1.00 17.71 ? 11 U   A N1    1 
ATOM   233  C C2    . U   A 1 11 ? 1.765   -10.297 15.026  1.00 16.92 ? 11 U   A C2    1 
ATOM   234  O O2    . U   A 1 11 ? 1.473   -10.946 14.016  1.00 15.00 ? 11 U   A O2    1 
ATOM   235  N N3    . U   A 1 11 ? 2.286   -9.023  14.956  1.00 15.59 ? 11 U   A N3    1 
ATOM   236  C C4    . U   A 1 11 ? 2.662   -8.212  16.019  1.00 19.20 ? 11 U   A C4    1 
ATOM   237  O O4    . U   A 1 11 ? 3.039   -7.062  15.797  1.00 18.06 ? 11 U   A O4    1 
ATOM   238  C C5    . U   A 1 11 ? 2.498   -8.807  17.318  1.00 16.89 ? 11 U   A C5    1 
ATOM   239  C C6    . U   A 1 11 ? 1.988   -10.043 17.419  1.00 18.24 ? 11 U   A C6    1 
ATOM   240  P P     . C   A 1 12 ? 4.122   -15.254 18.399  1.00 19.78 ? 12 C   A P     1 
ATOM   241  O OP1   . C   A 1 12 ? 4.174   -16.585 19.067  1.00 20.27 ? 12 C   A OP1   1 
ATOM   242  O OP2   . C   A 1 12 ? 4.911   -14.122 18.955  1.00 21.99 ? 12 C   A OP2   1 
ATOM   243  O "O5'" . C   A 1 12 ? 4.581   -15.451 16.886  1.00 19.89 ? 12 C   A "O5'" 1 
ATOM   244  C "C5'" . C   A 1 12 ? 4.002   -16.460 16.066  1.00 22.42 ? 12 C   A "C5'" 1 
ATOM   245  C "C4'" . C   A 1 12 ? 4.095   -16.050 14.619  1.00 23.22 ? 12 C   A "C4'" 1 
ATOM   246  O "O4'" . C   A 1 12 ? 3.726   -14.668 14.560  1.00 23.79 ? 12 C   A "O4'" 1 
ATOM   247  C "C3'" . C   A 1 12 ? 5.462   -16.141 13.949  1.00 24.05 ? 12 C   A "C3'" 1 
ATOM   248  O "O3'" . C   A 1 12 ? 5.411   -17.392 13.277  1.00 27.82 ? 12 C   A "O3'" 1 
ATOM   249  C "C2'" . C   A 1 12 ? 5.413   -15.028 12.903  1.00 26.67 ? 12 C   A "C2'" 1 
ATOM   250  O "O2'" . C   A 1 12 ? 4.863   -15.459 11.671  1.00 29.10 ? 12 C   A "O2'" 1 
ATOM   251  C "C1'" . C   A 1 12 ? 4.413   -14.048 13.515  1.00 23.82 ? 12 C   A "C1'" 1 
ATOM   252  N N1    . C   A 1 12 ? 4.877   -12.734 13.965  1.00 21.96 ? 12 C   A N1    1 
ATOM   253  C C2    . C   A 1 12 ? 4.871   -11.715 13.039  1.00 21.39 ? 12 C   A C2    1 
ATOM   254  O O2    . C   A 1 12 ? 4.563   -11.992 11.873  1.00 25.82 ? 12 C   A O2    1 
ATOM   255  N N3    . C   A 1 12 ? 5.190   -10.462 13.418  1.00 20.28 ? 12 C   A N3    1 
ATOM   256  C C4    . C   A 1 12 ? 5.517   -10.218 14.685  1.00 21.70 ? 12 C   A C4    1 
ATOM   257  N N4    . C   A 1 12 ? 5.780   -8.960  15.021  1.00 18.01 ? 12 C   A N4    1 
ATOM   258  C C5    . C   A 1 12 ? 5.579   -11.262 15.664  1.00 19.67 ? 12 C   A C5    1 
ATOM   259  C C6    . C   A 1 12 ? 5.261   -12.499 15.257  1.00 21.48 ? 12 C   A C6    1 
ATOM   260  P P     . G   A 1 13 ? 6.725   -18.068 12.660  1.00 23.97 ? 13 G   A P     1 
ATOM   261  O OP1   . G   A 1 13 ? 6.255   -19.450 12.408  1.00 24.35 ? 13 G   A OP1   1 
ATOM   262  O OP2   . G   A 1 13 ? 7.906   -17.837 13.521  1.00 25.55 ? 13 G   A OP2   1 
ATOM   263  O "O5'" . G   A 1 13 ? 6.948   -17.361 11.252  1.00 24.02 ? 13 G   A "O5'" 1 
ATOM   264  C "C5'" . G   A 1 13 ? 8.228   -16.850 10.894  1.00 23.94 ? 13 G   A "C5'" 1 
ATOM   265  C "C4'" . G   A 1 13 ? 8.157   -16.133 9.566   1.00 22.15 ? 13 G   A "C4'" 1 
ATOM   266  O "O4'" . G   A 1 13 ? 7.193   -15.050 9.638   1.00 20.61 ? 13 G   A "O4'" 1 
ATOM   267  C "C3'" . G   A 1 13 ? 9.451   -15.461 9.145   1.00 23.17 ? 13 G   A "C3'" 1 
ATOM   268  O "O3'" . G   A 1 13 ? 10.286  -16.413 8.498   1.00 24.28 ? 13 G   A "O3'" 1 
ATOM   269  C "C2'" . G   A 1 13 ? 8.939   -14.386 8.196   1.00 22.89 ? 13 G   A "C2'" 1 
ATOM   270  O "O2'" . G   A 1 13 ? 8.526   -14.925 6.957   1.00 21.03 ? 13 G   A "O2'" 1 
ATOM   271  C "C1'" . G   A 1 13 ? 7.687   -13.923 8.936   1.00 21.01 ? 13 G   A "C1'" 1 
ATOM   272  N N9    . G   A 1 13 ? 7.905   -12.841 9.895   1.00 20.62 ? 13 G   A N9    1 
ATOM   273  C C8    . G   A 1 13 ? 7.825   -12.919 11.264  1.00 19.07 ? 13 G   A C8    1 
ATOM   274  N N7    . G   A 1 13 ? 8.053   -11.778 11.857  1.00 19.37 ? 13 G   A N7    1 
ATOM   275  C C5    . G   A 1 13 ? 8.303   -10.890 10.821  1.00 19.91 ? 13 G   A C5    1 
ATOM   276  C C6    . G   A 1 13 ? 8.612   -9.503  10.849  1.00 21.05 ? 13 G   A C6    1 
ATOM   277  O O6    . G   A 1 13 ? 8.731   -8.748  11.833  1.00 22.40 ? 13 G   A O6    1 
ATOM   278  N N1    . G   A 1 13 ? 8.783   -8.996  9.568   1.00 19.69 ? 13 G   A N1    1 
ATOM   279  C C2    . G   A 1 13 ? 8.665   -9.722  8.410   1.00 20.37 ? 13 G   A C2    1 
ATOM   280  N N2    . G   A 1 13 ? 8.833   -9.040  7.261   1.00 17.71 ? 13 G   A N2    1 
ATOM   281  N N3    . G   A 1 13 ? 8.391   -11.015 8.372   1.00 19.67 ? 13 G   A N3    1 
ATOM   282  C C4    . G   A 1 13 ? 8.220   -11.530 9.602   1.00 20.41 ? 13 G   A C4    1 
ATOM   283  P P     . C   A 1 14 ? 11.884  -16.294 8.615   1.00 27.06 ? 14 C   A P     1 
ATOM   284  O OP1   . C   A 1 14 ? 12.437  -17.503 7.946   1.00 27.21 ? 14 C   A OP1   1 
ATOM   285  O OP2   . C   A 1 14 ? 12.297  -15.972 10.011  1.00 26.96 ? 14 C   A OP2   1 
ATOM   286  O "O5'" . C   A 1 14 ? 12.230  -15.051 7.692   1.00 24.62 ? 14 C   A "O5'" 1 
ATOM   287  C "C5'" . C   A 1 14 ? 12.041  -15.125 6.289   1.00 22.62 ? 14 C   A "C5'" 1 
ATOM   288  C "C4'" . C   A 1 14 ? 12.372  -13.804 5.654   1.00 21.77 ? 14 C   A "C4'" 1 
ATOM   289  O "O4'" . C   A 1 14 ? 11.443  -12.796 6.143   1.00 23.37 ? 14 C   A "O4'" 1 
ATOM   290  C "C3'" . C   A 1 14 ? 13.727  -13.219 6.007   1.00 21.63 ? 14 C   A "C3'" 1 
ATOM   291  O "O3'" . C   A 1 14 ? 14.784  -13.784 5.246   1.00 20.90 ? 14 C   A "O3'" 1 
ATOM   292  C "C2'" . C   A 1 14 ? 13.496  -11.755 5.680   1.00 20.44 ? 14 C   A "C2'" 1 
ATOM   293  O "O2'" . C   A 1 14 ? 13.388  -11.558 4.283   1.00 19.56 ? 14 C   A "O2'" 1 
ATOM   294  C "C1'" . C   A 1 14 ? 12.112  -11.554 6.281   1.00 19.73 ? 14 C   A "C1'" 1 
ATOM   295  N N1    . C   A 1 14 ? 12.120  -11.190 7.710   1.00 19.05 ? 14 C   A N1    1 
ATOM   296  C C2    . C   A 1 14 ? 12.253  -9.839  8.059   1.00 18.51 ? 14 C   A C2    1 
ATOM   297  O O2    . C   A 1 14 ? 12.458  -9.010  7.164   1.00 18.88 ? 14 C   A O2    1 
ATOM   298  N N3    . C   A 1 14 ? 12.161  -9.475  9.360   1.00 18.20 ? 14 C   A N3    1 
ATOM   299  C C4    . C   A 1 14 ? 11.969  -10.403 10.296  1.00 18.48 ? 14 C   A C4    1 
ATOM   300  N N4    . C   A 1 14 ? 11.837  -9.993  11.558  1.00 17.57 ? 14 C   A N4    1 
ATOM   301  C C5    . C   A 1 14 ? 11.889  -11.794 9.976   1.00 17.51 ? 14 C   A C5    1 
ATOM   302  C C6    . C   A 1 14 ? 11.970  -12.139 8.682   1.00 15.83 ? 14 C   A C6    1 
ATOM   303  P P     . U   A 1 15 ? 16.250  -13.909 5.898   1.00 24.13 ? 15 U   A P     1 
ATOM   304  O OP1   . U   A 1 15 ? 17.071  -14.684 4.932   1.00 23.58 ? 15 U   A OP1   1 
ATOM   305  O OP2   . U   A 1 15 ? 16.145  -14.366 7.307   1.00 22.33 ? 15 U   A OP2   1 
ATOM   306  O "O5'" . U   A 1 15 ? 16.791  -12.411 5.959   1.00 23.20 ? 15 U   A "O5'" 1 
ATOM   307  C "C5'" . U   A 1 15 ? 16.938  -11.642 4.778   1.00 24.83 ? 15 U   A "C5'" 1 
ATOM   308  C "C4'" . U   A 1 15 ? 17.247  -10.204 5.127   1.00 24.99 ? 15 U   A "C4'" 1 
ATOM   309  O "O4'" . U   A 1 15 ? 16.081  -9.575  5.723   1.00 24.79 ? 15 U   A "O4'" 1 
ATOM   310  C "C3'" . U   A 1 15 ? 18.317  -9.994  6.181   1.00 24.10 ? 15 U   A "C3'" 1 
ATOM   311  O "O3'" . U   A 1 15 ? 19.622  -10.171 5.667   1.00 23.18 ? 15 U   A "O3'" 1 
ATOM   312  C "C2'" . U   A 1 15 ? 18.022  -8.566  6.615   1.00 23.29 ? 15 U   A "C2'" 1 
ATOM   313  O "O2'" . U   A 1 15 ? 18.398  -7.593  5.665   1.00 23.94 ? 15 U   A "O2'" 1 
ATOM   314  C "C1'" . U   A 1 15 ? 16.500  -8.602  6.668   1.00 22.35 ? 15 U   A "C1'" 1 
ATOM   315  N N1    . U   A 1 15 ? 16.042  -9.011  7.998   1.00 22.97 ? 15 U   A N1    1 
ATOM   316  C C2    . U   A 1 15 ? 16.038  -8.039  8.985   1.00 21.95 ? 15 U   A C2    1 
ATOM   317  O O2    . U   A 1 15 ? 16.426  -6.903  8.791   1.00 20.86 ? 15 U   A O2    1 
ATOM   318  N N3    . U   A 1 15 ? 15.581  -8.456  10.208  1.00 20.60 ? 15 U   A N3    1 
ATOM   319  C C4    . U   A 1 15 ? 15.161  -9.719  10.547  1.00 21.49 ? 15 U   A C4    1 
ATOM   320  O O4    . U   A 1 15 ? 14.779  -9.929  11.692  1.00 23.85 ? 15 U   A O4    1 
ATOM   321  C C5    . U   A 1 15 ? 15.213  -10.680 9.484   1.00 21.86 ? 15 U   A C5    1 
ATOM   322  C C6    . U   A 1 15 ? 15.637  -10.299 8.267   1.00 23.11 ? 15 U   A C6    1 
ATOM   323  P P     . G   A 1 16 ? 20.795  -10.673 6.645   1.00 24.76 ? 16 G   A P     1 
ATOM   324  O OP1   . G   A 1 16 ? 21.948  -10.999 5.769   1.00 25.21 ? 16 G   A OP1   1 
ATOM   325  O OP2   . G   A 1 16 ? 20.252  -11.711 7.555   1.00 26.03 ? 16 G   A OP2   1 
ATOM   326  O "O5'" . G   A 1 16 ? 21.149  -9.386  7.521   1.00 23.64 ? 16 G   A "O5'" 1 
ATOM   327  C "C5'" . G   A 1 16 ? 21.676  -8.211  6.908   1.00 22.35 ? 16 G   A "C5'" 1 
ATOM   328  C "C4'" . G   A 1 16 ? 21.579  -7.033  7.846   1.00 22.05 ? 16 G   A "C4'" 1 
ATOM   329  O "O4'" . G   A 1 16 ? 20.191  -6.855  8.245   1.00 23.49 ? 16 G   A "O4'" 1 
ATOM   330  C "C3'" . G   A 1 16 ? 22.305  -7.152  9.173   1.00 23.59 ? 16 G   A "C3'" 1 
ATOM   331  O "O3'" . G   A 1 16 ? 23.688  -6.854  9.062   1.00 25.53 ? 16 G   A "O3'" 1 
ATOM   332  C "C2'" . G   A 1 16 ? 21.578  -6.107  10.004  1.00 22.82 ? 16 G   A "C2'" 1 
ATOM   333  O "O2'" . G   A 1 16 ? 21.928  -4.784  9.661   1.00 24.70 ? 16 G   A "O2'" 1 
ATOM   334  C "C1'" . G   A 1 16 ? 20.137  -6.354  9.576   1.00 22.63 ? 16 G   A "C1'" 1 
ATOM   335  N N9    . G   A 1 16 ? 19.504  -7.354  10.435  1.00 22.20 ? 16 G   A N9    1 
ATOM   336  C C8    . G   A 1 16 ? 19.256  -8.673  10.139  1.00 19.96 ? 16 G   A C8    1 
ATOM   337  N N7    . G   A 1 16 ? 18.690  -9.317  11.122  1.00 20.98 ? 16 G   A N7    1 
ATOM   338  C C5    . G   A 1 16 ? 18.549  -8.366  12.125  1.00 20.77 ? 16 G   A C5    1 
ATOM   339  C C6    . G   A 1 16 ? 17.989  -8.475  13.437  1.00 21.91 ? 16 G   A C6    1 
ATOM   340  O O6    . G   A 1 16 ? 17.482  -9.466  13.986  1.00 20.81 ? 16 G   A O6    1 
ATOM   341  N N1    . G   A 1 16 ? 18.056  -7.267  14.120  1.00 20.74 ? 16 G   A N1    1 
ATOM   342  C C2    . G   A 1 16 ? 18.584  -6.104  13.614  1.00 21.07 ? 16 G   A C2    1 
ATOM   343  N N2    . G   A 1 16 ? 18.546  -5.044  14.425  1.00 18.81 ? 16 G   A N2    1 
ATOM   344  N N3    . G   A 1 16 ? 19.104  -5.991  12.401  1.00 20.20 ? 16 G   A N3    1 
ATOM   345  C C4    . G   A 1 16 ? 19.051  -7.151  11.718  1.00 20.49 ? 16 G   A C4    1 
ATOM   346  P P     . G   A 1 17 ? 24.734  -7.556  10.063  1.00 28.32 ? 17 G   A P     1 
ATOM   347  O OP1   . G   A 1 17 ? 26.093  -7.087  9.680   1.00 28.64 ? 17 G   A OP1   1 
ATOM   348  O OP2   . G   A 1 17 ? 24.446  -9.012  10.106  1.00 28.07 ? 17 G   A OP2   1 
ATOM   349  O "O5'" . G   A 1 17 ? 24.387  -6.930  11.488  1.00 29.02 ? 17 G   A "O5'" 1 
ATOM   350  C "C5'" . G   A 1 17 ? 24.683  -5.564  11.756  1.00 29.80 ? 17 G   A "C5'" 1 
ATOM   351  C "C4'" . G   A 1 17 ? 24.207  -5.172  13.137  1.00 29.68 ? 17 G   A "C4'" 1 
ATOM   352  O "O4'" . G   A 1 17 ? 22.789  -5.449  13.266  1.00 28.59 ? 17 G   A "O4'" 1 
ATOM   353  C "C3'" . G   A 1 17 ? 24.803  -5.916  14.316  1.00 30.10 ? 17 G   A "C3'" 1 
ATOM   354  O "O3'" . G   A 1 17 ? 26.162  -5.561  14.611  1.00 31.88 ? 17 G   A "O3'" 1 
ATOM   355  C "C2'" . G   A 1 17 ? 23.798  -5.587  15.411  1.00 30.83 ? 17 G   A "C2'" 1 
ATOM   356  O "O2'" . G   A 1 17 ? 23.928  -4.271  15.921  1.00 31.52 ? 17 G   A "O2'" 1 
ATOM   357  C "C1'" . G   A 1 17 ? 22.483  -5.675  14.632  1.00 29.13 ? 17 G   A "C1'" 1 
ATOM   358  N N9    . G   A 1 17 ? 21.848  -6.980  14.759  1.00 26.79 ? 17 G   A N9    1 
ATOM   359  C C8    . G   A 1 17 ? 21.857  -8.006  13.850  1.00 26.67 ? 17 G   A C8    1 
ATOM   360  N N7    . G   A 1 17 ? 21.173  -9.044  14.248  1.00 26.88 ? 17 G   A N7    1 
ATOM   361  C C5    . G   A 1 17 ? 20.693  -8.678  15.497  1.00 26.14 ? 17 G   A C5    1 
ATOM   362  C C6    . G   A 1 17 ? 19.884  -9.392  16.420  1.00 26.64 ? 17 G   A C6    1 
ATOM   363  O O6    . G   A 1 17 ? 19.408  -10.527 16.314  1.00 27.91 ? 17 G   A O6    1 
ATOM   364  N N1    . G   A 1 17 ? 19.639  -8.647  17.567  1.00 25.54 ? 17 G   A N1    1 
ATOM   365  C C2    . G   A 1 17 ? 20.113  -7.377  17.797  1.00 26.10 ? 17 G   A C2    1 
ATOM   366  N N2    . G   A 1 17 ? 19.777  -6.815  18.967  1.00 24.23 ? 17 G   A N2    1 
ATOM   367  N N3    . G   A 1 17 ? 20.863  -6.706  16.944  1.00 25.71 ? 17 G   A N3    1 
ATOM   368  C C4    . G   A 1 17 ? 21.110  -7.410  15.826  1.00 25.71 ? 17 G   A C4    1 
ATOM   369  O "O5'" . C   B 2 1  ? 13.845  -5.923  21.430  1.00 39.44 ? 20 C   B "O5'" 1 
ATOM   370  C "C5'" . C   B 2 1  ? 14.363  -4.751  22.072  1.00 39.05 ? 20 C   B "C5'" 1 
ATOM   371  C "C4'" . C   B 2 1  ? 15.358  -4.026  21.198  1.00 38.96 ? 20 C   B "C4'" 1 
ATOM   372  O "O4'" . C   B 2 1  ? 16.427  -4.942  20.832  1.00 38.30 ? 20 C   B "O4'" 1 
ATOM   373  C "C3'" . C   B 2 1  ? 14.800  -3.534  19.871  1.00 38.40 ? 20 C   B "C3'" 1 
ATOM   374  O "O3'" . C   B 2 1  ? 14.216  -2.244  20.006  1.00 38.75 ? 20 C   B "O3'" 1 
ATOM   375  C "C2'" . C   B 2 1  ? 16.045  -3.480  18.998  1.00 38.15 ? 20 C   B "C2'" 1 
ATOM   376  O "O2'" . C   B 2 1  ? 16.812  -2.309  19.202  1.00 36.77 ? 20 C   B "O2'" 1 
ATOM   377  C "C1'" . C   B 2 1  ? 16.803  -4.719  19.483  1.00 37.18 ? 20 C   B "C1'" 1 
ATOM   378  N N1    . C   B 2 1  ? 16.470  -5.925  18.700  1.00 35.58 ? 20 C   B N1    1 
ATOM   379  C C2    . C   B 2 1  ? 17.031  -6.069  17.434  1.00 33.73 ? 20 C   B C2    1 
ATOM   380  O O2    . C   B 2 1  ? 17.786  -5.186  17.017  1.00 33.46 ? 20 C   B O2    1 
ATOM   381  N N3    . C   B 2 1  ? 16.737  -7.164  16.697  1.00 33.43 ? 20 C   B N3    1 
ATOM   382  C C4    . C   B 2 1  ? 15.917  -8.097  17.187  1.00 33.69 ? 20 C   B C4    1 
ATOM   383  N N4    . C   B 2 1  ? 15.662  -9.170  16.427  1.00 31.62 ? 20 C   B N4    1 
ATOM   384  C C5    . C   B 2 1  ? 15.326  -7.974  18.478  1.00 33.47 ? 20 C   B C5    1 
ATOM   385  C C6    . C   B 2 1  ? 15.628  -6.883  19.195  1.00 33.93 ? 20 C   B C6    1 
ATOM   386  P P     . A   B 2 2  ? 13.076  -1.772  18.978  1.00 38.57 ? 21 A   B P     1 
ATOM   387  O OP1   . A   B 2 2  ? 12.559  -0.464  19.454  1.00 37.77 ? 21 A   B OP1   1 
ATOM   388  O OP2   . A   B 2 2  ? 12.145  -2.913  18.800  1.00 37.55 ? 21 A   B OP2   1 
ATOM   389  O "O5'" . A   B 2 2  ? 13.848  -1.538  17.603  1.00 34.88 ? 21 A   B "O5'" 1 
ATOM   390  C "C5'" . A   B 2 2  ? 14.642  -0.378  17.400  1.00 32.25 ? 21 A   B "C5'" 1 
ATOM   391  C "C4'" . A   B 2 2  ? 15.221  -0.375  16.006  1.00 30.93 ? 21 A   B "C4'" 1 
ATOM   392  O "O4'" . A   B 2 2  ? 16.062  -1.549  15.840  1.00 30.57 ? 21 A   B "O4'" 1 
ATOM   393  C "C3'" . A   B 2 2  ? 14.227  -0.481  14.861  1.00 30.24 ? 21 A   B "C3'" 1 
ATOM   394  O "O3'" . A   B 2 2  ? 13.675  0.791   14.533  1.00 31.08 ? 21 A   B "O3'" 1 
ATOM   395  C "C2'" . A   B 2 2  ? 15.112  -1.004  13.740  1.00 30.27 ? 21 A   B "C2'" 1 
ATOM   396  O "O2'" . A   B 2 2  ? 15.939  0.012   13.211  1.00 28.92 ? 21 A   B "O2'" 1 
ATOM   397  C "C1'" . A   B 2 2  ? 15.992  -2.000  14.495  1.00 28.97 ? 21 A   B "C1'" 1 
ATOM   398  N N9    . A   B 2 2  ? 15.479  -3.373  14.500  1.00 27.36 ? 21 A   B N9    1 
ATOM   399  C C8    . A   B 2 2  ? 14.840  -4.012  15.533  1.00 26.44 ? 21 A   B C8    1 
ATOM   400  N N7    . A   B 2 2  ? 14.530  -5.257  15.274  1.00 26.23 ? 21 A   B N7    1 
ATOM   401  C C5    . A   B 2 2  ? 14.992  -5.454  13.979  1.00 24.77 ? 21 A   B C5    1 
ATOM   402  C C6    . A   B 2 2  ? 14.979  -6.583  13.129  1.00 22.50 ? 21 A   B C6    1 
ATOM   403  N N6    . A   B 2 2  ? 14.478  -7.763  13.486  1.00 21.47 ? 21 A   B N6    1 
ATOM   404  N N1    . A   B 2 2  ? 15.510  -6.450  11.892  1.00 21.37 ? 21 A   B N1    1 
ATOM   405  C C2    . A   B 2 2  ? 16.016  -5.259  11.541  1.00 24.02 ? 21 A   B C2    1 
ATOM   406  N N3    . A   B 2 2  ? 16.093  -4.124  12.254  1.00 25.88 ? 21 A   B N3    1 
ATOM   407  C C4    . A   B 2 2  ? 15.561  -4.295  13.481  1.00 25.58 ? 21 A   B C4    1 
ATOM   408  P P     . G   B 2 3  ? 12.246  0.879   13.790  1.00 29.92 ? 22 G   B P     1 
ATOM   409  O OP1   . G   B 2 3  ? 11.906  2.322   13.723  1.00 31.85 ? 22 G   B OP1   1 
ATOM   410  O OP2   . G   B 2 3  ? 11.307  -0.065  14.441  1.00 30.28 ? 22 G   B OP2   1 
ATOM   411  O "O5'" . G   B 2 3  ? 12.543  0.365   12.311  1.00 29.34 ? 22 G   B "O5'" 1 
ATOM   412  C "C5'" . G   B 2 3  ? 13.292  1.158   11.404  1.00 27.44 ? 22 G   B "C5'" 1 
ATOM   413  C "C4'" . G   B 2 3  ? 13.459  0.441   10.085  1.00 26.72 ? 22 G   B "C4'" 1 
ATOM   414  O "O4'" . G   B 2 3  ? 14.236  -0.767  10.298  1.00 27.16 ? 22 G   B "O4'" 1 
ATOM   415  C "C3'" . G   B 2 3  ? 12.188  -0.072  9.430   1.00 27.49 ? 22 G   B "C3'" 1 
ATOM   416  O "O3'" . G   B 2 3  ? 11.491  0.946   8.718   1.00 27.33 ? 22 G   B "O3'" 1 
ATOM   417  C "C2'" . G   B 2 3  ? 12.736  -1.151  8.505   1.00 27.17 ? 22 G   B "C2'" 1 
ATOM   418  O "O2'" . G   B 2 3  ? 13.335  -0.634  7.331   1.00 25.81 ? 22 G   B "O2'" 1 
ATOM   419  C "C1'" . G   B 2 3  ? 13.810  -1.778  9.394   1.00 26.11 ? 22 G   B "C1'" 1 
ATOM   420  N N9    . G   B 2 3  ? 13.288  -2.899  10.170  1.00 26.78 ? 22 G   B N9    1 
ATOM   421  C C8    . G   B 2 3  ? 12.788  -2.864  11.449  1.00 25.93 ? 22 G   B C8    1 
ATOM   422  N N7    . G   B 2 3  ? 12.385  -4.032  11.874  1.00 24.21 ? 22 G   B N7    1 
ATOM   423  C C5    . G   B 2 3  ? 12.641  -4.888  10.817  1.00 25.01 ? 22 G   B C5    1 
ATOM   424  C C6    . G   B 2 3  ? 12.422  -6.278  10.696  1.00 25.58 ? 22 G   B C6    1 
ATOM   425  O O6    . G   B 2 3  ? 11.951  -7.054  11.530  1.00 25.90 ? 22 G   B O6    1 
ATOM   426  N N1    . G   B 2 3  ? 12.814  -6.751  9.450   1.00 24.72 ? 22 G   B N1    1 
ATOM   427  C C2    . G   B 2 3  ? 13.350  -5.979  8.446   1.00 24.99 ? 22 G   B C2    1 
ATOM   428  N N2    . G   B 2 3  ? 13.648  -6.614  7.304   1.00 23.42 ? 22 G   B N2    1 
ATOM   429  N N3    . G   B 2 3  ? 13.572  -4.682  8.553   1.00 24.70 ? 22 G   B N3    1 
ATOM   430  C C4    . G   B 2 3  ? 13.195  -4.205  9.755   1.00 25.47 ? 22 G   B C4    1 
ATOM   431  P P     . C   B 2 4  ? 9.889   0.858   8.568   1.00 28.84 ? 23 C   B P     1 
ATOM   432  O OP1   . C   B 2 4  ? 9.471   2.018   7.740   1.00 30.81 ? 23 C   B OP1   1 
ATOM   433  O OP2   . C   B 2 4  ? 9.265   0.645   9.901   1.00 27.13 ? 23 C   B OP2   1 
ATOM   434  O "O5'" . C   B 2 4  ? 9.657   -0.455  7.699   1.00 28.15 ? 23 C   B "O5'" 1 
ATOM   435  C "C5'" . C   B 2 4  ? 9.962   -0.461  6.315   1.00 24.56 ? 23 C   B "C5'" 1 
ATOM   436  C "C4'" . C   B 2 4  ? 9.740   -1.835  5.730   1.00 24.62 ? 23 C   B "C4'" 1 
ATOM   437  O "O4'" . C   B 2 4  ? 10.633  -2.790  6.370   1.00 24.52 ? 23 C   B "O4'" 1 
ATOM   438  C "C3'" . C   B 2 4  ? 8.378   -2.479  5.931   1.00 23.01 ? 23 C   B "C3'" 1 
ATOM   439  O "O3'" . C   B 2 4  ? 7.378   -1.960  5.065   1.00 21.77 ? 23 C   B "O3'" 1 
ATOM   440  C "C2'" . C   B 2 4  ? 8.711   -3.925  5.606   1.00 23.37 ? 23 C   B "C2'" 1 
ATOM   441  O "O2'" . C   B 2 4  ? 8.919   -4.131  4.221   1.00 22.70 ? 23 C   B "O2'" 1 
ATOM   442  C "C1'" . C   B 2 4  ? 10.041  -4.080  6.346   1.00 22.96 ? 23 C   B "C1'" 1 
ATOM   443  N N1    . C   B 2 4  ? 9.807   -4.521  7.734   1.00 22.37 ? 23 C   B N1    1 
ATOM   444  C C2    . C   B 2 4  ? 9.724   -5.892  7.992   1.00 20.42 ? 23 C   B C2    1 
ATOM   445  O O2    . C   B 2 4  ? 9.880   -6.689  7.053   1.00 18.62 ? 23 C   B O2    1 
ATOM   446  N N3    . C   B 2 4  ? 9.475   -6.316  9.249   1.00 20.11 ? 23 C   B N3    1 
ATOM   447  C C4    . C   B 2 4  ? 9.303   -5.431  10.232  1.00 20.41 ? 23 C   B C4    1 
ATOM   448  N N4    . C   B 2 4  ? 9.029   -5.904  11.456  1.00 19.97 ? 23 C   B N4    1 
ATOM   449  C C5    . C   B 2 4  ? 9.399   -4.023  10.003  1.00 20.94 ? 23 C   B C5    1 
ATOM   450  C C6    . C   B 2 4  ? 9.653   -3.616  8.749   1.00 20.37 ? 23 C   B C6    1 
ATOM   451  P P     . G   B 2 5  ? 5.840   -1.983  5.528   1.00 23.79 ? 24 G   B P     1 
ATOM   452  O OP1   . G   B 2 5  ? 5.076   -1.223  4.512   1.00 26.10 ? 24 G   B OP1   1 
ATOM   453  O OP2   . G   B 2 5  ? 5.751   -1.593  6.963   1.00 23.83 ? 24 G   B OP2   1 
ATOM   454  O "O5'" . G   B 2 5  ? 5.411   -3.518  5.425   1.00 23.27 ? 24 G   B "O5'" 1 
ATOM   455  C "C5'" . G   B 2 5  ? 5.535   -4.227  4.196   1.00 23.39 ? 24 G   B "C5'" 1 
ATOM   456  C "C4'" . G   B 2 5  ? 5.446   -5.725  4.425   1.00 22.69 ? 24 G   B "C4'" 1 
ATOM   457  O "O4'" . G   B 2 5  ? 6.520   -6.163  5.303   1.00 21.47 ? 24 G   B "O4'" 1 
ATOM   458  C "C3'" . G   B 2 5  ? 4.200   -6.259  5.116   1.00 21.38 ? 24 G   B "C3'" 1 
ATOM   459  O "O3'" . G   B 2 5  ? 3.089   -6.360  4.232   1.00 22.65 ? 24 G   B "O3'" 1 
ATOM   460  C "C2'" . G   B 2 5  ? 4.684   -7.631  5.560   1.00 22.22 ? 24 G   B "C2'" 1 
ATOM   461  O "O2'" . G   B 2 5  ? 4.763   -8.564  4.495   1.00 21.26 ? 24 G   B "O2'" 1 
ATOM   462  C "C1'" . G   B 2 5  ? 6.087   -7.291  6.057   1.00 22.01 ? 24 G   B "C1'" 1 
ATOM   463  N N9    . G   B 2 5  ? 6.052   -6.936  7.474   1.00 20.94 ? 24 G   B N9    1 
ATOM   464  C C8    . G   B 2 5  ? 6.224   -5.693  8.032   1.00 21.42 ? 24 G   B C8    1 
ATOM   465  N N7    . G   B 2 5  ? 6.112   -5.695  9.335   1.00 21.77 ? 24 G   B N7    1 
ATOM   466  C C5    . G   B 2 5  ? 5.849   -7.019  9.658   1.00 20.17 ? 24 G   B C5    1 
ATOM   467  C C6    . G   B 2 5  ? 5.621   -7.630  10.918  1.00 20.16 ? 24 G   B C6    1 
ATOM   468  O O6    . G   B 2 5  ? 5.600   -7.100  12.045  1.00 18.69 ? 24 G   B O6    1 
ATOM   469  N N1    . G   B 2 5  ? 5.394   -9.000  10.788  1.00 20.30 ? 24 G   B N1    1 
ATOM   470  C C2    . G   B 2 5  ? 5.381   -9.693  9.600   1.00 21.01 ? 24 G   B C2    1 
ATOM   471  N N2    . G   B 2 5  ? 5.148   -11.017 9.682   1.00 18.08 ? 24 G   B N2    1 
ATOM   472  N N3    . G   B 2 5  ? 5.584   -9.131  8.419   1.00 20.19 ? 24 G   B N3    1 
ATOM   473  C C4    . G   B 2 5  ? 5.813   -7.801  8.522   1.00 21.88 ? 24 G   B C4    1 
ATOM   474  P P     . U   B 2 6  ? 1.600   -6.491  4.832   1.00 22.92 ? 25 U   B P     1 
ATOM   475  O OP1   . U   B 2 6  ? 0.689   -6.601  3.670   1.00 22.83 ? 25 U   B OP1   1 
ATOM   476  O OP2   . U   B 2 6  ? 1.367   -5.433  5.851   1.00 20.80 ? 25 U   B OP2   1 
ATOM   477  O "O5'" . U   B 2 6  ? 1.596   -7.897  5.586   1.00 21.93 ? 25 U   B "O5'" 1 
ATOM   478  C "C5'" . U   B 2 6  ? 1.784   -9.110  4.867   1.00 18.79 ? 25 U   B "C5'" 1 
ATOM   479  C "C4'" . U   B 2 6  ? 1.419   -10.298 5.730   1.00 17.92 ? 25 U   B "C4'" 1 
ATOM   480  O "O4'" . U   B 2 6  ? 2.383   -10.463 6.805   1.00 17.67 ? 25 U   B "O4'" 1 
ATOM   481  C "C3'" . U   B 2 6  ? 0.083   -10.214 6.448   1.00 17.35 ? 25 U   B "C3'" 1 
ATOM   482  O "O3'" . U   B 2 6  ? -0.984  -10.557 5.570   1.00 16.07 ? 25 U   B "O3'" 1 
ATOM   483  C "C2'" . U   B 2 6  ? 0.267   -11.239 7.563   1.00 17.96 ? 25 U   B "C2'" 1 
ATOM   484  O "O2'" . U   B 2 6  ? 0.093   -12.569 7.111   1.00 21.03 ? 25 U   B "O2'" 1 
ATOM   485  C "C1'" . U   B 2 6  ? 1.737   -11.029 7.934   1.00 17.20 ? 25 U   B "C1'" 1 
ATOM   486  N N1    . U   B 2 6  ? 1.936   -10.151 9.099   1.00 18.59 ? 25 U   B N1    1 
ATOM   487  C C2    . U   B 2 6  ? 1.799   -10.721 10.355  1.00 17.13 ? 25 U   B C2    1 
ATOM   488  O O2    . U   B 2 6  ? 1.517   -11.893 10.527  1.00 17.52 ? 25 U   B O2    1 
ATOM   489  N N3    . U   B 2 6  ? 2.003   -9.873  11.405  1.00 18.72 ? 25 U   B N3    1 
ATOM   490  C C4    . U   B 2 6  ? 2.319   -8.547  11.350  1.00 20.03 ? 25 U   B C4    1 
ATOM   491  O O4    . U   B 2 6  ? 2.537   -7.942  12.399  1.00 18.52 ? 25 U   B O4    1 
ATOM   492  C C5    . U   B 2 6  ? 2.433   -8.015  10.021  1.00 20.96 ? 25 U   B C5    1 
ATOM   493  C C6    . U   B 2 6  ? 2.243   -8.821  8.965   1.00 19.73 ? 25 U   B C6    1 
ATOM   494  P P     . C   B 2 7  ? -2.378  -9.756  5.645   1.00 16.83 ? 26 C   B P     1 
ATOM   495  O OP1   . C   B 2 7  ? -3.174  -10.201 4.483   1.00 13.84 ? 26 C   B OP1   1 
ATOM   496  O OP2   . C   B 2 7  ? -2.114  -8.302  5.844   1.00 15.07 ? 26 C   B OP2   1 
ATOM   497  O "O5'" . C   B 2 7  ? -3.076  -10.319 6.966   1.00 17.33 ? 26 C   B "O5'" 1 
ATOM   498  C "C5'" . C   B 2 7  ? -3.468  -11.684 7.039   1.00 19.89 ? 26 C   B "C5'" 1 
ATOM   499  C "C4'" . C   B 2 7  ? -3.743  -12.078 8.471   1.00 21.34 ? 26 C   B "C4'" 1 
ATOM   500  O "O4'" . C   B 2 7  ? -2.517  -11.981 9.250   1.00 22.06 ? 26 C   B "O4'" 1 
ATOM   501  C "C3'" . C   B 2 7  ? -4.698  -11.180 9.236   1.00 21.98 ? 26 C   B "C3'" 1 
ATOM   502  O "O3'" . C   B 2 7  ? -6.069  -11.402 8.924   1.00 21.54 ? 26 C   B "O3'" 1 
ATOM   503  C "C2'" . C   B 2 7  ? -4.361  -11.547 10.674  1.00 23.20 ? 26 C   B "C2'" 1 
ATOM   504  O "O2'" . C   B 2 7  ? -4.938  -12.782 11.051  1.00 23.52 ? 26 C   B "O2'" 1 
ATOM   505  C "C1'" . C   B 2 7  ? -2.835  -11.660 10.600  1.00 21.00 ? 26 C   B "C1'" 1 
ATOM   506  N N1    . C   B 2 7  ? -2.169  -10.389 10.958  1.00 19.04 ? 26 C   B N1    1 
ATOM   507  C C2    . C   B 2 7  ? -1.964  -10.108 12.307  1.00 18.18 ? 26 C   B C2    1 
ATOM   508  O O2    . C   B 2 7  ? -2.315  -10.940 13.141  1.00 18.29 ? 26 C   B O2    1 
ATOM   509  N N3    . C   B 2 7  ? -1.385  -8.933  12.668  1.00 18.86 ? 26 C   B N3    1 
ATOM   510  C C4    . C   B 2 7  ? -1.008  -8.062  11.729  1.00 18.85 ? 26 C   B C4    1 
ATOM   511  N N4    . C   B 2 7  ? -0.454  -6.913  12.128  1.00 16.33 ? 26 C   B N4    1 
ATOM   512  C C5    . C   B 2 7  ? -1.190  -8.331  10.336  1.00 17.04 ? 26 C   B C5    1 
ATOM   513  C C6    . C   B 2 7  ? -1.772  -9.496  10.001  1.00 18.53 ? 26 C   B C6    1 
ATOM   514  P P     . A   B 2 8  ? -7.087  -10.158 8.956   1.00 24.79 ? 27 A   B P     1 
ATOM   515  O OP1   . A   B 2 8  ? -8.379  -10.582 8.360   1.00 25.74 ? 27 A   B OP1   1 
ATOM   516  O OP2   . A   B 2 8  ? -6.380  -8.978  8.403   1.00 25.28 ? 27 A   B OP2   1 
ATOM   517  O "O5'" . A   B 2 8  ? -7.319  -9.888  10.510  1.00 23.89 ? 27 A   B "O5'" 1 
ATOM   518  C "C5'" . A   B 2 8  ? -7.934  -10.881 11.325  1.00 27.55 ? 27 A   B "C5'" 1 
ATOM   519  C "C4'" . A   B 2 8  ? -7.812  -10.530 12.793  1.00 26.65 ? 27 A   B "C4'" 1 
ATOM   520  O "O4'" . A   B 2 8  ? -6.415  -10.507 13.184  1.00 27.07 ? 27 A   B "O4'" 1 
ATOM   521  C "C3'" . A   B 2 8  ? -8.318  -9.167  13.224  1.00 26.20 ? 27 A   B "C3'" 1 
ATOM   522  O "O3'" . A   B 2 8  ? -9.732  -9.183  13.364  1.00 23.30 ? 27 A   B "O3'" 1 
ATOM   523  C "C2'" . A   B 2 8  ? -7.617  -9.011  14.565  1.00 28.24 ? 27 A   B "C2'" 1 
ATOM   524  O "O2'" . A   B 2 8  ? -8.213  -9.809  15.570  1.00 32.03 ? 27 A   B "O2'" 1 
ATOM   525  C "C1'" . A   B 2 8  ? -6.235  -9.586  14.244  1.00 28.04 ? 27 A   B "C1'" 1 
ATOM   526  N N9    . A   B 2 8  ? -5.301  -8.554  13.799  1.00 28.30 ? 27 A   B N9    1 
ATOM   527  C C8    . A   B 2 8  ? -4.907  -8.266  12.518  1.00 28.63 ? 27 A   B C8    1 
ATOM   528  N N7    . A   B 2 8  ? -4.097  -7.243  12.434  1.00 29.22 ? 27 A   B N7    1 
ATOM   529  C C5    . A   B 2 8  ? -3.940  -6.836  13.751  1.00 29.09 ? 27 A   B C5    1 
ATOM   530  C C6    . A   B 2 8  ? -3.216  -5.789  14.332  1.00 28.73 ? 27 A   B C6    1 
ATOM   531  N N6    . A   B 2 8  ? -2.485  -4.923  13.635  1.00 28.02 ? 27 A   B N6    1 
ATOM   532  N N1    . A   B 2 8  ? -3.269  -5.660  15.673  1.00 29.70 ? 27 A   B N1    1 
ATOM   533  C C2    . A   B 2 8  ? -4.005  -6.529  16.372  1.00 29.63 ? 27 A   B C2    1 
ATOM   534  N N3    . A   B 2 8  ? -4.734  -7.548  15.938  1.00 29.60 ? 27 A   B N3    1 
ATOM   535  C C4    . A   B 2 8  ? -4.660  -7.646  14.602  1.00 27.68 ? 27 A   B C4    1 
ATOM   536  P P     . C   B 2 9  ? -10.571 -7.833  13.135  1.00 24.16 ? 28 C   B P     1 
ATOM   537  O OP1   . C   B 2 9  ? -12.010 -8.167  13.297  1.00 24.01 ? 28 C   B OP1   1 
ATOM   538  O OP2   . C   B 2 9  ? -10.102 -7.170  11.891  1.00 24.79 ? 28 C   B OP2   1 
ATOM   539  O "O5'" . C   B 2 9  ? -10.147 -6.895  14.350  1.00 24.32 ? 28 C   B "O5'" 1 
ATOM   540  C "C5'" . C   B 2 9  ? -10.348 -7.311  15.694  1.00 21.65 ? 28 C   B "C5'" 1 
ATOM   541  C "C4'" . C   B 2 9  ? -9.626  -6.387  16.638  1.00 22.41 ? 28 C   B "C4'" 1 
ATOM   542  O "O4'" . C   B 2 9  ? -8.194  -6.453  16.387  1.00 21.73 ? 28 C   B "O4'" 1 
ATOM   543  C "C3'" . C   B 2 9  ? -9.926  -4.903  16.482  1.00 21.22 ? 28 C   B "C3'" 1 
ATOM   544  O "O3'" . C   B 2 9  ? -11.149 -4.544  17.104  1.00 20.74 ? 28 C   B "O3'" 1 
ATOM   545  C "C2'" . C   B 2 9  ? -8.731  -4.294  17.199  1.00 21.35 ? 28 C   B "C2'" 1 
ATOM   546  O "O2'" . C   B 2 9  ? -8.830  -4.425  18.602  1.00 18.30 ? 28 C   B "O2'" 1 
ATOM   547  C "C1'" . C   B 2 9  ? -7.605  -5.194  16.692  1.00 21.26 ? 28 C   B "C1'" 1 
ATOM   548  N N1    . C   B 2 9  ? -6.972  -4.642  15.478  1.00 21.49 ? 28 C   B N1    1 
ATOM   549  C C2    . C   B 2 9  ? -6.055  -3.591  15.630  1.00 21.31 ? 28 C   B C2    1 
ATOM   550  O O2    . C   B 2 9  ? -5.795  -3.184  16.776  1.00 18.66 ? 28 C   B O2    1 
ATOM   551  N N3    . C   B 2 9  ? -5.477  -3.044  14.526  1.00 20.67 ? 28 C   B N3    1 
ATOM   552  C C4    . C   B 2 9  ? -5.784  -3.512  13.314  1.00 18.94 ? 28 C   B C4    1 
ATOM   553  N N4    . C   B 2 9  ? -5.208  -2.933  12.262  1.00 16.54 ? 28 C   B N4    1 
ATOM   554  C C5    . C   B 2 9  ? -6.701  -4.594  13.130  1.00 20.13 ? 28 C   B C5    1 
ATOM   555  C C6    . C   B 2 9  ? -7.266  -5.124  14.230  1.00 20.79 ? 28 C   B C6    1 
ATOM   556  P P     . A   B 2 10 ? -12.009 -3.320  16.522  1.00 22.63 ? 29 A   B P     1 
ATOM   557  O OP1   . A   B 2 10 ? -13.332 -3.367  17.187  1.00 21.75 ? 29 A   B OP1   1 
ATOM   558  O OP2   . A   B 2 10 ? -11.942 -3.311  15.038  1.00 20.91 ? 29 A   B OP2   1 
ATOM   559  O "O5'" . A   B 2 10 ? -11.230 -2.022  17.036  1.00 22.13 ? 29 A   B "O5'" 1 
ATOM   560  C "C5'" . A   B 2 10 ? -10.970 -1.817  18.418  1.00 21.71 ? 29 A   B "C5'" 1 
ATOM   561  C "C4'" . A   B 2 10 ? -10.016 -0.657  18.610  1.00 22.33 ? 29 A   B "C4'" 1 
ATOM   562  O "O4'" . A   B 2 10 ? -8.696  -1.006  18.108  1.00 22.64 ? 29 A   B "O4'" 1 
ATOM   563  C "C3'" . A   B 2 10 ? -10.368 0.623   17.872  1.00 21.39 ? 29 A   B "C3'" 1 
ATOM   564  O "O3'" . A   B 2 10 ? -11.336 1.366   18.599  1.00 21.85 ? 29 A   B "O3'" 1 
ATOM   565  C "C2'" . A   B 2 10 ? -9.017  1.325   17.823  1.00 23.29 ? 29 A   B "C2'" 1 
ATOM   566  O "O2'" . A   B 2 10 ? -8.670  1.901   19.069  1.00 24.25 ? 29 A   B "O2'" 1 
ATOM   567  C "C1'" . A   B 2 10 ? -8.077  0.146   17.551  1.00 22.77 ? 29 A   B "C1'" 1 
ATOM   568  N N9    . A   B 2 10 ? -7.836  -0.101  16.125  1.00 22.13 ? 29 A   B N9    1 
ATOM   569  C C8    . A   B 2 10 ? -8.451  -1.036  15.325  1.00 22.04 ? 29 A   B C8    1 
ATOM   570  N N7    . A   B 2 10 ? -8.028  -1.032  14.083  1.00 21.87 ? 29 A   B N7    1 
ATOM   571  C C5    . A   B 2 10 ? -7.072  -0.024  14.058  1.00 20.66 ? 29 A   B C5    1 
ATOM   572  C C6    . A   B 2 10 ? -6.265  0.494   13.026  1.00 18.34 ? 29 A   B C6    1 
ATOM   573  N N6    . A   B 2 10 ? -6.293  0.052   11.772  1.00 15.96 ? 29 A   B N6    1 
ATOM   574  N N1    . A   B 2 10 ? -5.422  1.503   13.333  1.00 17.64 ? 29 A   B N1    1 
ATOM   575  C C2    . A   B 2 10 ? -5.405  1.964   14.588  1.00 17.46 ? 29 A   B C2    1 
ATOM   576  N N3    . A   B 2 10 ? -6.118  1.570   15.641  1.00 20.03 ? 29 A   B N3    1 
ATOM   577  C C4    . A   B 2 10 ? -6.942  0.559   15.309  1.00 21.27 ? 29 A   B C4    1 
ATOM   578  P P     . C   B 2 11 ? -12.373 2.323   17.818  1.00 23.66 ? 30 C   B P     1 
ATOM   579  O OP1   . C   B 2 11 ? -13.401 2.720   18.810  1.00 22.98 ? 30 C   B OP1   1 
ATOM   580  O OP2   . C   B 2 11 ? -12.803 1.692   16.548  1.00 23.03 ? 30 C   B OP2   1 
ATOM   581  O "O5'" . C   B 2 11 ? -11.497 3.615   17.478  1.00 22.25 ? 30 C   B "O5'" 1 
ATOM   582  C "C5'" . C   B 2 11 ? -10.947 4.413   18.528  1.00 20.61 ? 30 C   B "C5'" 1 
ATOM   583  C "C4'" . C   B 2 11 ? -9.956  5.413   17.972  1.00 18.97 ? 30 C   B "C4'" 1 
ATOM   584  O "O4'" . C   B 2 11 ? -8.823  4.700   17.422  1.00 18.38 ? 30 C   B "O4'" 1 
ATOM   585  C "C3'" . C   B 2 11 ? -10.446 6.261   16.809  1.00 19.06 ? 30 C   B "C3'" 1 
ATOM   586  O "O3'" . C   B 2 11 ? -11.194 7.383   17.250  1.00 17.43 ? 30 C   B "O3'" 1 
ATOM   587  C "C2'" . C   B 2 11 ? -9.138  6.679   16.155  1.00 18.64 ? 30 C   B "C2'" 1 
ATOM   588  O "O2'" . C   B 2 11 ? -8.490  7.726   16.846  1.00 16.53 ? 30 C   B "O2'" 1 
ATOM   589  C "C1'" . C   B 2 11 ? -8.320  5.395   16.289  1.00 18.56 ? 30 C   B "C1'" 1 
ATOM   590  N N1    . C   B 2 11 ? -8.440  4.525   15.103  1.00 15.22 ? 30 C   B N1    1 
ATOM   591  C C2    . C   B 2 11 ? -7.684  4.841   13.970  1.00 16.76 ? 30 C   B C2    1 
ATOM   592  O O2    . C   B 2 11 ? -6.974  5.860   13.995  1.00 16.92 ? 30 C   B O2    1 
ATOM   593  N N3    . C   B 2 11 ? -7.754  4.041   12.873  1.00 14.88 ? 30 C   B N3    1 
ATOM   594  C C4    . C   B 2 11 ? -8.551  2.967   12.886  1.00 17.03 ? 30 C   B C4    1 
ATOM   595  N N4    . C   B 2 11 ? -8.579  2.183   11.793  1.00 17.42 ? 30 C   B N4    1 
ATOM   596  C C5    . C   B 2 11 ? -9.355  2.638   14.025  1.00 16.05 ? 30 C   B C5    1 
ATOM   597  C C6    . C   B 2 11 ? -9.265  3.434   15.101  1.00 14.58 ? 30 C   B C6    1 
ATOM   598  P P     . C   B 2 12 ? -12.469 7.864   16.402  1.00 19.44 ? 31 C   B P     1 
ATOM   599  O OP1   . C   B 2 12 ? -13.221 8.825   17.239  1.00 20.65 ? 31 C   B OP1   1 
ATOM   600  O OP2   . C   B 2 12 ? -13.155 6.659   15.874  1.00 17.61 ? 31 C   B OP2   1 
ATOM   601  O "O5'" . C   B 2 12 ? -11.841 8.656   15.162  1.00 21.42 ? 31 C   B "O5'" 1 
ATOM   602  C "C5'" . C   B 2 12 ? -11.085 9.853   15.356  1.00 17.83 ? 31 C   B "C5'" 1 
ATOM   603  C "C4'" . C   B 2 12 ? -10.415 10.274  14.058  1.00 16.61 ? 31 C   B "C4'" 1 
ATOM   604  O "O4'" . C   B 2 12 ? -9.456  9.264   13.651  1.00 17.03 ? 31 C   B "O4'" 1 
ATOM   605  C "C3'" . C   B 2 12 ? -11.299 10.421  12.832  1.00 14.78 ? 31 C   B "C3'" 1 
ATOM   606  O "O3'" . C   B 2 12 ? -11.948 11.676  12.816  1.00 17.86 ? 31 C   B "O3'" 1 
ATOM   607  C "C2'" . C   B 2 12 ? -10.280 10.337  11.706  1.00 14.92 ? 31 C   B "C2'" 1 
ATOM   608  O "O2'" . C   B 2 12 ? -9.551  11.538  11.540  1.00 11.69 ? 31 C   B "O2'" 1 
ATOM   609  C "C1'" . C   B 2 12 ? -9.348  9.245   12.230  1.00 15.56 ? 31 C   B "C1'" 1 
ATOM   610  N N1    . C   B 2 12 ? -9.700  7.890   11.741  1.00 13.57 ? 31 C   B N1    1 
ATOM   611  C C2    . C   B 2 12 ? -9.256  7.491   10.467  1.00 13.58 ? 31 C   B C2    1 
ATOM   612  O O2    . C   B 2 12 ? -8.596  8.284   9.788   1.00 12.44 ? 31 C   B O2    1 
ATOM   613  N N3    . C   B 2 12 ? -9.560  6.255   10.016  1.00 10.81 ? 31 C   B N3    1 
ATOM   614  C C4    . C   B 2 12 ? -10.277 5.428   10.776  1.00 13.61 ? 31 C   B C4    1 
ATOM   615  N N4    . C   B 2 12 ? -10.556 4.217   10.285  1.00 14.33 ? 31 C   B N4    1 
ATOM   616  C C5    . C   B 2 12 ? -10.741 5.804   12.075  1.00 12.23 ? 31 C   B C5    1 
ATOM   617  C C6    . C   B 2 12 ? -10.435 7.033   12.511  1.00 11.54 ? 31 C   B C6    1 
ATOM   618  P P     . A   B 2 13 ? -13.371 11.830  12.091  1.00 20.65 ? 32 A   B P     1 
ATOM   619  O OP1   . A   B 2 13 ? -13.884 13.159  12.482  1.00 20.68 ? 32 A   B OP1   1 
ATOM   620  O OP2   . A   B 2 13 ? -14.188 10.624  12.370  1.00 21.05 ? 32 A   B OP2   1 
ATOM   621  O "O5'" . A   B 2 13 ? -12.995 11.871  10.542  1.00 18.28 ? 32 A   B "O5'" 1 
ATOM   622  C "C5'" . A   B 2 13 ? -12.283 12.980  10.007  1.00 19.72 ? 32 A   B "C5'" 1 
ATOM   623  C "C4'" . A   B 2 13 ? -11.918 12.730  8.557   1.00 18.26 ? 32 A   B "C4'" 1 
ATOM   624  O "O4'" . A   B 2 13 ? -10.956 11.641  8.460   1.00 20.38 ? 32 A   B "O4'" 1 
ATOM   625  C "C3'" . A   B 2 13 ? -13.059 12.289  7.661   1.00 18.32 ? 32 A   B "C3'" 1 
ATOM   626  O "O3'" . A   B 2 13 ? -13.836 13.402  7.231   1.00 18.99 ? 32 A   B "O3'" 1 
ATOM   627  C "C2'" . A   B 2 13 ? -12.311 11.619  6.517   1.00 18.71 ? 32 A   B "C2'" 1 
ATOM   628  O "O2'" . A   B 2 13 ? -11.715 12.537  5.627   1.00 17.05 ? 32 A   B "O2'" 1 
ATOM   629  C "C1'" . A   B 2 13 ? -11.200 10.896  7.275   1.00 19.03 ? 32 A   B "C1'" 1 
ATOM   630  N N9    . A   B 2 13 ? -11.580 9.535   7.652   1.00 20.49 ? 32 A   B N9    1 
ATOM   631  C C8    . A   B 2 13 ? -12.060 9.109   8.863   1.00 19.39 ? 32 A   B C8    1 
ATOM   632  N N7    . A   B 2 13 ? -12.308 7.823   8.910   1.00 19.68 ? 32 A   B N7    1 
ATOM   633  C C5    . A   B 2 13 ? -11.967 7.370   7.644   1.00 20.06 ? 32 A   B C5    1 
ATOM   634  C C6    . A   B 2 13 ? -11.977 6.090   7.066   1.00 19.54 ? 32 A   B C6    1 
ATOM   635  N N6    . A   B 2 13 ? -12.336 4.986   7.726   1.00 17.22 ? 32 A   B N6    1 
ATOM   636  N N1    . A   B 2 13 ? -11.586 5.979   5.778   1.00 21.50 ? 32 A   B N1    1 
ATOM   637  C C2    . A   B 2 13 ? -11.192 7.083   5.133   1.00 21.86 ? 32 A   B C2    1 
ATOM   638  N N3    . A   B 2 13 ? -11.119 8.339   5.578   1.00 22.14 ? 32 A   B N3    1 
ATOM   639  C C4    . A   B 2 13 ? -11.526 8.414   6.854   1.00 20.29 ? 32 A   B C4    1 
ATOM   640  P P     . C   B 2 14 ? -15.416 13.218  6.969   1.00 22.21 ? 33 C   B P     1 
ATOM   641  O OP1   . C   B 2 14 ? -15.951 14.563  6.646   1.00 18.11 ? 33 C   B OP1   1 
ATOM   642  O OP2   . C   B 2 14 ? -16.009 12.443  8.080   1.00 19.50 ? 33 C   B OP2   1 
ATOM   643  O "O5'" . C   B 2 14 ? -15.473 12.333  5.643   1.00 21.09 ? 33 C   B "O5'" 1 
ATOM   644  C "C5'" . C   B 2 14 ? -14.925 12.841  4.428   1.00 23.74 ? 33 C   B "C5'" 1 
ATOM   645  C "C4'" . C   B 2 14 ? -14.753 11.737  3.413   1.00 26.25 ? 33 C   B "C4'" 1 
ATOM   646  O "O4'" . C   B 2 14 ? -13.841 10.731  3.930   1.00 25.15 ? 33 C   B "O4'" 1 
ATOM   647  C "C3'" . C   B 2 14 ? -15.993 10.930  3.072   1.00 26.94 ? 33 C   B "C3'" 1 
ATOM   648  O "O3'" . C   B 2 14 ? -16.832 11.595  2.143   1.00 28.80 ? 33 C   B "O3'" 1 
ATOM   649  C "C2'" . C   B 2 14 ? -15.379 9.684   2.458   1.00 27.36 ? 33 C   B "C2'" 1 
ATOM   650  O "O2'" . C   B 2 14 ? -14.918 9.901   1.141   1.00 28.79 ? 33 C   B "O2'" 1 
ATOM   651  C "C1'" . C   B 2 14 ? -14.181 9.466   3.381   1.00 26.52 ? 33 C   B "C1'" 1 
ATOM   652  N N1    . C   B 2 14 ? -14.521 8.542   4.469   1.00 25.75 ? 33 C   B N1    1 
ATOM   653  C C2    . C   B 2 14 ? -14.465 7.172   4.207   1.00 26.42 ? 33 C   B C2    1 
ATOM   654  O O2    . C   B 2 14 ? -14.108 6.795   3.077   1.00 26.64 ? 33 C   B O2    1 
ATOM   655  N N3    . C   B 2 14 ? -14.795 6.295   5.184   1.00 26.32 ? 33 C   B N3    1 
ATOM   656  C C4    . C   B 2 14 ? -15.171 6.747   6.386   1.00 25.90 ? 33 C   B C4    1 
ATOM   657  N N4    . C   B 2 14 ? -15.498 5.849   7.316   1.00 23.31 ? 33 C   B N4    1 
ATOM   658  C C5    . C   B 2 14 ? -15.227 8.141   6.681   1.00 24.83 ? 33 C   B C5    1 
ATOM   659  C C6    . C   B 2 14 ? -14.897 8.995   5.702   1.00 25.32 ? 33 C   B C6    1 
ATOM   660  P P     . C   B 2 15 ? -18.377 11.173  2.035   1.00 30.27 ? 34 C   B P     1 
ATOM   661  O OP1   . C   B 2 15 ? -19.045 12.185  1.173   1.00 30.87 ? 34 C   B OP1   1 
ATOM   662  O OP2   . C   B 2 15 ? -18.871 10.934  3.419   1.00 30.59 ? 34 C   B OP2   1 
ATOM   663  O "O5'" . C   B 2 15 ? -18.354 9.779   1.261   1.00 31.52 ? 34 C   B "O5'" 1 
ATOM   664  C "C5'" . C   B 2 15 ? -17.976 9.716   -0.111  1.00 32.24 ? 34 C   B "C5'" 1 
ATOM   665  C "C4'" . C   B 2 15 ? -17.989 8.287   -0.607  1.00 32.68 ? 34 C   B "C4'" 1 
ATOM   666  O "O4'" . C   B 2 15 ? -17.003 7.507   0.127   1.00 33.84 ? 34 C   B "O4'" 1 
ATOM   667  C "C3'" . C   B 2 15 ? -19.275 7.499   -0.418  1.00 33.24 ? 34 C   B "C3'" 1 
ATOM   668  O "O3'" . C   B 2 15 ? -20.240 7.760   -1.428  1.00 33.15 ? 34 C   B "O3'" 1 
ATOM   669  C "C2'" . C   B 2 15 ? -18.767 6.072   -0.518  1.00 32.62 ? 34 C   B "C2'" 1 
ATOM   670  O "O2'" . C   B 2 15 ? -18.463 5.737   -1.856  1.00 30.78 ? 34 C   B "O2'" 1 
ATOM   671  C "C1'" . C   B 2 15 ? -17.471 6.175   0.286   1.00 31.79 ? 34 C   B "C1'" 1 
ATOM   672  N N1    . C   B 2 15 ? -17.670 5.914   1.724   1.00 29.26 ? 34 C   B N1    1 
ATOM   673  C C2    . C   B 2 15 ? -17.817 4.587   2.154   1.00 29.08 ? 34 C   B C2    1 
ATOM   674  O O2    . C   B 2 15 ? -17.804 3.674   1.309   1.00 28.27 ? 34 C   B O2    1 
ATOM   675  N N3    . C   B 2 15 ? -17.971 4.331   3.475   1.00 27.77 ? 34 C   B N3    1 
ATOM   676  C C4    . C   B 2 15 ? -17.981 5.335   4.351   1.00 27.11 ? 34 C   B C4    1 
ATOM   677  N N4    . C   B 2 15 ? -18.108 5.028   5.643   1.00 25.51 ? 34 C   B N4    1 
ATOM   678  C C5    . C   B 2 15 ? -17.853 6.697   3.942   1.00 26.97 ? 34 C   B C5    1 
ATOM   679  C C6    . C   B 2 15 ? -17.702 6.938   2.630   1.00 28.23 ? 34 C   B C6    1 
ATOM   680  P P     . C   B 2 16 ? -21.796 7.845   -1.026  1.00 35.93 ? 35 C   B P     1 
ATOM   681  O OP1   . C   B 2 16 ? -22.516 8.503   -2.153  1.00 33.56 ? 35 C   B OP1   1 
ATOM   682  O OP2   . C   B 2 16 ? -21.864 8.443   0.340   1.00 34.69 ? 35 C   B OP2   1 
ATOM   683  O "O5'" . C   B 2 16 ? -22.260 6.322   -0.899  1.00 33.05 ? 35 C   B "O5'" 1 
ATOM   684  C "C5'" . C   B 2 16 ? -21.974 5.374   -1.926  1.00 33.71 ? 35 C   B "C5'" 1 
ATOM   685  C "C4'" . C   B 2 16 ? -22.213 3.963   -1.423  1.00 34.58 ? 35 C   B "C4'" 1 
ATOM   686  O "O4'" . C   B 2 16 ? -21.246 3.626   -0.390  1.00 33.16 ? 35 C   B "O4'" 1 
ATOM   687  C "C3'" . C   B 2 16 ? -23.553 3.714   -0.747  1.00 34.93 ? 35 C   B "C3'" 1 
ATOM   688  O "O3'" . C   B 2 16 ? -24.683 3.623   -1.617  1.00 33.75 ? 35 C   B "O3'" 1 
ATOM   689  C "C2'" . C   B 2 16 ? -23.276 2.454   0.067   1.00 35.60 ? 35 C   B "C2'" 1 
ATOM   690  O "O2'" . C   B 2 16 ? -23.370 1.260   -0.686  1.00 37.86 ? 35 C   B "O2'" 1 
ATOM   691  C "C1'" . C   B 2 16 ? -21.823 2.681   0.498   1.00 34.49 ? 35 C   B "C1'" 1 
ATOM   692  N N1    . C   B 2 16 ? -21.716 3.180   1.878   1.00 31.75 ? 35 C   B N1    1 
ATOM   693  C C2    . C   B 2 16 ? -21.753 2.252   2.918   1.00 31.20 ? 35 C   B C2    1 
ATOM   694  O O2    . C   B 2 16 ? -21.878 1.053   2.639   1.00 31.76 ? 35 C   B O2    1 
ATOM   695  N N3    . C   B 2 16 ? -21.653 2.678   4.198   1.00 29.71 ? 35 C   B N3    1 
ATOM   696  C C4    . C   B 2 16 ? -21.519 3.979   4.457   1.00 30.73 ? 35 C   B C4    1 
ATOM   697  N N4    . C   B 2 16 ? -21.409 4.349   5.733   1.00 28.65 ? 35 C   B N4    1 
ATOM   698  C C5    . C   B 2 16 ? -21.488 4.957   3.414   1.00 31.16 ? 35 C   B C5    1 
ATOM   699  C C6    . C   B 2 16 ? -21.587 4.515   2.149   1.00 32.25 ? 35 C   B C6    1 
ATOM   700  O "O5'" . G   C 1 1  ? 12.120  -3.842  1.237   1.00 32.47 ? 1  G   C "O5'" 1 
ATOM   701  C "C5'" . G   C 1 1  ? 12.164  -3.648  2.668   1.00 31.25 ? 1  G   C "C5'" 1 
ATOM   702  C "C4'" . G   C 1 1  ? 13.196  -2.635  3.120   1.00 28.65 ? 1  G   C "C4'" 1 
ATOM   703  O "O4'" . G   C 1 1  ? 14.521  -3.148  2.834   1.00 27.43 ? 1  G   C "O4'" 1 
ATOM   704  C "C3'" . G   C 1 1  ? 13.142  -1.294  2.401   1.00 28.75 ? 1  G   C "C3'" 1 
ATOM   705  O "O3'" . G   C 1 1  ? 12.197  -0.402  2.980   1.00 27.80 ? 1  G   C "O3'" 1 
ATOM   706  C "C2'" . G   C 1 1  ? 14.571  -0.792  2.534   1.00 27.63 ? 1  G   C "C2'" 1 
ATOM   707  O "O2'" . G   C 1 1  ? 14.859  -0.184  3.771   1.00 27.80 ? 1  G   C "O2'" 1 
ATOM   708  C "C1'" . G   C 1 1  ? 15.355  -2.094  2.375   1.00 25.86 ? 1  G   C "C1'" 1 
ATOM   709  N N9    . G   C 1 1  ? 15.671  -2.348  0.975   1.00 22.39 ? 1  G   C N9    1 
ATOM   710  C C8    . G   C 1 1  ? 15.233  -3.391  0.197   1.00 20.79 ? 1  G   C C8    1 
ATOM   711  N N7    . G   C 1 1  ? 15.688  -3.344  -1.026  1.00 20.02 ? 1  G   C N7    1 
ATOM   712  C C5    . G   C 1 1  ? 16.475  -2.198  -1.056  1.00 19.19 ? 1  G   C C5    1 
ATOM   713  C C6    . G   C 1 1  ? 17.234  -1.633  -2.110  1.00 18.48 ? 1  G   C C6    1 
ATOM   714  O O6    . G   C 1 1  ? 17.381  -2.058  -3.264  1.00 15.71 ? 1  G   C O6    1 
ATOM   715  N N1    . G   C 1 1  ? 17.871  -0.456  -1.712  1.00 16.89 ? 1  G   C N1    1 
ATOM   716  C C2    . G   C 1 1  ? 17.792  0.097   -0.454  1.00 17.90 ? 1  G   C C2    1 
ATOM   717  N N2    . G   C 1 1  ? 18.463  1.245   -0.257  1.00 14.94 ? 1  G   C N2    1 
ATOM   718  N N3    . G   C 1 1  ? 17.101  -0.434  0.542   1.00 18.76 ? 1  G   C N3    1 
ATOM   719  C C4    . G   C 1 1  ? 16.470  -1.570  0.170   1.00 20.86 ? 1  G   C C4    1 
ATOM   720  P P     . G   C 1 2  ? 11.280  0.502   2.022   1.00 27.36 ? 2  G   C P     1 
ATOM   721  O OP1   . G   C 1 2  ? 10.367  1.265   2.916   1.00 27.28 ? 2  G   C OP1   1 
ATOM   722  O OP2   . G   C 1 2  ? 10.715  -0.349  0.944   1.00 27.50 ? 2  G   C OP2   1 
ATOM   723  O "O5'" . G   C 1 2  ? 12.310  1.513   1.346   1.00 24.97 ? 2  G   C "O5'" 1 
ATOM   724  C "C5'" . G   C 1 2  ? 12.926  2.549   2.110   1.00 21.17 ? 2  G   C "C5'" 1 
ATOM   725  C "C4'" . G   C 1 2  ? 13.864  3.366   1.241   1.00 19.97 ? 2  G   C "C4'" 1 
ATOM   726  O "O4'" . G   C 1 2  ? 14.937  2.520   0.730   1.00 18.32 ? 2  G   C "O4'" 1 
ATOM   727  C "C3'" . G   C 1 2  ? 13.281  3.956   -0.029  1.00 18.41 ? 2  G   C "C3'" 1 
ATOM   728  O "O3'" . G   C 1 2  ? 12.510  5.126   0.213   1.00 19.07 ? 2  G   C "O3'" 1 
ATOM   729  C "C2'" . G   C 1 2  ? 14.547  4.262   -0.820  1.00 18.18 ? 2  G   C "C2'" 1 
ATOM   730  O "O2'" . G   C 1 2  ? 15.228  5.396   -0.337  1.00 14.37 ? 2  G   C "O2'" 1 
ATOM   731  C "C1'" . G   C 1 2  ? 15.388  3.022   -0.517  1.00 15.79 ? 2  G   C "C1'" 1 
ATOM   732  N N9    . G   C 1 2  ? 15.217  1.996   -1.538  1.00 13.52 ? 2  G   C N9    1 
ATOM   733  C C8    . G   C 1 2  ? 14.534  0.808   -1.437  1.00 14.12 ? 2  G   C C8    1 
ATOM   734  N N7    . G   C 1 2  ? 14.550  0.113   -2.543  1.00 13.52 ? 2  G   C N7    1 
ATOM   735  C C5    . G   C 1 2  ? 15.292  0.888   -3.425  1.00 13.14 ? 2  G   C C5    1 
ATOM   736  C C6    . G   C 1 2  ? 15.644  0.662   -4.798  1.00 13.32 ? 2  G   C C6    1 
ATOM   737  O O6    . G   C 1 2  ? 15.342  -0.286  -5.530  1.00 11.70 ? 2  G   C O6    1 
ATOM   738  N N1    . G   C 1 2  ? 16.420  1.702   -5.303  1.00 13.64 ? 2  G   C N1    1 
ATOM   739  C C2    . G   C 1 2  ? 16.799  2.823   -4.593  1.00 14.22 ? 2  G   C C2    1 
ATOM   740  N N2    . G   C 1 2  ? 17.564  3.705   -5.241  1.00 13.30 ? 2  G   C N2    1 
ATOM   741  N N3    . G   C 1 2  ? 16.457  3.055   -3.332  1.00 12.90 ? 2  G   C N3    1 
ATOM   742  C C4    . G   C 1 2  ? 15.714  2.050   -2.815  1.00 12.62 ? 2  G   C C4    1 
ATOM   743  P P     . U   C 1 3  ? 11.401  5.586   -0.866  1.00 20.21 ? 3  U   C P     1 
ATOM   744  O OP1   . U   C 1 3  ? 10.562  6.623   -0.220  1.00 16.99 ? 3  U   C OP1   1 
ATOM   745  O OP2   . U   C 1 3  ? 10.760  4.367   -1.441  1.00 18.27 ? 3  U   C OP2   1 
ATOM   746  O "O5'" . U   C 1 3  ? 12.250  6.259   -2.036  1.00 18.61 ? 3  U   C "O5'" 1 
ATOM   747  C "C5'" . U   C 1 3  ? 12.912  7.500   -1.830  1.00 17.17 ? 3  U   C "C5'" 1 
ATOM   748  C "C4'" . U   C 1 3  ? 13.614  7.941   -3.097  1.00 17.38 ? 3  U   C "C4'" 1 
ATOM   749  O "O4'" . U   C 1 3  ? 14.641  6.963   -3.452  1.00 17.55 ? 3  U   C "O4'" 1 
ATOM   750  C "C3'" . U   C 1 3  ? 12.765  8.006   -4.357  1.00 15.66 ? 3  U   C "C3'" 1 
ATOM   751  O "O3'" . U   C 1 3  ? 11.934  9.158   -4.425  1.00 13.38 ? 3  U   C "O3'" 1 
ATOM   752  C "C2'" . U   C 1 3  ? 13.838  7.970   -5.437  1.00 16.49 ? 3  U   C "C2'" 1 
ATOM   753  O "O2'" . U   C 1 3  ? 14.536  9.196   -5.552  1.00 12.33 ? 3  U   C "O2'" 1 
ATOM   754  C "C1'" . U   C 1 3  ? 14.772  6.897   -4.871  1.00 16.38 ? 3  U   C "C1'" 1 
ATOM   755  N N1    . U   C 1 3  ? 14.361  5.556   -5.316  1.00 16.87 ? 3  U   C N1    1 
ATOM   756  C C2    . U   C 1 3  ? 14.802  5.125   -6.560  1.00 16.01 ? 3  U   C C2    1 
ATOM   757  O O2    . U   C 1 3  ? 15.530  5.790   -7.265  1.00 15.86 ? 3  U   C O2    1 
ATOM   758  N N3    . U   C 1 3  ? 14.358  3.881   -6.938  1.00 15.68 ? 3  U   C N3    1 
ATOM   759  C C4    . U   C 1 3  ? 13.541  3.038   -6.216  1.00 17.36 ? 3  U   C C4    1 
ATOM   760  O O4    . U   C 1 3  ? 13.250  1.944   -6.681  1.00 19.49 ? 3  U   C O4    1 
ATOM   761  C C5    . U   C 1 3  ? 13.133  3.542   -4.936  1.00 15.89 ? 3  U   C C5    1 
ATOM   762  C C6    . U   C 1 3  ? 13.548  4.756   -4.540  1.00 18.54 ? 3  U   C C6    1 
ATOM   763  P P     . G   C 1 4  ? 10.480  9.035   -5.108  1.00 12.80 ? 4  G   C P     1 
ATOM   764  O OP1   . G   C 1 4  ? 9.759   10.309  -4.912  1.00 12.80 ? 4  G   C OP1   1 
ATOM   765  O OP2   . G   C 1 4  ? 9.862   7.764   -4.632  1.00 12.24 ? 4  G   C OP2   1 
ATOM   766  O "O5'" . G   C 1 4  ? 10.832  8.899   -6.660  1.00 14.41 ? 4  G   C "O5'" 1 
ATOM   767  C "C5'" . G   C 1 4  ? 11.457  9.983   -7.344  1.00 15.41 ? 4  G   C "C5'" 1 
ATOM   768  C "C4'" . G   C 1 4  ? 11.947  9.554   -8.707  1.00 14.86 ? 4  G   C "C4'" 1 
ATOM   769  O "O4'" . G   C 1 4  ? 12.898  8.464   -8.569  1.00 15.94 ? 4  G   C "O4'" 1 
ATOM   770  C "C3'" . G   C 1 4  ? 10.909  8.976   -9.650  1.00 12.62 ? 4  G   C "C3'" 1 
ATOM   771  O "O3'" . G   C 1 4  ? 10.124  9.976   -10.272 1.00 13.11 ? 4  G   C "O3'" 1 
ATOM   772  C "C2'" . G   C 1 4  ? 11.797  8.267   -10.651 1.00 13.82 ? 4  G   C "C2'" 1 
ATOM   773  O "O2'" . G   C 1 4  ? 12.425  9.174   -11.529 1.00 14.24 ? 4  G   C "O2'" 1 
ATOM   774  C "C1'" . G   C 1 4  ? 12.812  7.617   -9.713  1.00 13.67 ? 4  G   C "C1'" 1 
ATOM   775  N N9    . G   C 1 4  ? 12.315  6.314   -9.287  1.00 13.62 ? 4  G   C N9    1 
ATOM   776  C C8    . G   C 1 4  ? 11.720  5.989   -8.089  1.00 15.00 ? 4  G   C C8    1 
ATOM   777  N N7    . G   C 1 4  ? 11.363  4.733   -8.017  1.00 15.48 ? 4  G   C N7    1 
ATOM   778  C C5    . G   C 1 4  ? 11.752  4.196   -9.242  1.00 15.12 ? 4  G   C C5    1 
ATOM   779  C C6    . G   C 1 4  ? 11.625  2.872   -9.752  1.00 14.43 ? 4  G   C C6    1 
ATOM   780  O O6    . G   C 1 4  ? 11.134  1.878   -9.204  1.00 11.36 ? 4  G   C O6    1 
ATOM   781  N N1    . G   C 1 4  ? 12.141  2.771   -11.043 1.00 15.79 ? 4  G   C N1    1 
ATOM   782  C C2    . G   C 1 4  ? 12.696  3.811   -11.755 1.00 16.75 ? 4  G   C C2    1 
ATOM   783  N N2    . G   C 1 4  ? 13.132  3.519   -12.995 1.00 17.31 ? 4  G   C N2    1 
ATOM   784  N N3    . G   C 1 4  ? 12.816  5.048   -11.289 1.00 13.69 ? 4  G   C N3    1 
ATOM   785  C C4    . G   C 1 4  ? 12.334  5.163   -10.037 1.00 13.84 ? 4  G   C C4    1 
ATOM   786  P P     . G   C 1 5  ? 8.599   9.652   -10.657 1.00 13.00 ? 5  G   C P     1 
ATOM   787  O OP1   . G   C 1 5  ? 7.963   10.891  -11.145 1.00 15.02 ? 5  G   C OP1   1 
ATOM   788  O OP2   . G   C 1 5  ? 7.990   8.920   -9.515  1.00 18.45 ? 5  G   C OP2   1 
ATOM   789  O "O5'" . G   C 1 5  ? 8.727   8.631   -11.880 1.00 15.67 ? 5  G   C "O5'" 1 
ATOM   790  C "C5'" . G   C 1 5  ? 9.413   9.011   -13.072 1.00 15.54 ? 5  G   C "C5'" 1 
ATOM   791  C "C4'" . G   C 1 5  ? 9.552   7.827   -14.014 1.00 17.81 ? 5  G   C "C4'" 1 
ATOM   792  O "O4'" . G   C 1 5  ? 10.374  6.804   -13.392 1.00 17.26 ? 5  G   C "O4'" 1 
ATOM   793  C "C3'" . G   C 1 5  ? 8.277   7.081   -14.389 1.00 16.76 ? 5  G   C "C3'" 1 
ATOM   794  O "O3'" . G   C 1 5  ? 7.573   7.746   -15.426 1.00 17.50 ? 5  G   C "O3'" 1 
ATOM   795  C "C2'" . G   C 1 5  ? 8.849   5.756   -14.871 1.00 18.85 ? 5  G   C "C2'" 1 
ATOM   796  O "O2'" . G   C 1 5  ? 9.439   5.831   -16.153 1.00 19.13 ? 5  G   C "O2'" 1 
ATOM   797  C "C1'" . G   C 1 5  ? 9.957   5.524   -13.845 1.00 18.39 ? 5  G   C "C1'" 1 
ATOM   798  N N9    . G   C 1 5  ? 9.460   4.739   -12.717 1.00 18.90 ? 5  G   C N9    1 
ATOM   799  C C8    . G   C 1 5  ? 9.084   5.178   -11.466 1.00 17.76 ? 5  G   C C8    1 
ATOM   800  N N7    . G   C 1 5  ? 8.642   4.215   -10.700 1.00 16.50 ? 5  G   C N7    1 
ATOM   801  C C5    . G   C 1 5  ? 8.742   3.074   -11.488 1.00 18.18 ? 5  G   C C5    1 
ATOM   802  C C6    . G   C 1 5  ? 8.401   1.709   -11.208 1.00 18.98 ? 5  G   C C6    1 
ATOM   803  O O6    . G   C 1 5  ? 7.938   1.221   -10.165 1.00 19.60 ? 5  G   C O6    1 
ATOM   804  N N1    . G   C 1 5  ? 8.654   0.884   -12.303 1.00 15.10 ? 5  G   C N1    1 
ATOM   805  C C2    . G   C 1 5  ? 9.167   1.301   -13.505 1.00 17.06 ? 5  G   C C2    1 
ATOM   806  N N2    . G   C 1 5  ? 9.343   0.352   -14.445 1.00 14.81 ? 5  G   C N2    1 
ATOM   807  N N3    . G   C 1 5  ? 9.490   2.559   -13.775 1.00 18.56 ? 5  G   C N3    1 
ATOM   808  C C4    . G   C 1 5  ? 9.252   3.382   -12.731 1.00 18.33 ? 5  G   C C4    1 
ATOM   809  P P     . U   C 1 6  ? 5.985   7.539   -15.582 1.00 21.47 ? 6  U   C P     1 
ATOM   810  O OP1   . U   C 1 6  ? 5.566   8.535   -16.594 1.00 22.26 ? 6  U   C OP1   1 
ATOM   811  O OP2   . U   C 1 6  ? 5.314   7.511   -14.265 1.00 21.11 ? 6  U   C OP2   1 
ATOM   812  O "O5'" . U   C 1 6  ? 5.840   6.076   -16.197 1.00 21.56 ? 6  U   C "O5'" 1 
ATOM   813  C "C5'" . U   C 1 6  ? 6.325   5.776   -17.498 1.00 22.80 ? 6  U   C "C5'" 1 
ATOM   814  C "C4'" . U   C 1 6  ? 6.225   4.291   -17.766 1.00 23.54 ? 6  U   C "C4'" 1 
ATOM   815  O "O4'" . U   C 1 6  ? 7.046   3.576   -16.808 1.00 25.85 ? 6  U   C "O4'" 1 
ATOM   816  C "C3'" . U   C 1 6  ? 4.856   3.656   -17.601 1.00 21.83 ? 6  U   C "C3'" 1 
ATOM   817  O "O3'" . U   C 1 6  ? 4.066   3.836   -18.766 1.00 24.47 ? 6  U   C "O3'" 1 
ATOM   818  C "C2'" . U   C 1 6  ? 5.225   2.193   -17.413 1.00 23.38 ? 6  U   C "C2'" 1 
ATOM   819  O "O2'" . U   C 1 6  ? 5.615   1.561   -18.614 1.00 22.73 ? 6  U   C "O2'" 1 
ATOM   820  C "C1'" . U   C 1 6  ? 6.455   2.319   -16.521 1.00 25.27 ? 6  U   C "C1'" 1 
ATOM   821  N N1    . U   C 1 6  ? 6.088   2.277   -15.101 1.00 27.16 ? 6  U   C N1    1 
ATOM   822  C C2    . U   C 1 6  ? 5.856   1.039   -14.566 1.00 28.43 ? 6  U   C C2    1 
ATOM   823  O O2    . U   C 1 6  ? 5.961   0.021   -15.220 1.00 31.55 ? 6  U   C O2    1 
ATOM   824  N N3    . U   C 1 6  ? 5.501   1.029   -13.244 1.00 29.93 ? 6  U   C N3    1 
ATOM   825  C C4    . U   C 1 6  ? 5.368   2.121   -12.414 1.00 30.82 ? 6  U   C C4    1 
ATOM   826  O O4    . U   C 1 6  ? 5.064   1.949   -11.232 1.00 30.56 ? 6  U   C O4    1 
ATOM   827  C C5    . U   C 1 6  ? 5.635   3.381   -13.045 1.00 29.63 ? 6  U   C C5    1 
ATOM   828  C C6    . U   C 1 6  ? 5.976   3.413   -14.338 1.00 26.94 ? 6  U   C C6    1 
ATOM   829  P P     . G   C 1 7  ? 2.472   3.984   -18.635 1.00 24.39 ? 7  G   C P     1 
ATOM   830  O OP1   . G   C 1 7  ? 2.022   4.705   -19.845 1.00 23.79 ? 7  G   C OP1   1 
ATOM   831  O OP2   . G   C 1 7  ? 2.164   4.542   -17.297 1.00 24.45 ? 7  G   C OP2   1 
ATOM   832  O "O5'" . G   C 1 7  ? 1.908   2.487   -18.646 1.00 24.77 ? 7  G   C "O5'" 1 
ATOM   833  C "C5'" . G   C 1 7  ? 2.502   1.464   -19.440 1.00 28.98 ? 7  G   C "C5'" 1 
ATOM   834  C "C4'" . G   C 1 7  ? 2.306   0.111   -18.778 1.00 34.19 ? 7  G   C "C4'" 1 
ATOM   835  O "O4'" . G   C 1 7  ? 2.984   0.116   -17.503 1.00 34.81 ? 7  G   C "O4'" 1 
ATOM   836  C "C3'" . G   C 1 7  ? 0.868   -0.283  -18.453 1.00 37.48 ? 7  G   C "C3'" 1 
ATOM   837  O "O3'" . G   C 1 7  ? 0.323   -1.050  -19.522 1.00 43.06 ? 7  G   C "O3'" 1 
ATOM   838  C "C2'" . G   C 1 7  ? 1.011   -1.222  -17.260 1.00 37.31 ? 7  G   C "C2'" 1 
ATOM   839  O "O2'" . G   C 1 7  ? 1.156   -2.571  -17.661 1.00 40.00 ? 7  G   C "O2'" 1 
ATOM   840  C "C1'" . G   C 1 7  ? 2.313   -0.749  -16.612 1.00 33.77 ? 7  G   C "C1'" 1 
ATOM   841  N N9    . G   C 1 7  ? 2.201   -0.107  -15.306 1.00 31.03 ? 7  G   C N9    1 
ATOM   842  C C8    . G   C 1 7  ? 2.310   1.233   -15.007 1.00 29.21 ? 7  G   C C8    1 
ATOM   843  N N7    . G   C 1 7  ? 2.243   1.477   -13.726 1.00 26.92 ? 7  G   C N7    1 
ATOM   844  C C5    . G   C 1 7  ? 2.067   0.226   -13.147 1.00 27.85 ? 7  G   C C5    1 
ATOM   845  C C6    . G   C 1 7  ? 1.961   -0.157  -11.776 1.00 25.72 ? 7  G   C C6    1 
ATOM   846  O O6    . G   C 1 7  ? 2.049   0.553   -10.770 1.00 23.12 ? 7  G   C O6    1 
ATOM   847  N N1    . G   C 1 7  ? 1.762   -1.527  -11.643 1.00 24.70 ? 7  G   C N1    1 
ATOM   848  C C2    . G   C 1 7  ? 1.713   -2.424  -12.685 1.00 26.55 ? 7  G   C C2    1 
ATOM   849  N N2    . G   C 1 7  ? 1.531   -3.708  -12.354 1.00 24.67 ? 7  G   C N2    1 
ATOM   850  N N3    . G   C 1 7  ? 1.840   -2.087  -13.958 1.00 26.57 ? 7  G   C N3    1 
ATOM   851  C C4    . G   C 1 7  ? 2.011   -0.757  -14.114 1.00 28.45 ? 7  G   C C4    1 
HETATM 852  P P     . MTU C 1 8  ? -0.969  -0.518  -20.306 1.00 49.04 ? 8  MTU C P     1 
HETATM 853  O OP1   . MTU C 1 8  ? -0.499  -0.071  -21.654 1.00 49.20 ? 8  MTU C OP1   1 
HETATM 854  O OP2   . MTU C 1 8  ? -1.687  0.445   -19.415 1.00 48.12 ? 8  MTU C OP2   1 
HETATM 855  O "O5'" . MTU C 1 8  ? -1.880  -1.808  -20.511 1.00 45.02 ? 8  MTU C "O5'" 1 
HETATM 856  C "C5'" . MTU C 1 8  ? -2.535  -2.432  -19.416 1.00 40.95 ? 8  MTU C "C5'" 1 
HETATM 857  C "C4'" . MTU C 1 8  ? -3.987  -1.996  -19.345 1.00 38.79 ? 8  MTU C "C4'" 1 
HETATM 858  O "O4'" . MTU C 1 8  ? -4.597  -1.980  -20.663 1.00 38.13 ? 8  MTU C "O4'" 1 
HETATM 859  C "C1'" . MTU C 1 8  ? -5.956  -2.367  -20.562 1.00 35.16 ? 8  MTU C "C1'" 1 
HETATM 860  N N9    . MTU C 1 8  ? -6.167  -3.492  -21.470 1.00 34.06 ? 8  MTU C N9    1 
HETATM 861  C C4    . MTU C 1 8  ? -7.260  -4.325  -21.524 1.00 32.98 ? 8  MTU C C4    1 
HETATM 862  N N3    . MTU C 1 8  ? -8.349  -4.303  -20.734 1.00 33.68 ? 8  MTU C N3    1 
HETATM 863  C C2    . MTU C 1 8  ? -9.216  -5.253  -21.093 1.00 31.68 ? 8  MTU C C2    1 
HETATM 864  N N2    . MTU C 1 8  ? -10.258 -5.185  -20.332 1.00 30.00 ? 8  MTU C N2    1 
HETATM 865  N N1    . MTU C 1 8  ? -9.124  -6.153  -22.074 1.00 32.19 ? 8  MTU C N1    1 
HETATM 866  C C6    . MTU C 1 8  ? -8.015  -6.152  -22.848 1.00 33.11 ? 8  MTU C C6    1 
HETATM 867  C C5    . MTU C 1 8  ? -7.020  -5.193  -22.571 1.00 33.72 ? 8  MTU C C5    1 
HETATM 868  N N7    . MTU C 1 8  ? -5.787  -4.928  -23.152 1.00 34.37 ? 8  MTU C N7    1 
HETATM 869  C C8    . MTU C 1 8  ? -5.322  -3.918  -22.460 1.00 32.54 ? 8  MTU C C8    1 
HETATM 870  C "C2'" . MTU C 1 8  ? -6.257  -2.676  -19.092 1.00 36.22 ? 8  MTU C "C2'" 1 
HETATM 871  O "O2'" . MTU C 1 8  ? -6.919  -1.595  -18.467 1.00 34.48 ? 8  MTU C "O2'" 1 
HETATM 872  C "C3'" . MTU C 1 8  ? -4.862  -2.936  -18.538 1.00 36.08 ? 8  MTU C "C3'" 1 
HETATM 873  O "O3'" . MTU C 1 8  ? -4.758  -2.634  -17.161 1.00 34.36 ? 8  MTU C "O3'" 1 
ATOM   874  P P     . A   C 1 9  ? -4.220  -3.752  -16.155 1.00 32.09 ? 9  A   C P     1 
ATOM   875  O OP1   . A   C 1 9  ? -4.042  -3.103  -14.827 1.00 35.62 ? 9  A   C OP1   1 
ATOM   876  O OP2   . A   C 1 9  ? -3.075  -4.446  -16.783 1.00 33.29 ? 9  A   C OP2   1 
ATOM   877  O "O5'" . A   C 1 9  ? -5.442  -4.770  -16.063 1.00 32.10 ? 9  A   C "O5'" 1 
ATOM   878  C "C5'" . A   C 1 9  ? -6.736  -4.321  -15.667 1.00 28.02 ? 9  A   C "C5'" 1 
ATOM   879  C "C4'" . A   C 1 9  ? -7.788  -5.322  -16.081 1.00 25.79 ? 9  A   C "C4'" 1 
ATOM   880  O "O4'" . A   C 1 9  ? -7.951  -5.306  -17.522 1.00 24.53 ? 9  A   C "O4'" 1 
ATOM   881  C "C3'" . A   C 1 9  ? -7.474  -6.769  -15.745 1.00 24.12 ? 9  A   C "C3'" 1 
ATOM   882  O "O3'" . A   C 1 9  ? -7.891  -7.044  -14.416 1.00 24.33 ? 9  A   C "O3'" 1 
ATOM   883  C "C2'" . A   C 1 9  ? -8.327  -7.529  -16.757 1.00 21.93 ? 9  A   C "C2'" 1 
ATOM   884  O "O2'" . A   C 1 9  ? -9.678  -7.654  -16.369 1.00 15.47 ? 9  A   C "O2'" 1 
ATOM   885  C "C1'" . A   C 1 9  ? -8.252  -6.612  -17.979 1.00 22.57 ? 9  A   C "C1'" 1 
ATOM   886  N N9    . A   C 1 9  ? -7.228  -6.998  -18.946 1.00 24.57 ? 9  A   C N9    1 
ATOM   887  C C8    . A   C 1 9  ? -5.931  -6.550  -19.019 1.00 25.20 ? 9  A   C C8    1 
ATOM   888  N N7    . A   C 1 9  ? -5.255  -7.055  -20.022 1.00 24.55 ? 9  A   C N7    1 
ATOM   889  C C5    . A   C 1 9  ? -6.164  -7.896  -20.647 1.00 24.74 ? 9  A   C C5    1 
ATOM   890  C C6    . A   C 1 9  ? -6.063  -8.719  -21.780 1.00 24.40 ? 9  A   C C6    1 
ATOM   891  N N6    . A   C 1 9  ? -4.950  -8.836  -22.510 1.00 22.84 ? 9  A   C N6    1 
ATOM   892  N N1    . A   C 1 9  ? -7.154  -9.427  -22.141 1.00 25.17 ? 9  A   C N1    1 
ATOM   893  C C2    . A   C 1 9  ? -8.268  -9.315  -21.401 1.00 25.51 ? 9  A   C C2    1 
ATOM   894  N N3    . A   C 1 9  ? -8.485  -8.578  -20.314 1.00 26.29 ? 9  A   C N3    1 
ATOM   895  C C4    . A   C 1 9  ? -7.380  -7.879  -19.988 1.00 24.69 ? 9  A   C C4    1 
ATOM   896  P P     . G   C 1 10 ? -6.837  -7.610  -13.343 1.00 23.55 ? 10 G   C P     1 
ATOM   897  O OP1   . G   C 1 10 ? -5.949  -6.491  -12.924 1.00 25.61 ? 10 G   C OP1   1 
ATOM   898  O OP2   . G   C 1 10 ? -6.234  -8.868  -13.854 1.00 25.98 ? 10 G   C OP2   1 
ATOM   899  O "O5'" . G   C 1 10 ? -7.767  -7.970  -12.100 1.00 21.98 ? 10 G   C "O5'" 1 
ATOM   900  C "C5'" . G   C 1 10 ? -8.486  -6.958  -11.403 1.00 17.23 ? 10 G   C "C5'" 1 
ATOM   901  C "C4'" . G   C 1 10 ? -8.282  -7.117  -9.916  1.00 17.29 ? 10 G   C "C4'" 1 
ATOM   902  O "O4'" . G   C 1 10 ? -6.855  -7.081  -9.635  1.00 16.96 ? 10 G   C "O4'" 1 
ATOM   903  C "C3'" . G   C 1 10 ? -8.877  -6.018  -9.045  1.00 17.42 ? 10 G   C "C3'" 1 
ATOM   904  O "O3'" . G   C 1 10 ? -10.228 -6.308  -8.720  1.00 13.96 ? 10 G   C "O3'" 1 
ATOM   905  C "C2'" . G   C 1 10 ? -7.970  -6.087  -7.827  1.00 17.52 ? 10 G   C "C2'" 1 
ATOM   906  O "O2'" . G   C 1 10 ? -8.250  -7.242  -7.060  1.00 18.87 ? 10 G   C "O2'" 1 
ATOM   907  C "C1'" . G   C 1 10 ? -6.607  -6.266  -8.502  1.00 16.19 ? 10 G   C "C1'" 1 
ATOM   908  N N9    . G   C 1 10 ? -6.036  -5.007  -8.981  1.00 16.15 ? 10 G   C N9    1 
ATOM   909  C C8    . G   C 1 10 ? -5.781  -4.665  -10.289 1.00 14.09 ? 10 G   C C8    1 
ATOM   910  N N7    . G   C 1 10 ? -5.285  -3.465  -10.415 1.00 16.52 ? 10 G   C N7    1 
ATOM   911  C C5    . G   C 1 10 ? -5.198  -2.982  -9.114  1.00 15.88 ? 10 G   C C5    1 
ATOM   912  C C6    . G   C 1 10 ? -4.720  -1.727  -8.620  1.00 18.03 ? 10 G   C C6    1 
ATOM   913  O O6    . G   C 1 10 ? -4.266  -0.769  -9.260  1.00 17.48 ? 10 G   C O6    1 
ATOM   914  N N1    . G   C 1 10 ? -4.798  -1.659  -7.227  1.00 15.22 ? 10 G   C N1    1 
ATOM   915  C C2    . G   C 1 10 ? -5.261  -2.669  -6.421  1.00 16.89 ? 10 G   C C2    1 
ATOM   916  N N2    . G   C 1 10 ? -5.210  -2.446  -5.096  1.00 15.86 ? 10 G   C N2    1 
ATOM   917  N N3    . G   C 1 10 ? -5.724  -3.828  -6.873  1.00 14.18 ? 10 G   C N3    1 
ATOM   918  C C4    . G   C 1 10 ? -5.656  -3.918  -8.215  1.00 16.09 ? 10 G   C C4    1 
ATOM   919  P P     . U   C 1 11 ? -11.341 -5.153  -8.829  1.00 18.15 ? 11 U   C P     1 
ATOM   920  O OP1   . U   C 1 11 ? -12.651 -5.807  -8.606  1.00 18.66 ? 11 U   C OP1   1 
ATOM   921  O OP2   . U   C 1 11 ? -11.140 -4.348  -10.053 1.00 19.92 ? 11 U   C OP2   1 
ATOM   922  O "O5'" . U   C 1 11 ? -11.001 -4.184  -7.597  1.00 19.41 ? 11 U   C "O5'" 1 
ATOM   923  C "C5'" . U   C 1 11 ? -10.845 -4.695  -6.275  1.00 16.79 ? 11 U   C "C5'" 1 
ATOM   924  C "C4'" . U   C 1 11 ? -10.287 -3.623  -5.350  1.00 18.85 ? 11 U   C "C4'" 1 
ATOM   925  O "O4'" . U   C 1 11 ? -8.918  -3.291  -5.708  1.00 19.73 ? 11 U   C "O4'" 1 
ATOM   926  C "C3'" . U   C 1 11 ? -11.011 -2.292  -5.387  1.00 18.01 ? 11 U   C "C3'" 1 
ATOM   927  O "O3'" . U   C 1 11 ? -12.139 -2.348  -4.545  1.00 19.54 ? 11 U   C "O3'" 1 
ATOM   928  C "C2'" . U   C 1 11 ? -9.948  -1.332  -4.863  1.00 19.20 ? 11 U   C "C2'" 1 
ATOM   929  O "O2'" . U   C 1 11 ? -9.787  -1.363  -3.457  1.00 14.09 ? 11 U   C "O2'" 1 
ATOM   930  C "C1'" . U   C 1 11 ? -8.691  -1.902  -5.511  1.00 16.16 ? 11 U   C "C1'" 1 
ATOM   931  N N1    . U   C 1 11 ? -8.379  -1.295  -6.812  1.00 15.40 ? 11 U   C N1    1 
ATOM   932  C C2    . U   C 1 11 ? -7.720  -0.062  -6.827  1.00 18.01 ? 11 U   C C2    1 
ATOM   933  O O2    . U   C 1 11 ? -7.436  0.570   -5.805  1.00 17.68 ? 11 U   C O2    1 
ATOM   934  N N3    . U   C 1 11 ? -7.416  0.413   -8.080  1.00 13.24 ? 11 U   C N3    1 
ATOM   935  C C4    . U   C 1 11 ? -7.704  -0.192  -9.297  1.00 17.51 ? 11 U   C C4    1 
ATOM   936  O O4    . U   C 1 11 ? -7.355  0.350   -10.348 1.00 13.33 ? 11 U   C O4    1 
ATOM   937  C C5    . U   C 1 11 ? -8.402  -1.439  -9.193  1.00 16.73 ? 11 U   C C5    1 
ATOM   938  C C6    . U   C 1 11 ? -8.711  -1.934  -7.987  1.00 17.32 ? 11 U   C C6    1 
ATOM   939  P P     . C   C 1 12 ? -13.526 -1.739  -5.043  1.00 21.06 ? 12 C   C P     1 
ATOM   940  O OP1   . C   C 1 12 ? -14.560 -2.318  -4.155  1.00 22.39 ? 12 C   C OP1   1 
ATOM   941  O OP2   . C   C 1 12 ? -13.631 -1.910  -6.511  1.00 23.40 ? 12 C   C OP2   1 
ATOM   942  O "O5'" . C   C 1 12 ? -13.400 -0.183  -4.722  1.00 23.01 ? 12 C   C "O5'" 1 
ATOM   943  C "C5'" . C   C 1 12 ? -13.474 0.267   -3.373  1.00 26.38 ? 12 C   C "C5'" 1 
ATOM   944  C "C4'" . C   C 1 12 ? -12.836 1.622   -3.233  1.00 27.27 ? 12 C   C "C4'" 1 
ATOM   945  O "O4'" . C   C 1 12 ? -11.463 1.556   -3.708  1.00 27.02 ? 12 C   C "O4'" 1 
ATOM   946  C "C3'" . C   C 1 12 ? -13.443 2.721   -4.081  1.00 29.62 ? 12 C   C "C3'" 1 
ATOM   947  O "O3'" . C   C 1 12 ? -14.587 3.277   -3.466  1.00 34.33 ? 12 C   C "O3'" 1 
ATOM   948  C "C2'" . C   C 1 12 ? -12.311 3.731   -4.120  1.00 30.13 ? 12 C   C "C2'" 1 
ATOM   949  O "O2'" . C   C 1 12 ? -12.208 4.465   -2.916  1.00 31.88 ? 12 C   C "O2'" 1 
ATOM   950  C "C1'" . C   C 1 12 ? -11.102 2.809   -4.270  1.00 27.41 ? 12 C   C "C1'" 1 
ATOM   951  N N1    . C   C 1 12 ? -10.746 2.625   -5.685  1.00 24.15 ? 12 C   C N1    1 
ATOM   952  C C2    . C   C 1 12 ? -9.873  3.546   -6.264  1.00 23.01 ? 12 C   C C2    1 
ATOM   953  O O2    . C   C 1 12 ? -9.403  4.449   -5.556  1.00 20.36 ? 12 C   C O2    1 
ATOM   954  N N3    . C   C 1 12 ? -9.552  3.427   -7.573  1.00 22.29 ? 12 C   C N3    1 
ATOM   955  C C4    . C   C 1 12 ? -10.055 2.423   -8.293  1.00 22.11 ? 12 C   C C4    1 
ATOM   956  N N4    . C   C 1 12 ? -9.702  2.350   -9.581  1.00 21.16 ? 12 C   C N4    1 
ATOM   957  C C5    . C   C 1 12 ? -10.937 1.455   -7.725  1.00 21.68 ? 12 C   C C5    1 
ATOM   958  C C6    . C   C 1 12 ? -11.257 1.595   -6.426  1.00 24.09 ? 12 C   C C6    1 
ATOM   959  P P     . G   C 1 13 ? -15.631 4.119   -4.351  1.00 38.01 ? 13 G   C P     1 
ATOM   960  O OP1   . G   C 1 13 ? -16.782 4.420   -3.459  1.00 38.80 ? 13 G   C OP1   1 
ATOM   961  O OP2   . G   C 1 13 ? -15.857 3.401   -5.632  1.00 38.16 ? 13 G   C OP2   1 
ATOM   962  O "O5'" . G   C 1 13 ? -14.869 5.484   -4.660  1.00 37.63 ? 13 G   C "O5'" 1 
ATOM   963  C "C5'" . G   C 1 13 ? -14.662 6.443   -3.630  1.00 35.72 ? 13 G   C "C5'" 1 
ATOM   964  C "C4'" . G   C 1 13 ? -13.825 7.594   -4.133  1.00 34.59 ? 13 G   C "C4'" 1 
ATOM   965  O "O4'" . G   C 1 13 ? -12.544 7.090   -4.600  1.00 33.03 ? 13 G   C "O4'" 1 
ATOM   966  C "C3'" . G   C 1 13 ? -14.345 8.364   -5.335  1.00 34.26 ? 13 G   C "C3'" 1 
ATOM   967  O "O3'" . G   C 1 13 ? -15.341 9.311   -4.976  1.00 35.81 ? 13 G   C "O3'" 1 
ATOM   968  C "C2'" . G   C 1 13 ? -13.075 9.057   -5.811  1.00 32.78 ? 13 G   C "C2'" 1 
ATOM   969  O "O2'" . G   C 1 13 ? -12.735 10.171  -5.012  1.00 30.09 ? 13 G   C "O2'" 1 
ATOM   970  C "C1'" . G   C 1 13 ? -12.047 7.939   -5.626  1.00 31.30 ? 13 G   C "C1'" 1 
ATOM   971  N N9    . G   C 1 13 ? -11.895 7.148   -6.844  1.00 29.00 ? 13 G   C N9    1 
ATOM   972  C C8    . G   C 1 13 ? -12.408 5.903   -7.104  1.00 27.05 ? 13 G   C C8    1 
ATOM   973  N N7    . G   C 1 13 ? -12.111 5.467   -8.299  1.00 27.13 ? 13 G   C N7    1 
ATOM   974  C C5    . G   C 1 13 ? -11.350 6.485   -8.858  1.00 25.97 ? 13 G   C C5    1 
ATOM   975  C C6    . G   C 1 13 ? -10.747 6.592   -10.144 1.00 25.87 ? 13 G   C C6    1 
ATOM   976  O O6    . G   C 1 13 ? -10.765 5.782   -11.075 1.00 23.25 ? 13 G   C O6    1 
ATOM   977  N N1    . G   C 1 13 ? -10.076 7.804   -10.295 1.00 25.15 ? 13 G   C N1    1 
ATOM   978  C C2    . G   C 1 13 ? -10.004 8.789   -9.339  1.00 25.56 ? 13 G   C C2    1 
ATOM   979  N N2    . G   C 1 13 ? -9.330  9.907   -9.674  1.00 24.23 ? 13 G   C N2    1 
ATOM   980  N N3    . G   C 1 13 ? -10.555 8.695   -8.142  1.00 27.03 ? 13 G   C N3    1 
ATOM   981  C C4    . G   C 1 13 ? -11.208 7.528   -7.972  1.00 27.33 ? 13 G   C C4    1 
ATOM   982  P P     . C   C 1 14 ? -16.439 9.762   -6.062  1.00 38.26 ? 14 C   C P     1 
ATOM   983  O OP1   . C   C 1 14 ? -17.456 10.550  -5.321  1.00 38.09 ? 14 C   C OP1   1 
ATOM   984  O OP2   . C   C 1 14 ? -16.858 8.565   -6.841  1.00 37.26 ? 14 C   C OP2   1 
ATOM   985  O "O5'" . C   C 1 14 ? -15.657 10.750  -7.046  1.00 36.31 ? 14 C   C "O5'" 1 
ATOM   986  C "C5'" . C   C 1 14 ? -15.102 11.976  -6.569  1.00 36.08 ? 14 C   C "C5'" 1 
ATOM   987  C "C4'" . C   C 1 14 ? -14.182 12.590  -7.608  1.00 35.52 ? 14 C   C "C4'" 1 
ATOM   988  O "O4'" . C   C 1 14 ? -13.107 11.662  -7.930  1.00 35.71 ? 14 C   C "O4'" 1 
ATOM   989  C "C3'" . C   C 1 14 ? -14.794 12.894  -8.965  1.00 36.54 ? 14 C   C "C3'" 1 
ATOM   990  O "O3'" . C   C 1 14 ? -15.483 14.132  -8.960  1.00 37.54 ? 14 C   C "O3'" 1 
ATOM   991  C "C2'" . C   C 1 14 ? -13.560 12.968  -9.849  1.00 35.99 ? 14 C   C "C2'" 1 
ATOM   992  O "O2'" . C   C 1 14 ? -12.854 14.176  -9.671  1.00 36.08 ? 14 C   C "O2'" 1 
ATOM   993  C "C1'" . C   C 1 14 ? -12.729 11.818  -9.290  1.00 33.84 ? 14 C   C "C1'" 1 
ATOM   994  N N1    . C   C 1 14 ? -12.994 10.557  -9.999  1.00 31.68 ? 14 C   C N1    1 
ATOM   995  C C2    . C   C 1 14 ? -12.480 10.390  -11.289 1.00 31.26 ? 14 C   C C2    1 
ATOM   996  O O2    . C   C 1 14 ? -11.842 11.319  -11.802 1.00 32.85 ? 14 C   C O2    1 
ATOM   997  N N3    . C   C 1 14 ? -12.697 9.225   -11.945 1.00 29.11 ? 14 C   C N3    1 
ATOM   998  C C4    . C   C 1 14 ? -13.407 8.258   -11.362 1.00 29.03 ? 14 C   C C4    1 
ATOM   999  N N4    . C   C 1 14 ? -13.591 7.120   -12.038 1.00 26.79 ? 14 C   C N4    1 
ATOM   1000 C C5    . C   C 1 14 ? -13.958 8.410   -10.056 1.00 29.19 ? 14 C   C C5    1 
ATOM   1001 C C6    . C   C 1 14 ? -13.728 9.564   -9.415  1.00 30.39 ? 14 C   C C6    1 
ATOM   1002 P P     . U   C 1 15 ? -16.831 14.284  -9.810  1.00 38.67 ? 15 U   C P     1 
ATOM   1003 O OP1   . U   C 1 15 ? -17.477 15.542  -9.373  1.00 39.84 ? 15 U   C OP1   1 
ATOM   1004 O OP2   . U   C 1 15 ? -17.585 13.004  -9.750  1.00 39.80 ? 15 U   C OP2   1 
ATOM   1005 O "O5'" . U   C 1 15 ? -16.332 14.445  -11.310 1.00 38.48 ? 15 U   C "O5'" 1 
ATOM   1006 C "C5'" . U   C 1 15 ? -15.479 15.511  -11.679 1.00 36.37 ? 15 U   C "C5'" 1 
ATOM   1007 C "C4'" . U   C 1 15 ? -14.950 15.284  -13.066 1.00 35.65 ? 15 U   C "C4'" 1 
ATOM   1008 O "O4'" . U   C 1 15 ? -14.085 14.118  -13.070 1.00 34.10 ? 15 U   C "O4'" 1 
ATOM   1009 C "C3'" . U   C 1 15 ? -15.982 14.926  -14.119 1.00 35.24 ? 15 U   C "C3'" 1 
ATOM   1010 O "O3'" . U   C 1 15 ? -16.685 16.066  -14.588 1.00 36.86 ? 15 U   C "O3'" 1 
ATOM   1011 C "C2'" . U   C 1 15 ? -15.094 14.337  -15.202 1.00 35.69 ? 15 U   C "C2'" 1 
ATOM   1012 O "O2'" . U   C 1 15 ? -14.396 15.333  -15.923 1.00 36.09 ? 15 U   C "O2'" 1 
ATOM   1013 C "C1'" . U   C 1 15 ? -14.102 13.529  -14.363 1.00 33.69 ? 15 U   C "C1'" 1 
ATOM   1014 N N1    . U   C 1 15 ? -14.522 12.128  -14.245 1.00 31.83 ? 15 U   C N1    1 
ATOM   1015 C C2    . U   C 1 15 ? -14.205 11.279  -15.292 1.00 31.49 ? 15 U   C C2    1 
ATOM   1016 O O2    . U   C 1 15 ? -13.605 11.652  -16.292 1.00 29.88 ? 15 U   C O2    1 
ATOM   1017 N N3    . U   C 1 15 ? -14.624 9.981   -15.133 1.00 29.32 ? 15 U   C N3    1 
ATOM   1018 C C4    . U   C 1 15 ? -15.319 9.459   -14.065 1.00 30.20 ? 15 U   C C4    1 
ATOM   1019 O O4    . U   C 1 15 ? -15.614 8.263   -14.063 1.00 30.90 ? 15 U   C O4    1 
ATOM   1020 C C5    . U   C 1 15 ? -15.616 10.402  -13.029 1.00 28.76 ? 15 U   C C5    1 
ATOM   1021 C C6    . U   C 1 15 ? -15.214 11.671  -13.150 1.00 30.70 ? 15 U   C C6    1 
ATOM   1022 P P     . G   C 1 16 ? -18.182 15.898  -15.160 1.00 38.07 ? 16 G   C P     1 
ATOM   1023 O OP1   . G   C 1 16 ? -18.737 17.269  -15.321 1.00 37.61 ? 16 G   C OP1   1 
ATOM   1024 O OP2   . G   C 1 16 ? -18.908 14.907  -14.317 1.00 37.03 ? 16 G   C OP2   1 
ATOM   1025 O "O5'" . G   C 1 16 ? -17.968 15.260  -16.605 1.00 35.81 ? 16 G   C "O5'" 1 
ATOM   1026 C "C5'" . G   C 1 16 ? -17.193 15.932  -17.588 1.00 32.23 ? 16 G   C "C5'" 1 
ATOM   1027 C "C4'" . G   C 1 16 ? -16.798 14.979  -18.689 1.00 32.05 ? 16 G   C "C4'" 1 
ATOM   1028 O "O4'" . G   C 1 16 ? -15.974 13.913  -18.144 1.00 31.03 ? 16 G   C "O4'" 1 
ATOM   1029 C "C3'" . G   C 1 16 ? -17.927 14.231  -19.376 1.00 32.13 ? 16 G   C "C3'" 1 
ATOM   1030 O "O3'" . G   C 1 16 ? -18.564 15.042  -20.353 1.00 31.05 ? 16 G   C "O3'" 1 
ATOM   1031 C "C2'" . G   C 1 16 ? -17.170 13.067  -20.006 1.00 32.44 ? 16 G   C "C2'" 1 
ATOM   1032 O "O2'" . G   C 1 16 ? -16.436 13.460  -21.143 1.00 33.08 ? 16 G   C "O2'" 1 
ATOM   1033 C "C1'" . G   C 1 16 ? -16.183 12.719  -18.890 1.00 32.62 ? 16 G   C "C1'" 1 
ATOM   1034 N N9    . G   C 1 16 ? -16.711 11.694  -17.993 1.00 30.79 ? 16 G   C N9    1 
ATOM   1035 C C8    . G   C 1 16 ? -17.139 11.865  -16.698 1.00 29.69 ? 16 G   C C8    1 
ATOM   1036 N N7    . G   C 1 16 ? -17.608 10.769  -16.164 1.00 29.21 ? 16 G   C N7    1 
ATOM   1037 C C5    . G   C 1 16 ? -17.479 9.815   -17.165 1.00 30.52 ? 16 G   C C5    1 
ATOM   1038 C C6    . G   C 1 16 ? -17.851 8.438   -17.180 1.00 30.82 ? 16 G   C C6    1 
ATOM   1039 O O6    . G   C 1 16 ? -18.401 7.778   -16.289 1.00 32.22 ? 16 G   C O6    1 
ATOM   1040 N N1    . G   C 1 16 ? -17.530 7.833   -18.393 1.00 30.09 ? 16 G   C N1    1 
ATOM   1041 C C2    . G   C 1 16 ? -16.938 8.471   -19.459 1.00 31.04 ? 16 G   C C2    1 
ATOM   1042 N N2    . G   C 1 16 ? -16.698 7.710   -20.536 1.00 29.67 ? 16 G   C N2    1 
ATOM   1043 N N3    . G   C 1 16 ? -16.606 9.759   -19.466 1.00 30.15 ? 16 G   C N3    1 
ATOM   1044 C C4    . G   C 1 16 ? -16.906 10.364  -18.294 1.00 29.65 ? 16 G   C C4    1 
ATOM   1045 P P     . G   C 1 17 ? -20.110 14.792  -20.714 1.00 31.88 ? 17 G   C P     1 
ATOM   1046 O OP1   . G   C 1 17 ? -20.556 15.957  -21.514 1.00 32.62 ? 17 G   C OP1   1 
ATOM   1047 O OP2   . G   C 1 17 ? -20.845 14.434  -19.472 1.00 33.24 ? 17 G   C OP2   1 
ATOM   1048 O "O5'" . G   C 1 17 ? -20.072 13.527  -21.684 1.00 30.77 ? 17 G   C "O5'" 1 
ATOM   1049 C "C5'" . G   C 1 17 ? -19.513 13.640  -22.989 1.00 28.96 ? 17 G   C "C5'" 1 
ATOM   1050 C "C4'" . G   C 1 17 ? -19.580 12.320  -23.723 1.00 28.15 ? 17 G   C "C4'" 1 
ATOM   1051 O "O4'" . G   C 1 17 ? -18.725 11.338  -23.075 1.00 28.13 ? 17 G   C "O4'" 1 
ATOM   1052 C "C3'" . G   C 1 17 ? -20.934 11.632  -23.784 1.00 26.77 ? 17 G   C "C3'" 1 
ATOM   1053 O "O3'" . G   C 1 17 ? -21.900 12.207  -24.667 1.00 25.24 ? 17 G   C "O3'" 1 
ATOM   1054 C "C2'" . G   C 1 17 ? -20.526 10.206  -24.117 1.00 26.59 ? 17 G   C "C2'" 1 
ATOM   1055 O "O2'" . G   C 1 17 ? -20.165 10.053  -25.480 1.00 26.01 ? 17 G   C "O2'" 1 
ATOM   1056 C "C1'" . G   C 1 17 ? -19.292 10.043  -23.223 1.00 25.20 ? 17 G   C "C1'" 1 
ATOM   1057 N N9    . G   C 1 17 ? -19.626 9.546   -21.889 1.00 24.85 ? 17 G   C N9    1 
ATOM   1058 C C8    . G   C 1 17 ? -19.760 10.294  -20.741 1.00 23.52 ? 17 G   C C8    1 
ATOM   1059 N N7    . G   C 1 17 ? -20.056 9.573   -19.689 1.00 23.71 ? 17 G   C N7    1 
ATOM   1060 C C5    . G   C 1 17 ? -20.119 8.270   -20.170 1.00 23.45 ? 17 G   C C5    1 
ATOM   1061 C C6    . G   C 1 17 ? -20.392 7.048   -19.491 1.00 23.36 ? 17 G   C C6    1 
ATOM   1062 O O6    . G   C 1 17 ? -20.612 6.868   -18.289 1.00 24.10 ? 17 G   C O6    1 
ATOM   1063 N N1    . G   C 1 17 ? -20.382 5.964   -20.364 1.00 21.03 ? 17 G   C N1    1 
ATOM   1064 C C2    . G   C 1 17 ? -20.126 6.040   -21.714 1.00 21.62 ? 17 G   C C2    1 
ATOM   1065 N N2    . G   C 1 17 ? -20.170 4.884   -22.394 1.00 17.59 ? 17 G   C N2    1 
ATOM   1066 N N3    . G   C 1 17 ? -19.851 7.169   -22.354 1.00 20.85 ? 17 G   C N3    1 
ATOM   1067 C C4    . G   C 1 17 ? -19.867 8.236   -21.529 1.00 22.77 ? 17 G   C C4    1 
ATOM   1068 O "O5'" . C   D 2 1  ? -16.927 -1.892  -20.850 1.00 40.06 ? 20 C   D "O5'" 1 
ATOM   1069 C "C5'" . C   D 2 1  ? -16.011 -0.848  -20.522 1.00 38.84 ? 20 C   D "C5'" 1 
ATOM   1070 C "C4'" . C   D 2 1  ? -16.119 0.321   -21.473 1.00 37.82 ? 20 C   D "C4'" 1 
ATOM   1071 O "O4'" . C   D 2 1  ? -17.313 1.085   -21.148 1.00 37.69 ? 20 C   D "O4'" 1 
ATOM   1072 C "C3'" . C   D 2 1  ? -14.990 1.332   -21.365 1.00 36.99 ? 20 C   D "C3'" 1 
ATOM   1073 O "O3'" . C   D 2 1  ? -13.872 0.934   -22.152 1.00 34.71 ? 20 C   D "O3'" 1 
ATOM   1074 C "C2'" . C   D 2 1  ? -15.650 2.606   -21.876 1.00 36.69 ? 20 C   D "C2'" 1 
ATOM   1075 O "O2'" . C   D 2 1  ? -15.753 2.639   -23.287 1.00 36.06 ? 20 C   D "O2'" 1 
ATOM   1076 C "C1'" . C   D 2 1  ? -17.047 2.474   -21.262 1.00 35.88 ? 20 C   D "C1'" 1 
ATOM   1077 N N1    . C   D 2 1  ? -17.180 3.066   -19.917 1.00 34.12 ? 20 C   D N1    1 
ATOM   1078 C C2    . C   D 2 1  ? -17.360 4.452   -19.790 1.00 32.86 ? 20 C   D C2    1 
ATOM   1079 O O2    . C   D 2 1  ? -17.354 5.153   -20.808 1.00 32.82 ? 20 C   D O2    1 
ATOM   1080 N N3    . C   D 2 1  ? -17.533 4.987   -18.561 1.00 31.59 ? 20 C   D N3    1 
ATOM   1081 C C4    . C   D 2 1  ? -17.523 4.199   -17.483 1.00 33.27 ? 20 C   D C4    1 
ATOM   1082 N N4    . C   D 2 1  ? -17.724 4.766   -16.285 1.00 32.12 ? 20 C   D N4    1 
ATOM   1083 C C5    . C   D 2 1  ? -17.313 2.791   -17.581 1.00 34.18 ? 20 C   D C5    1 
ATOM   1084 C C6    . C   D 2 1  ? -17.147 2.272   -18.806 1.00 33.97 ? 20 C   D C6    1 
ATOM   1085 P P     . A   D 2 2  ? -12.388 1.162   -21.582 1.00 33.04 ? 21 A   D P     1 
ATOM   1086 O OP1   . A   D 2 2  ? -11.445 0.383   -22.422 1.00 34.04 ? 21 A   D OP1   1 
ATOM   1087 O OP2   . A   D 2 2  ? -12.421 0.950   -20.109 1.00 33.13 ? 21 A   D OP2   1 
ATOM   1088 O "O5'" . A   D 2 2  ? -12.121 2.721   -21.799 1.00 31.96 ? 21 A   D "O5'" 1 
ATOM   1089 C "C5'" . A   D 2 2  ? -11.938 3.260   -23.103 1.00 27.61 ? 21 A   D "C5'" 1 
ATOM   1090 C "C4'" . A   D 2 2  ? -11.729 4.753   -23.024 1.00 25.32 ? 21 A   D "C4'" 1 
ATOM   1091 O "O4'" . A   D 2 2  ? -12.976 5.408   -22.663 1.00 23.52 ? 21 A   D "O4'" 1 
ATOM   1092 C "C3'" . A   D 2 2  ? -10.755 5.217   -21.957 1.00 23.98 ? 21 A   D "C3'" 1 
ATOM   1093 O "O3'" . A   D 2 2  ? -9.409  5.127   -22.387 1.00 24.77 ? 21 A   D "O3'" 1 
ATOM   1094 C "C2'" . A   D 2 2  ? -11.184 6.658   -21.758 1.00 22.71 ? 21 A   D "C2'" 1 
ATOM   1095 O "O2'" . A   D 2 2  ? -10.757 7.493   -22.805 1.00 24.00 ? 21 A   D "O2'" 1 
ATOM   1096 C "C1'" . A   D 2 2  ? -12.700 6.514   -21.818 1.00 21.92 ? 21 A   D "C1'" 1 
ATOM   1097 N N9    . A   D 2 2  ? -13.251 6.232   -20.495 1.00 20.83 ? 21 A   D N9    1 
ATOM   1098 C C8    . A   D 2 2  ? -13.602 5.018   -19.951 1.00 18.61 ? 21 A   D C8    1 
ATOM   1099 N N7    . A   D 2 2  ? -14.073 5.103   -18.732 1.00 19.14 ? 21 A   D N7    1 
ATOM   1100 C C5    . A   D 2 2  ? -14.029 6.463   -18.450 1.00 18.33 ? 21 A   D C5    1 
ATOM   1101 C C6    . A   D 2 2  ? -14.398 7.210   -17.315 1.00 20.09 ? 21 A   D C6    1 
ATOM   1102 N N6    . A   D 2 2  ? -14.927 6.665   -16.207 1.00 18.85 ? 21 A   D N6    1 
ATOM   1103 N N1    . A   D 2 2  ? -14.211 8.553   -17.358 1.00 16.57 ? 21 A   D N1    1 
ATOM   1104 C C2    . A   D 2 2  ? -13.705 9.093   -18.472 1.00 17.81 ? 21 A   D C2    1 
ATOM   1105 N N3    . A   D 2 2  ? -13.331 8.497   -19.608 1.00 16.15 ? 21 A   D N3    1 
ATOM   1106 C C4    . A   D 2 2  ? -13.520 7.168   -19.527 1.00 20.01 ? 21 A   D C4    1 
ATOM   1107 P P     . G   D 2 3  ? -8.238  4.999   -21.297 1.00 25.13 ? 22 G   D P     1 
ATOM   1108 O OP1   . G   D 2 3  ? -7.011  4.682   -22.058 1.00 26.17 ? 22 G   D OP1   1 
ATOM   1109 O OP2   . G   D 2 3  ? -8.673  4.103   -20.199 1.00 25.37 ? 22 G   D OP2   1 
ATOM   1110 O "O5'" . G   D 2 3  ? -8.116  6.468   -20.694 1.00 27.09 ? 22 G   D "O5'" 1 
ATOM   1111 C "C5'" . G   D 2 3  ? -7.747  7.563   -21.520 1.00 26.07 ? 22 G   D "C5'" 1 
ATOM   1112 C "C4'" . G   D 2 3  ? -7.832  8.850   -20.742 1.00 26.92 ? 22 G   D "C4'" 1 
ATOM   1113 O "O4'" . G   D 2 3  ? -9.213  9.098   -20.361 1.00 26.40 ? 22 G   D "O4'" 1 
ATOM   1114 C "C3'" . G   D 2 3  ? -7.090  8.874   -19.417 1.00 27.80 ? 22 G   D "C3'" 1 
ATOM   1115 O "O3'" . G   D 2 3  ? -5.699  9.122   -19.584 1.00 29.21 ? 22 G   D "O3'" 1 
ATOM   1116 C "C2'" . G   D 2 3  ? -7.799  10.017  -18.708 1.00 27.55 ? 22 G   D "C2'" 1 
ATOM   1117 O "O2'" . G   D 2 3  ? -7.422  11.269  -19.247 1.00 26.65 ? 22 G   D "O2'" 1 
ATOM   1118 C "C1'" . G   D 2 3  ? -9.253  9.718   -19.078 1.00 26.94 ? 22 G   D "C1'" 1 
ATOM   1119 N N9    . G   D 2 3  ? -9.883  8.780   -18.151 1.00 25.31 ? 22 G   D N9    1 
ATOM   1120 C C8    . G   D 2 3  ? -10.089 7.439   -18.370 1.00 24.38 ? 22 G   D C8    1 
ATOM   1121 N N7    . G   D 2 3  ? -10.677 6.838   -17.375 1.00 21.70 ? 22 G   D N7    1 
ATOM   1122 C C5    . G   D 2 3  ? -10.874 7.838   -16.436 1.00 24.31 ? 22 G   D C5    1 
ATOM   1123 C C6    . G   D 2 3  ? -11.478 7.782   -15.149 1.00 23.91 ? 22 G   D C6    1 
ATOM   1124 O O6    . G   D 2 3  ? -11.968 6.803   -14.569 1.00 24.67 ? 22 G   D O6    1 
ATOM   1125 N N1    . G   D 2 3  ? -11.474 9.028   -14.529 1.00 24.22 ? 22 G   D N1    1 
ATOM   1126 C C2    . G   D 2 3  ? -10.954 10.179  -15.076 1.00 25.87 ? 22 G   D C2    1 
ATOM   1127 N N2    . G   D 2 3  ? -11.039 11.274  -14.320 1.00 28.00 ? 22 G   D N2    1 
ATOM   1128 N N3    . G   D 2 3  ? -10.393 10.245  -16.277 1.00 25.53 ? 22 G   D N3    1 
ATOM   1129 C C4    . G   D 2 3  ? -10.387 9.047   -16.897 1.00 25.02 ? 22 G   D C4    1 
ATOM   1130 P P     . C   D 2 4  ? -4.644  8.446   -18.571 1.00 30.44 ? 23 C   D P     1 
ATOM   1131 O OP1   . C   D 2 4  ? -3.287  8.714   -19.110 1.00 31.42 ? 23 C   D OP1   1 
ATOM   1132 O OP2   . C   D 2 4  ? -5.063  7.038   -18.327 1.00 31.05 ? 23 C   D OP2   1 
ATOM   1133 O "O5'" . C   D 2 4  ? -4.837  9.287   -17.229 1.00 29.48 ? 23 C   D "O5'" 1 
ATOM   1134 C "C5'" . C   D 2 4  ? -4.685  10.704  -17.238 1.00 29.47 ? 23 C   D "C5'" 1 
ATOM   1135 C "C4'" . C   D 2 4  ? -5.128  11.305  -15.921 1.00 30.36 ? 23 C   D "C4'" 1 
ATOM   1136 O "O4'" . C   D 2 4  ? -6.566  11.143  -15.757 1.00 30.63 ? 23 C   D "O4'" 1 
ATOM   1137 C "C3'" . C   D 2 4  ? -4.560  10.690  -14.651 1.00 31.38 ? 23 C   D "C3'" 1 
ATOM   1138 O "O3'" . C   D 2 4  ? -3.250  11.142  -14.345 1.00 31.90 ? 23 C   D "O3'" 1 
ATOM   1139 C "C2'" . C   D 2 4  ? -5.555  11.178  -13.615 1.00 31.52 ? 23 C   D "C2'" 1 
ATOM   1140 O "O2'" . C   D 2 4  ? -5.340  12.541  -13.302 1.00 31.35 ? 23 C   D "O2'" 1 
ATOM   1141 C "C1'" . C   D 2 4  ? -6.872  11.008  -14.376 1.00 30.78 ? 23 C   D "C1'" 1 
ATOM   1142 N N1    . C   D 2 4  ? -7.452  9.673   -14.150 1.00 30.22 ? 23 C   D N1    1 
ATOM   1143 C C2    . C   D 2 4  ? -8.197  9.458   -12.991 1.00 30.22 ? 23 C   D C2    1 
ATOM   1144 O O2    . C   D 2 4  ? -8.342  10.396  -12.199 1.00 29.20 ? 23 C   D O2    1 
ATOM   1145 N N3    . C   D 2 4  ? -8.729  8.234   -12.755 1.00 30.14 ? 23 C   D N3    1 
ATOM   1146 C C4    . C   D 2 4  ? -8.523  7.242   -13.624 1.00 31.11 ? 23 C   D C4    1 
ATOM   1147 N N4    . C   D 2 4  ? -9.053  6.046   -13.349 1.00 31.57 ? 23 C   D N4    1 
ATOM   1148 C C5    . C   D 2 4  ? -7.762  7.432   -14.817 1.00 30.65 ? 23 C   D C5    1 
ATOM   1149 C C6    . C   D 2 4  ? -7.256  8.654   -15.041 1.00 30.86 ? 23 C   D C6    1 
ATOM   1150 P P     . G   D 2 5  ? -2.198  10.114  -13.709 1.00 33.21 ? 24 G   D P     1 
ATOM   1151 O OP1   . G   D 2 5  ? -0.855  10.743  -13.763 1.00 33.62 ? 24 G   D OP1   1 
ATOM   1152 O OP2   . G   D 2 5  ? -2.410  8.789   -14.344 1.00 33.97 ? 24 G   D OP2   1 
ATOM   1153 O "O5'" . G   D 2 5  ? -2.664  9.982   -12.188 1.00 33.26 ? 24 G   D "O5'" 1 
ATOM   1154 C "C5'" . G   D 2 5  ? -2.640  11.112  -11.319 1.00 31.01 ? 24 G   D "C5'" 1 
ATOM   1155 C "C4'" . G   D 2 5  ? -3.438  10.846  -10.056 1.00 29.42 ? 24 G   D "C4'" 1 
ATOM   1156 O "O4'" . G   D 2 5  ? -4.826  10.586  -10.399 1.00 28.73 ? 24 G   D "O4'" 1 
ATOM   1157 C "C3'" . G   D 2 5  ? -3.074  9.634   -9.211  1.00 28.50 ? 24 G   D "C3'" 1 
ATOM   1158 O "O3'" . G   D 2 5  ? -1.932  9.848   -8.393  1.00 27.56 ? 24 G   D "O3'" 1 
ATOM   1159 C "C2'" . G   D 2 5  ? -4.327  9.492   -8.359  1.00 29.60 ? 24 G   D "C2'" 1 
ATOM   1160 O "O2'" . G   D 2 5  ? -4.401  10.450  -7.321  1.00 30.61 ? 24 G   D "O2'" 1 
ATOM   1161 C "C1'" . G   D 2 5  ? -5.416  9.772   -9.392  1.00 28.15 ? 24 G   D "C1'" 1 
ATOM   1162 N N9    . G   D 2 5  ? -5.866  8.521   -9.992  1.00 27.94 ? 24 G   D N9    1 
ATOM   1163 C C8    . G   D 2 5  ? -5.587  8.038   -11.249 1.00 26.54 ? 24 G   D C8    1 
ATOM   1164 N N7    . G   D 2 5  ? -6.109  6.862   -11.474 1.00 26.38 ? 24 G   D N7    1 
ATOM   1165 C C5    . G   D 2 5  ? -6.786  6.558   -10.299 1.00 26.52 ? 24 G   D C5    1 
ATOM   1166 C C6    . G   D 2 5  ? -7.556  5.418   -9.948  1.00 25.69 ? 24 G   D C6    1 
ATOM   1167 O O6    . G   D 2 5  ? -7.814  4.423   -10.634 1.00 25.29 ? 24 G   D O6    1 
ATOM   1168 N N1    . G   D 2 5  ? -8.055  5.516   -8.647  1.00 23.99 ? 24 G   D N1    1 
ATOM   1169 C C2    . G   D 2 5  ? -7.846  6.578   -7.801  1.00 24.00 ? 24 G   D C2    1 
ATOM   1170 N N2    . G   D 2 5  ? -8.396  6.492   -6.579  1.00 20.22 ? 24 G   D N2    1 
ATOM   1171 N N3    . G   D 2 5  ? -7.145  7.650   -8.125  1.00 24.37 ? 24 G   D N3    1 
ATOM   1172 C C4    . G   D 2 5  ? -6.646  7.572   -9.378  1.00 26.36 ? 24 G   D C4    1 
ATOM   1173 P P     . U   D 2 6  ? -1.203  8.593   -7.704  1.00 26.90 ? 25 U   D P     1 
ATOM   1174 O OP1   . U   D 2 6  ? -0.001  9.092   -6.995  1.00 26.73 ? 25 U   D OP1   1 
ATOM   1175 O OP2   . U   D 2 6  ? -1.058  7.511   -8.705  1.00 25.89 ? 25 U   D OP2   1 
ATOM   1176 O "O5'" . U   D 2 6  ? -2.256  8.092   -6.619  1.00 27.08 ? 25 U   D "O5'" 1 
ATOM   1177 C "C5'" . U   D 2 6  ? -2.581  8.892   -5.486  1.00 25.92 ? 25 U   D "C5'" 1 
ATOM   1178 C "C4'" . U   D 2 6  ? -3.390  8.089   -4.492  1.00 23.17 ? 25 U   D "C4'" 1 
ATOM   1179 O "O4'" . U   D 2 6  ? -4.635  7.659   -5.111  1.00 22.57 ? 25 U   D "O4'" 1 
ATOM   1180 C "C3'" . U   D 2 6  ? -2.770  6.785   -4.024  1.00 22.40 ? 25 U   D "C3'" 1 
ATOM   1181 O "O3'" . U   D 2 6  ? -1.824  6.985   -2.986  1.00 20.15 ? 25 U   D "O3'" 1 
ATOM   1182 C "C2'" . U   D 2 6  ? -3.985  6.035   -3.506  1.00 22.74 ? 25 U   D "C2'" 1 
ATOM   1183 O "O2'" . U   D 2 6  ? -4.400  6.525   -2.246  1.00 24.81 ? 25 U   D "O2'" 1 
ATOM   1184 C "C1'" . U   D 2 6  ? -5.028  6.411   -4.554  1.00 22.94 ? 25 U   D "C1'" 1 
ATOM   1185 N N1    . U   D 2 6  ? -5.170  5.415   -5.629  1.00 21.66 ? 25 U   D N1    1 
ATOM   1186 C C2    . U   D 2 6  ? -5.932  4.286   -5.344  1.00 22.07 ? 25 U   D C2    1 
ATOM   1187 O O2    . U   D 2 6  ? -6.389  4.069   -4.235  1.00 21.45 ? 25 U   D O2    1 
ATOM   1188 N N3    . U   D 2 6  ? -6.125  3.422   -6.399  1.00 19.83 ? 25 U   D N3    1 
ATOM   1189 C C4    . U   D 2 6  ? -5.621  3.556   -7.684  1.00 22.23 ? 25 U   D C4    1 
ATOM   1190 O O4    . U   D 2 6  ? -5.961  2.748   -8.560  1.00 20.79 ? 25 U   D O4    1 
ATOM   1191 C C5    . U   D 2 6  ? -4.792  4.720   -7.883  1.00 21.01 ? 25 U   D C5    1 
ATOM   1192 C C6    . U   D 2 6  ? -4.603  5.588   -6.871  1.00 20.39 ? 25 U   D C6    1 
ATOM   1193 P P     . C   D 2 7  ? -0.466  6.137   -2.986  1.00 19.24 ? 26 C   D P     1 
ATOM   1194 O OP1   . C   D 2 7  ? 0.403   6.732   -1.954  1.00 22.44 ? 26 C   D OP1   1 
ATOM   1195 O OP2   . C   D 2 7  ? 0.026   6.043   -4.390  1.00 22.11 ? 26 C   D OP2   1 
ATOM   1196 O "O5'" . C   D 2 7  ? -0.910  4.672   -2.544  1.00 22.39 ? 26 C   D "O5'" 1 
ATOM   1197 C "C5'" . C   D 2 7  ? -1.439  4.425   -1.251  1.00 21.79 ? 26 C   D "C5'" 1 
ATOM   1198 C "C4'" . C   D 2 7  ? -2.149  3.089   -1.216  1.00 22.50 ? 26 C   D "C4'" 1 
ATOM   1199 O "O4'" . C   D 2 7  ? -3.315  3.105   -2.088  1.00 21.95 ? 26 C   D "O4'" 1 
ATOM   1200 C "C3'" . C   D 2 7  ? -1.374  1.887   -1.718  1.00 21.17 ? 26 C   D "C3'" 1 
ATOM   1201 O "O3'" . C   D 2 7  ? -0.453  1.419   -0.750  1.00 23.67 ? 26 C   D "O3'" 1 
ATOM   1202 C "C2'" . C   D 2 7  ? -2.497  0.887   -1.936  1.00 21.72 ? 26 C   D "C2'" 1 
ATOM   1203 O "O2'" . C   D 2 7  ? -2.982  0.322   -0.733  1.00 21.21 ? 26 C   D "O2'" 1 
ATOM   1204 C "C1'" . C   D 2 7  ? -3.567  1.785   -2.555  1.00 20.22 ? 26 C   D "C1'" 1 
ATOM   1205 N N1    . C   D 2 7  ? -3.461  1.773   -4.020  1.00 19.72 ? 26 C   D N1    1 
ATOM   1206 C C2    . C   D 2 7  ? -4.000  0.689   -4.715  1.00 17.68 ? 26 C   D C2    1 
ATOM   1207 O O2    . C   D 2 7  ? -4.553  -0.215  -4.069  1.00 14.74 ? 26 C   D O2    1 
ATOM   1208 N N3    . C   D 2 7  ? -3.895  0.649   -6.067  1.00 18.61 ? 26 C   D N3    1 
ATOM   1209 C C4    . C   D 2 7  ? -3.271  1.638   -6.715  1.00 19.14 ? 26 C   D C4    1 
ATOM   1210 N N4    . C   D 2 7  ? -3.167  1.553   -8.046  1.00 20.92 ? 26 C   D N4    1 
ATOM   1211 C C5    . C   D 2 7  ? -2.720  2.758   -6.027  1.00 19.01 ? 26 C   D C5    1 
ATOM   1212 C C6    . C   D 2 7  ? -2.839  2.787   -4.695  1.00 18.13 ? 26 C   D C6    1 
ATOM   1213 P P     . A   D 2 8  ? 0.900   0.713   -1.234  1.00 23.12 ? 27 A   D P     1 
ATOM   1214 O OP1   . A   D 2 8  ? 1.710   0.412   -0.029  1.00 23.93 ? 27 A   D OP1   1 
ATOM   1215 O OP2   . A   D 2 8  ? 1.479   1.530   -2.329  1.00 26.30 ? 27 A   D OP2   1 
ATOM   1216 O "O5'" . A   D 2 8  ? 0.405   -0.668  -1.847  1.00 23.55 ? 27 A   D "O5'" 1 
ATOM   1217 C "C5'" . A   D 2 8  ? -0.337  -1.572  -1.048  1.00 22.30 ? 27 A   D "C5'" 1 
ATOM   1218 C "C4'" . A   D 2 8  ? -0.848  -2.710  -1.885  1.00 22.03 ? 27 A   D "C4'" 1 
ATOM   1219 O "O4'" . A   D 2 8  ? -1.824  -2.224  -2.846  1.00 21.42 ? 27 A   D "O4'" 1 
ATOM   1220 C "C3'" . A   D 2 8  ? 0.187   -3.401  -2.750  1.00 21.47 ? 27 A   D "C3'" 1 
ATOM   1221 O "O3'" . A   D 2 8  ? 0.944   -4.326  -1.984  1.00 24.77 ? 27 A   D "O3'" 1 
ATOM   1222 C "C2'" . A   D 2 8  ? -0.702  -4.096  -3.768  1.00 22.08 ? 27 A   D "C2'" 1 
ATOM   1223 O "O2'" . A   D 2 8  ? -1.335  -5.237  -3.233  1.00 20.70 ? 27 A   D "O2'" 1 
ATOM   1224 C "C1'" . A   D 2 8  ? -1.751  -3.015  -4.027  1.00 20.52 ? 27 A   D "C1'" 1 
ATOM   1225 N N9    . A   D 2 8  ? -1.365  -2.151  -5.143  1.00 19.97 ? 27 A   D N9    1 
ATOM   1226 C C8    . A   D 2 8  ? -0.788  -0.902  -5.099  1.00 18.29 ? 27 A   D C8    1 
ATOM   1227 N N7    . A   D 2 8  ? -0.562  -0.385  -6.283  1.00 18.56 ? 27 A   D N7    1 
ATOM   1228 C C5    . A   D 2 8  ? -1.028  -1.349  -7.163  1.00 17.65 ? 27 A   D C5    1 
ATOM   1229 C C6    . A   D 2 8  ? -1.097  -1.393  -8.567  1.00 18.42 ? 27 A   D C6    1 
ATOM   1230 N N6    . A   D 2 8  ? -0.707  -0.389  -9.359  1.00 17.10 ? 27 A   D N6    1 
ATOM   1231 N N1    . A   D 2 8  ? -1.602  -2.508  -9.134  1.00 15.96 ? 27 A   D N1    1 
ATOM   1232 C C2    . A   D 2 8  ? -2.022  -3.497  -8.338  1.00 17.95 ? 27 A   D C2    1 
ATOM   1233 N N3    . A   D 2 8  ? -2.030  -3.566  -7.006  1.00 17.81 ? 27 A   D N3    1 
ATOM   1234 C C4    . A   D 2 8  ? -1.514  -2.447  -6.475  1.00 17.86 ? 27 A   D C4    1 
ATOM   1235 P P     . C   D 2 9  ? 2.470   -4.629  -2.383  1.00 24.32 ? 28 C   D P     1 
ATOM   1236 O OP1   . C   D 2 9  ? 3.002   -5.620  -1.413  1.00 26.64 ? 28 C   D OP1   1 
ATOM   1237 O OP2   . C   D 2 9  ? 3.172   -3.339  -2.571  1.00 24.68 ? 28 C   D OP2   1 
ATOM   1238 O "O5'" . C   D 2 9  ? 2.361   -5.334  -3.806  1.00 25.34 ? 28 C   D "O5'" 1 
ATOM   1239 C "C5'" . C   D 2 9  ? 1.750   -6.611  -3.947  1.00 22.82 ? 28 C   D "C5'" 1 
ATOM   1240 C "C4'" . C   D 2 9  ? 1.588   -6.952  -5.410  1.00 22.64 ? 28 C   D "C4'" 1 
ATOM   1241 O "O4'" . C   D 2 9  ? 0.735   -5.960  -6.045  1.00 21.63 ? 28 C   D "O4'" 1 
ATOM   1242 C "C3'" . C   D 2 9  ? 2.855   -6.914  -6.245  1.00 21.89 ? 28 C   D "C3'" 1 
ATOM   1243 O "O3'" . C   D 2 9  ? 3.592   -8.122  -6.117  1.00 21.63 ? 28 C   D "O3'" 1 
ATOM   1244 C "C2'" . C   D 2 9  ? 2.292   -6.738  -7.646  1.00 21.78 ? 28 C   D "C2'" 1 
ATOM   1245 O "O2'" . C   D 2 9  ? 1.733   -7.938  -8.142  1.00 22.85 ? 28 C   D "O2'" 1 
ATOM   1246 C "C1'" . C   D 2 9  ? 1.162   -5.749  -7.382  1.00 20.96 ? 28 C   D "C1'" 1 
ATOM   1247 N N1    . C   D 2 9  ? 1.576   -4.341  -7.536  1.00 20.14 ? 28 C   D N1    1 
ATOM   1248 C C2    . C   D 2 9  ? 1.671   -3.815  -8.830  1.00 19.64 ? 28 C   D C2    1 
ATOM   1249 O O2    . C   D 2 9  ? 1.432   -4.554  -9.793  1.00 19.31 ? 28 C   D O2    1 
ATOM   1250 N N3    . C   D 2 9  ? 2.025   -2.521  -8.999  1.00 19.03 ? 28 C   D N3    1 
ATOM   1251 C C4    . C   D 2 9  ? 2.282   -1.755  -7.936  1.00 20.52 ? 28 C   D C4    1 
ATOM   1252 N N4    . C   D 2 9  ? 2.610   -0.470  -8.155  1.00 18.38 ? 28 C   D N4    1 
ATOM   1253 C C5    . C   D 2 9  ? 2.212   -2.268  -6.600  1.00 18.52 ? 28 C   D C5    1 
ATOM   1254 C C6    . C   D 2 9  ? 1.859   -3.557  -6.450  1.00 19.67 ? 28 C   D C6    1 
ATOM   1255 P P     . A   D 2 10 ? 5.167   -8.120  -6.423  1.00 26.16 ? 29 A   D P     1 
ATOM   1256 O OP1   . A   D 2 10 ? 5.693   -9.449  -6.035  1.00 23.91 ? 29 A   D OP1   1 
ATOM   1257 O OP2   . A   D 2 10 ? 5.767   -6.885  -5.834  1.00 24.01 ? 29 A   D OP2   1 
ATOM   1258 O "O5'" . A   D 2 10 ? 5.256   -7.981  -8.011  1.00 25.37 ? 29 A   D "O5'" 1 
ATOM   1259 C "C5'" . A   D 2 10 ? 4.789   -9.026  -8.865  1.00 23.39 ? 29 A   D "C5'" 1 
ATOM   1260 C "C4'" . A   D 2 10 ? 4.880   -8.601  -10.311 1.00 24.06 ? 29 A   D "C4'" 1 
ATOM   1261 O "O4'" . A   D 2 10 ? 3.966   -7.495  -10.556 1.00 23.80 ? 29 A   D "O4'" 1 
ATOM   1262 C "C3'" . A   D 2 10 ? 6.231   -8.074  -10.778 1.00 24.08 ? 29 A   D "C3'" 1 
ATOM   1263 O "O3'" . A   D 2 10 ? 7.112   -9.134  -11.136 1.00 24.26 ? 29 A   D "O3'" 1 
ATOM   1264 C "C2'" . A   D 2 10 ? 5.832   -7.265  -12.001 1.00 24.40 ? 29 A   D "C2'" 1 
ATOM   1265 O "O2'" . A   D 2 10 ? 5.531   -8.115  -13.087 1.00 25.68 ? 29 A   D "O2'" 1 
ATOM   1266 C "C1'" . A   D 2 10 ? 4.537   -6.608  -11.511 1.00 24.78 ? 29 A   D "C1'" 1 
ATOM   1267 N N9    . A   D 2 10 ? 4.745   -5.310  -10.867 1.00 22.86 ? 29 A   D N9    1 
ATOM   1268 C C8    . A   D 2 10 ? 4.854   -5.052  -9.522  1.00 23.30 ? 29 A   D C8    1 
ATOM   1269 N N7    . A   D 2 10 ? 4.998   -3.779  -9.236  1.00 23.81 ? 29 A   D N7    1 
ATOM   1270 C C5    . A   D 2 10 ? 4.991   -3.156  -10.475 1.00 21.67 ? 29 A   D C5    1 
ATOM   1271 C C6    . A   D 2 10 ? 5.087   -1.804  -10.855 1.00 21.61 ? 29 A   D C6    1 
ATOM   1272 N N6    . A   D 2 10 ? 5.186   -0.789  -9.986  1.00 19.57 ? 29 A   D N6    1 
ATOM   1273 N N1    . A   D 2 10 ? 5.066   -1.524  -12.174 1.00 17.43 ? 29 A   D N1    1 
ATOM   1274 C C2    . A   D 2 10 ? 4.945   -2.533  -13.043 1.00 20.19 ? 29 A   D C2    1 
ATOM   1275 N N3    . A   D 2 10 ? 4.829   -3.840  -12.810 1.00 22.20 ? 29 A   D N3    1 
ATOM   1276 C C4    . A   D 2 10 ? 4.855   -4.089  -11.490 1.00 22.93 ? 29 A   D C4    1 
ATOM   1277 P P     . C   D 2 11 ? 8.696   -8.948  -10.952 1.00 27.90 ? 30 C   D P     1 
ATOM   1278 O OP1   . C   D 2 11 ? 9.336   -10.270 -11.165 1.00 29.42 ? 30 C   D OP1   1 
ATOM   1279 O OP2   . C   D 2 11 ? 8.945   -8.214  -9.688  1.00 28.84 ? 30 C   D OP2   1 
ATOM   1280 O "O5'" . C   D 2 11 ? 9.108   -7.974  -12.146 1.00 27.19 ? 30 C   D "O5'" 1 
ATOM   1281 C "C5'" . C   D 2 11 ? 8.861   -8.321  -13.505 1.00 23.93 ? 30 C   D "C5'" 1 
ATOM   1282 C "C4'" . C   D 2 11 ? 9.076   -7.121  -14.399 1.00 23.61 ? 30 C   D "C4'" 1 
ATOM   1283 O "O4'" . C   D 2 11 ? 8.064   -6.120  -14.111 1.00 24.53 ? 30 C   D "O4'" 1 
ATOM   1284 C "C3'" . C   D 2 11 ? 10.372  -6.362  -14.187 1.00 23.50 ? 30 C   D "C3'" 1 
ATOM   1285 O "O3'" . C   D 2 11 ? 11.477  -6.966  -14.833 1.00 21.82 ? 30 C   D "O3'" 1 
ATOM   1286 C "C2'" . C   D 2 11 ? 10.047  -5.002  -14.784 1.00 23.54 ? 30 C   D "C2'" 1 
ATOM   1287 O "O2'" . C   D 2 11 ? 10.132  -4.975  -16.196 1.00 24.04 ? 30 C   D "O2'" 1 
ATOM   1288 C "C1'" . C   D 2 11 ? 8.597   -4.819  -14.332 1.00 23.07 ? 30 C   D "C1'" 1 
ATOM   1289 N N1    . C   D 2 11 ? 8.490   -4.037  -13.084 1.00 21.15 ? 30 C   D N1    1 
ATOM   1290 C C2    . C   D 2 11 ? 8.418   -2.641  -13.169 1.00 20.70 ? 30 C   D C2    1 
ATOM   1291 O O2    . C   D 2 11 ? 8.419   -2.114  -14.281 1.00 22.46 ? 30 C   D O2    1 
ATOM   1292 N N3    . C   D 2 11 ? 8.346   -1.903  -12.032 1.00 20.74 ? 30 C   D N3    1 
ATOM   1293 C C4    . C   D 2 11 ? 8.328   -2.515  -10.846 1.00 20.87 ? 30 C   D C4    1 
ATOM   1294 N N4    . C   D 2 11 ? 8.237   -1.759  -9.752  1.00 21.09 ? 30 C   D N4    1 
ATOM   1295 C C5    . C   D 2 11 ? 8.396   -3.935  -10.731 1.00 21.50 ? 30 C   D C5    1 
ATOM   1296 C C6    . C   D 2 11 ? 8.472   -4.650  -11.865 1.00 20.23 ? 30 C   D C6    1 
ATOM   1297 P P     . C   D 2 12 ? 12.955  -6.614  -14.338 1.00 21.80 ? 31 C   D P     1 
ATOM   1298 O OP1   . C   D 2 12 ? 13.887  -7.521  -15.045 1.00 25.60 ? 31 C   D OP1   1 
ATOM   1299 O OP2   . C   D 2 12 ? 12.943  -6.595  -12.854 1.00 24.57 ? 31 C   D OP2   1 
ATOM   1300 O "O5'" . C   D 2 12 ? 13.196  -5.116  -14.845 1.00 22.12 ? 31 C   D "O5'" 1 
ATOM   1301 C "C5'" . C   D 2 12 ? 13.292  -4.816  -16.232 1.00 18.13 ? 31 C   D "C5'" 1 
ATOM   1302 C "C4'" . C   D 2 12 ? 13.572  -3.345  -16.435 1.00 20.06 ? 31 C   D "C4'" 1 
ATOM   1303 O "O4'" . C   D 2 12 ? 12.450  -2.543  -15.971 1.00 19.45 ? 31 C   D "O4'" 1 
ATOM   1304 C "C3'" . C   D 2 12 ? 14.751  -2.782  -15.666 1.00 19.93 ? 31 C   D "C3'" 1 
ATOM   1305 O "O3'" . C   D 2 12 ? 15.983  -3.072  -16.309 1.00 18.79 ? 31 C   D "O3'" 1 
ATOM   1306 C "C2'" . C   D 2 12 ? 14.439  -1.293  -15.686 1.00 19.76 ? 31 C   D "C2'" 1 
ATOM   1307 O "O2'" . C   D 2 12 ? 14.725  -0.705  -16.943 1.00 19.12 ? 31 C   D "O2'" 1 
ATOM   1308 C "C1'" . C   D 2 12 ? 12.926  -1.303  -15.462 1.00 17.46 ? 31 C   D "C1'" 1 
ATOM   1309 N N1    . C   D 2 12 ? 12.537  -1.191  -14.041 1.00 15.51 ? 31 C   D N1    1 
ATOM   1310 C C2    . C   D 2 12 ? 12.454  0.098   -13.445 1.00 17.49 ? 31 C   D C2    1 
ATOM   1311 O O2    . C   D 2 12 ? 12.723  1.108   -14.130 1.00 10.96 ? 31 C   D O2    1 
ATOM   1312 N N3    . C   D 2 12 ? 12.080  0.201   -12.138 1.00 13.66 ? 31 C   D N3    1 
ATOM   1313 C C4    . C   D 2 12 ? 11.790  -0.899  -11.439 1.00 15.82 ? 31 C   D C4    1 
ATOM   1314 N N4    . C   D 2 12 ? 11.393  -0.745  -10.163 1.00 11.50 ? 31 C   D N4    1 
ATOM   1315 C C5    . C   D 2 12 ? 11.881  -2.211  -12.014 1.00 13.73 ? 31 C   D C5    1 
ATOM   1316 C C6    . C   D 2 12 ? 12.252  -2.307  -13.301 1.00 13.85 ? 31 C   D C6    1 
ATOM   1317 P P     . A   D 2 13 ? 17.308  -3.236  -15.429 1.00 23.18 ? 32 A   D P     1 
ATOM   1318 O OP1   . A   D 2 13 ? 18.299  -3.936  -16.282 1.00 20.64 ? 32 A   D OP1   1 
ATOM   1319 O OP2   . A   D 2 13 ? 16.936  -3.818  -14.113 1.00 22.06 ? 32 A   D OP2   1 
ATOM   1320 O "O5'" . A   D 2 13 ? 17.775  -1.734  -15.162 1.00 21.46 ? 32 A   D "O5'" 1 
ATOM   1321 C "C5'" . A   D 2 13 ? 18.137  -0.871  -16.237 1.00 20.80 ? 32 A   D "C5'" 1 
ATOM   1322 C "C4'" . A   D 2 13 ? 18.307  0.541   -15.733 1.00 17.47 ? 32 A   D "C4'" 1 
ATOM   1323 O "O4'" . A   D 2 13 ? 17.017  1.066   -15.321 1.00 19.40 ? 32 A   D "O4'" 1 
ATOM   1324 C "C3'" . A   D 2 13 ? 19.153  0.666   -14.482 1.00 19.07 ? 32 A   D "C3'" 1 
ATOM   1325 O "O3'" . A   D 2 13 ? 20.543  0.690   -14.738 1.00 16.66 ? 32 A   D "O3'" 1 
ATOM   1326 C "C2'" . A   D 2 13 ? 18.686  1.990   -13.911 1.00 19.73 ? 32 A   D "C2'" 1 
ATOM   1327 O "O2'" . A   D 2 13 ? 19.285  3.076   -14.580 1.00 23.55 ? 32 A   D "O2'" 1 
ATOM   1328 C "C1'" . A   D 2 13 ? 17.186  1.934   -14.205 1.00 19.45 ? 32 A   D "C1'" 1 
ATOM   1329 N N9    . A   D 2 13 ? 16.439  1.387   -13.073 1.00 18.22 ? 32 A   D N9    1 
ATOM   1330 C C8    . A   D 2 13 ? 16.015  0.094   -12.913 1.00 19.72 ? 32 A   D C8    1 
ATOM   1331 N N7    . A   D 2 13 ? 15.391  -0.123  -11.783 1.00 18.93 ? 32 A   D N7    1 
ATOM   1332 C C5    . A   D 2 13 ? 15.396  1.111   -11.155 1.00 17.95 ? 32 A   D C5    1 
ATOM   1333 C C6    . A   D 2 13 ? 14.891  1.537   -9.917  1.00 19.38 ? 32 A   D C6    1 
ATOM   1334 N N6    . A   D 2 13 ? 14.257  0.719   -9.070  1.00 18.06 ? 32 A   D N6    1 
ATOM   1335 N N1    . A   D 2 13 ? 15.060  2.839   -9.578  1.00 16.81 ? 32 A   D N1    1 
ATOM   1336 C C2    . A   D 2 13 ? 15.696  3.644   -10.443 1.00 17.18 ? 32 A   D C2    1 
ATOM   1337 N N3    . A   D 2 13 ? 16.216  3.357   -11.641 1.00 16.93 ? 32 A   D N3    1 
ATOM   1338 C C4    . A   D 2 13 ? 16.032  2.057   -11.941 1.00 19.45 ? 32 A   D C4    1 
ATOM   1339 P P     . C   D 2 14 ? 21.545  0.151   -13.610 1.00 22.54 ? 33 C   D P     1 
ATOM   1340 O OP1   . C   D 2 14 ? 22.921  0.177   -14.160 1.00 23.20 ? 33 C   D OP1   1 
ATOM   1341 O OP2   . C   D 2 14 ? 20.994  -1.124  -13.077 1.00 24.02 ? 33 C   D OP2   1 
ATOM   1342 O "O5'" . C   D 2 14 ? 21.431  1.224   -12.431 1.00 21.99 ? 33 C   D "O5'" 1 
ATOM   1343 C "C5'" . C   D 2 14 ? 21.814  2.581   -12.631 1.00 18.58 ? 33 C   D "C5'" 1 
ATOM   1344 C "C4'" . C   D 2 14 ? 21.335  3.445   -11.480 1.00 18.22 ? 33 C   D "C4'" 1 
ATOM   1345 O "O4'" . C   D 2 14 ? 19.894  3.332   -11.356 1.00 18.61 ? 33 C   D "O4'" 1 
ATOM   1346 C "C3'" . C   D 2 14 ? 21.814  3.075   -10.088 1.00 17.69 ? 33 C   D "C3'" 1 
ATOM   1347 O "O3'" . C   D 2 14 ? 23.133  3.535   -9.851  1.00 18.16 ? 33 C   D "O3'" 1 
ATOM   1348 C "C2'" . C   D 2 14 ? 20.793  3.796   -9.220  1.00 18.56 ? 33 C   D "C2'" 1 
ATOM   1349 O "O2'" . C   D 2 14 ? 20.970  5.195   -9.160  1.00 18.15 ? 33 C   D "O2'" 1 
ATOM   1350 C "C1'" . C   D 2 14 ? 19.512  3.524   -10.001 1.00 17.92 ? 33 C   D "C1'" 1 
ATOM   1351 N N1    . C   D 2 14 ? 18.853  2.306   -9.500  1.00 18.35 ? 33 C   D N1    1 
ATOM   1352 C C2    . C   D 2 14 ? 18.092  2.408   -8.328  1.00 16.68 ? 33 C   D C2    1 
ATOM   1353 O O2    . C   D 2 14 ? 17.995  3.513   -7.779  1.00 10.61 ? 33 C   D O2    1 
ATOM   1354 N N3    . C   D 2 14 ? 17.490  1.305   -7.826  1.00 14.32 ? 33 C   D N3    1 
ATOM   1355 C C4    . C   D 2 14 ? 17.617  0.135   -8.451  1.00 15.63 ? 33 C   D C4    1 
ATOM   1356 N N4    . C   D 2 14 ? 16.990  -0.932  -7.917  1.00 14.54 ? 33 C   D N4    1 
ATOM   1357 C C5    . C   D 2 14 ? 18.385  -0.002  -9.651  1.00 14.91 ? 33 C   D C5    1 
ATOM   1358 C C6    . C   D 2 14 ? 18.979  1.100   -10.135 1.00 16.34 ? 33 C   D C6    1 
ATOM   1359 P P     . C   D 2 15 ? 24.000  2.881   -8.670  1.00 19.95 ? 34 C   D P     1 
ATOM   1360 O OP1   . C   D 2 15 ? 25.376  3.431   -8.754  1.00 20.15 ? 34 C   D OP1   1 
ATOM   1361 O OP2   . C   D 2 15 ? 23.788  1.417   -8.683  1.00 20.61 ? 34 C   D OP2   1 
ATOM   1362 O "O5'" . C   D 2 15 ? 23.324  3.421   -7.332  1.00 20.52 ? 34 C   D "O5'" 1 
ATOM   1363 C "C5'" . C   D 2 15 ? 23.434  4.781   -6.942  1.00 18.19 ? 34 C   D "C5'" 1 
ATOM   1364 C "C4'" . C   D 2 15 ? 22.872  4.969   -5.547  1.00 16.87 ? 34 C   D "C4'" 1 
ATOM   1365 O "O4'" . C   D 2 15 ? 21.462  4.613   -5.538  1.00 16.03 ? 34 C   D "O4'" 1 
ATOM   1366 C "C3'" . C   D 2 15 ? 23.475  4.100   -4.455  1.00 17.63 ? 34 C   D "C3'" 1 
ATOM   1367 O "O3'" . C   D 2 15 ? 24.665  4.686   -3.933  1.00 17.13 ? 34 C   D "O3'" 1 
ATOM   1368 C "C2'" . C   D 2 15 ? 22.372  4.108   -3.408  1.00 16.53 ? 34 C   D "C2'" 1 
ATOM   1369 O "O2'" . C   D 2 15 ? 22.380  5.337   -2.723  1.00 15.03 ? 34 C   D "O2'" 1 
ATOM   1370 C "C1'" . C   D 2 15 ? 21.120  4.030   -4.288  1.00 16.19 ? 34 C   D "C1'" 1 
ATOM   1371 N N1    . C   D 2 15 ? 20.618  2.656   -4.530  1.00 14.49 ? 34 C   D N1    1 
ATOM   1372 C C2    . C   D 2 15 ? 19.833  2.029   -3.532  1.00 15.69 ? 34 C   D C2    1 
ATOM   1373 O O2    . C   D 2 15 ? 19.628  2.629   -2.461  1.00 13.99 ? 34 C   D O2    1 
ATOM   1374 N N3    . C   D 2 15 ? 19.326  0.790   -3.768  1.00 13.02 ? 34 C   D N3    1 
ATOM   1375 C C4    . C   D 2 15 ? 19.577  0.179   -4.937  1.00 14.52 ? 34 C   D C4    1 
ATOM   1376 N N4    . C   D 2 15 ? 19.020  -1.020  -5.158  1.00 9.78  ? 34 C   D N4    1 
ATOM   1377 C C5    . C   D 2 15 ? 20.401  0.780   -5.943  1.00 12.22 ? 34 C   D C5    1 
ATOM   1378 C C6    . C   D 2 15 ? 20.893  2.003   -5.699  1.00 10.59 ? 34 C   D C6    1 
ATOM   1379 P P     . C   D 2 16 ? 25.811  3.746   -3.313  1.00 20.02 ? 35 C   D P     1 
ATOM   1380 O OP1   . C   D 2 16 ? 26.991  4.610   -3.076  1.00 20.33 ? 35 C   D OP1   1 
ATOM   1381 O OP2   . C   D 2 16 ? 25.945  2.538   -4.176  1.00 19.06 ? 35 C   D OP2   1 
ATOM   1382 O "O5'" . C   D 2 16 ? 25.218  3.292   -1.901  1.00 19.64 ? 35 C   D "O5'" 1 
ATOM   1383 C "C5'" . C   D 2 16 ? 24.740  4.255   -0.953  1.00 18.71 ? 35 C   D "C5'" 1 
ATOM   1384 C "C4'" . C   D 2 16 ? 24.005  3.562   0.177   1.00 17.86 ? 35 C   D "C4'" 1 
ATOM   1385 O "O4'" . C   D 2 16 ? 22.743  3.013   -0.288  1.00 16.43 ? 35 C   D "O4'" 1 
ATOM   1386 C "C3'" . C   D 2 16 ? 24.737  2.361   0.748   1.00 19.59 ? 35 C   D "C3'" 1 
ATOM   1387 O "O3'" . C   D 2 16 ? 25.738  2.813   1.640   1.00 18.21 ? 35 C   D "O3'" 1 
ATOM   1388 C "C2'" . C   D 2 16 ? 23.613  1.567   1.399   1.00 19.68 ? 35 C   D "C2'" 1 
ATOM   1389 O "O2'" . C   D 2 16 ? 23.286  2.082   2.671   1.00 23.04 ? 35 C   D "O2'" 1 
ATOM   1390 C "C1'" . C   D 2 16 ? 22.455  1.821   0.428   1.00 17.40 ? 35 C   D "C1'" 1 
ATOM   1391 N N1    . C   D 2 16 ? 22.216  0.721   -0.530  1.00 14.83 ? 35 C   D N1    1 
ATOM   1392 C C2    . C   D 2 16 ? 21.462  -0.372  -0.104  1.00 13.65 ? 35 C   D C2    1 
ATOM   1393 O O2    . C   D 2 16 ? 21.079  -0.402  1.072   1.00 16.02 ? 35 C   D O2    1 
ATOM   1394 N N3    . C   D 2 16 ? 21.176  -1.371  -0.977  1.00 9.10  ? 35 C   D N3    1 
ATOM   1395 C C4    . C   D 2 16 ? 21.628  -1.307  -2.230  1.00 8.45  ? 35 C   D C4    1 
ATOM   1396 N N4    . C   D 2 16 ? 21.292  -2.284  -3.067  1.00 4.94  ? 35 C   D N4    1 
ATOM   1397 C C5    . C   D 2 16 ? 22.436  -0.223  -2.684  1.00 9.02  ? 35 C   D C5    1 
ATOM   1398 C C6    . C   D 2 16 ? 22.701  0.764   -1.809  1.00 12.59 ? 35 C   D C6    1 
HETATM 1399 O O     . HOH E 3 .  ? 7.738   -14.535 14.373  1.00 16.32 ? 18 HOH A O     1 
HETATM 1400 O O     . HOH E 3 .  ? 2.116   -18.043 18.616  1.00 18.91 ? 19 HOH A O     1 
HETATM 1401 O O     . HOH E 3 .  ? -8.526  0.368   6.005   1.00 16.22 ? 20 HOH A O     1 
HETATM 1402 O O     . HOH E 3 .  ? 0.353   5.670   20.361  1.00 20.12 ? 21 HOH A O     1 
HETATM 1403 O O     . HOH E 3 .  ? 1.437   3.619   2.793   1.00 24.49 ? 22 HOH A O     1 
HETATM 1404 O O     . HOH E 3 .  ? -2.799  -12.474 17.653  1.00 31.59 ? 23 HOH A O     1 
HETATM 1405 O O     . HOH E 3 .  ? 4.160   -16.070 9.138   1.00 22.06 ? 24 HOH A O     1 
HETATM 1406 O O     . HOH E 3 .  ? 9.693   -16.274 14.204  1.00 24.38 ? 25 HOH A O     1 
HETATM 1407 O O     . HOH E 3 .  ? -6.568  -3.048  1.809   1.00 27.97 ? 26 HOH A O     1 
HETATM 1408 O O     . HOH E 3 .  ? 7.497   -13.555 17.930  1.00 31.58 ? 27 HOH A O     1 
HETATM 1409 O O     . HOH E 3 .  ? 6.261   -8.017  17.435  1.00 20.27 ? 28 HOH A O     1 
HETATM 1410 O O     . HOH E 3 .  ? 4.130   -17.695 7.270   1.00 25.80 ? 29 HOH A O     1 
HETATM 1411 O O     . HOH E 3 .  ? -2.474  0.413   2.009   1.00 12.92 ? 30 HOH A O     1 
HETATM 1412 O O     . HOH E 3 .  ? 15.496  -17.082 6.396   1.00 55.11 ? 31 HOH A O     1 
HETATM 1413 O O     . HOH E 3 .  ? 5.040   -8.707  22.901  1.00 23.92 ? 32 HOH A O     1 
HETATM 1414 O O     . HOH E 3 .  ? 8.900   -11.726 14.654  1.00 31.08 ? 33 HOH A O     1 
HETATM 1415 O O     . HOH E 3 .  ? 20.442  -13.150 15.299  1.00 35.39 ? 34 HOH A O     1 
HETATM 1416 O O     . HOH E 3 .  ? -3.874  5.307   15.526  1.00 26.35 ? 35 HOH A O     1 
HETATM 1417 O O     . HOH E 3 .  ? -1.327  -14.272 16.240  1.00 13.32 ? 36 HOH A O     1 
HETATM 1418 O O     . HOH E 3 .  ? 2.376   9.432   7.459   1.00 30.15 ? 37 HOH A O     1 
HETATM 1419 O O     . HOH E 3 .  ? 0.718   -19.747 20.570  1.00 30.80 ? 38 HOH A O     1 
HETATM 1420 O O     . HOH E 3 .  ? -2.575  -13.436 20.342  1.00 35.33 ? 39 HOH A O     1 
HETATM 1421 O O     . HOH E 3 .  ? -11.544 6.980   0.998   1.00 30.61 ? 40 HOH A O     1 
HETATM 1422 O O     . HOH E 3 .  ? 15.070  -14.135 9.730   1.00 27.67 ? 41 HOH A O     1 
HETATM 1423 O O     . HOH E 3 .  ? -23.031 -4.313  5.839   1.00 31.87 ? 42 HOH A O     1 
HETATM 1424 O O     . HOH E 3 .  ? 20.131  -3.798  11.638  1.00 35.20 ? 43 HOH A O     1 
HETATM 1425 O O     . HOH E 3 .  ? -2.471  0.074   7.441   1.00 44.26 ? 44 HOH A O     1 
HETATM 1426 O O     . HOH E 3 .  ? 21.661  -11.811 2.977   1.00 20.66 ? 45 HOH A O     1 
HETATM 1427 O O     . HOH E 3 .  ? 22.521  -11.131 11.252  1.00 35.29 ? 46 HOH A O     1 
HETATM 1428 O O     . HOH E 3 .  ? -0.651  -4.195  23.130  1.00 27.33 ? 47 HOH A O     1 
HETATM 1429 O O     . HOH E 3 .  ? -6.607  0.689   7.995   1.00 31.96 ? 48 HOH A O     1 
HETATM 1430 O O     . HOH E 3 .  ? 18.311  -13.418 8.842   1.00 37.58 ? 49 HOH A O     1 
HETATM 1431 O O     . HOH E 3 .  ? -10.874 1.202   8.674   1.00 29.75 ? 50 HOH A O     1 
HETATM 1432 O O     . HOH E 3 .  ? 25.002  -10.296 8.021   1.00 33.58 ? 51 HOH A O     1 
HETATM 1433 O O     . HOH E 3 .  ? 1.811   -4.439  14.553  1.00 26.50 ? 52 HOH A O     1 
HETATM 1434 O O     . HOH E 3 .  ? 4.324   -7.804  19.651  1.00 26.65 ? 53 HOH A O     1 
HETATM 1435 O O     . HOH E 3 .  ? 8.667   -10.630 4.563   1.00 39.30 ? 54 HOH A O     1 
HETATM 1436 O O     . HOH E 3 .  ? -17.674 -4.777  0.443   1.00 36.21 ? 55 HOH A O     1 
HETATM 1437 O O     . HOH E 3 .  ? 1.973   -4.170  17.214  1.00 42.49 ? 56 HOH A O     1 
HETATM 1438 O O     . HOH E 3 .  ? 18.312  -11.933 11.455  1.00 36.68 ? 57 HOH A O     1 
HETATM 1439 O O     . HOH E 3 .  ? -3.281  1.697   19.279  1.00 38.61 ? 58 HOH A O     1 
HETATM 1440 O O     . HOH E 3 .  ? -3.251  -1.403  10.028  1.00 47.44 ? 59 HOH A O     1 
HETATM 1441 O O     . HOH E 3 .  ? 3.181   -1.215  14.189  1.00 37.42 ? 60 HOH A O     1 
HETATM 1442 O O     . HOH E 3 .  ? -0.765  6.851   0.651   1.00 24.78 ? 61 HOH A O     1 
HETATM 1443 O O     . HOH E 3 .  ? -2.915  10.140  9.717   1.00 29.26 ? 62 HOH A O     1 
HETATM 1444 O O     . HOH E 3 .  ? -1.643  -20.126 21.134  1.00 28.19 ? 63 HOH A O     1 
HETATM 1445 O O     . HOH E 3 .  ? 5.320   -11.099 19.238  1.00 28.01 ? 64 HOH A O     1 
HETATM 1446 O O     . HOH E 3 .  ? 0.791   7.898   18.962  1.00 28.07 ? 65 HOH A O     1 
HETATM 1447 O O     . HOH E 3 .  ? -1.173  2.606   5.652   1.00 37.06 ? 66 HOH A O     1 
HETATM 1448 O O     . HOH E 3 .  ? 20.719  -11.497 13.144  1.00 42.35 ? 67 HOH A O     1 
HETATM 1449 O O     . HOH E 3 .  ? 22.688  -13.331 16.886  1.00 36.16 ? 68 HOH A O     1 
HETATM 1450 O O     . HOH E 3 .  ? -5.760  -12.884 16.661  1.00 31.44 ? 69 HOH A O     1 
HETATM 1451 O O     . HOH E 3 .  ? 2.053   0.354   14.180  1.00 30.12 ? 70 HOH A O     1 
HETATM 1452 O O     . HOH E 3 .  ? -4.520  -2.543  -1.398  1.00 40.81 ? 71 HOH A O     1 
HETATM 1453 O O     . HOH E 3 .  ? 11.009  -19.212 6.507   1.00 41.66 ? 72 HOH A O     1 
HETATM 1454 O O     . HOH E 3 .  ? 1.651   6.171   2.238   1.00 44.77 ? 73 HOH A O     1 
HETATM 1455 O O     . HOH E 3 .  ? 10.721  -14.748 12.318  1.00 43.47 ? 74 HOH A O     1 
HETATM 1456 O O     . HOH E 3 .  ? -14.972 1.922   -0.174  1.00 42.76 ? 75 HOH A O     1 
HETATM 1457 O O     . HOH E 3 .  ? 5.997   0.099   26.549  1.00 33.44 ? 76 HOH A O     1 
HETATM 1458 O O     . HOH F 3 .  ? -10.368 10.432  4.086   1.00 25.48 ? 36 HOH B O     1 
HETATM 1459 O O     . HOH F 3 .  ? 5.789   -10.377 6.053   1.00 20.26 ? 37 HOH B O     1 
HETATM 1460 O O     . HOH F 3 .  ? 3.538   -2.751  8.847   1.00 28.36 ? 38 HOH B O     1 
HETATM 1461 O O     . HOH F 3 .  ? -5.683  3.490   17.288  1.00 40.14 ? 39 HOH B O     1 
HETATM 1462 O O     . HOH F 3 .  ? -17.931 2.273   -1.331  1.00 28.64 ? 40 HOH B O     1 
HETATM 1463 O O     . HOH F 3 .  ? -7.018  4.146   19.612  1.00 32.39 ? 41 HOH B O     1 
HETATM 1464 O O     . HOH F 3 .  ? 13.967  -11.155 17.337  1.00 35.25 ? 42 HOH B O     1 
HETATM 1465 O O     . HOH F 3 .  ? -21.466 11.114  0.142   1.00 30.34 ? 43 HOH B O     1 
HETATM 1466 O O     . HOH F 3 .  ? -22.186 6.940   6.987   1.00 39.46 ? 44 HOH B O     1 
HETATM 1467 O O     . HOH F 3 .  ? 0.955   -2.780  5.888   1.00 31.01 ? 45 HOH B O     1 
HETATM 1468 O O     . HOH F 3 .  ? -4.019  -7.183  7.172   1.00 26.31 ? 46 HOH B O     1 
HETATM 1469 O O     . HOH F 3 .  ? -10.353 0.156   11.465  1.00 28.84 ? 47 HOH B O     1 
HETATM 1470 O O     . HOH F 3 .  ? -8.348  -2.134  11.243  1.00 30.28 ? 48 HOH B O     1 
HETATM 1471 O O     . HOH F 3 .  ? -13.129 8.302   20.268  1.00 35.51 ? 49 HOH B O     1 
HETATM 1472 O O     . HOH F 3 .  ? 7.856   -8.455  3.122   1.00 34.91 ? 50 HOH B O     1 
HETATM 1473 O O     . HOH F 3 .  ? -0.894  -13.288 13.774  1.00 28.59 ? 51 HOH B O     1 
HETATM 1474 O O     . HOH F 3 .  ? -6.427  -3.798  9.846   1.00 33.05 ? 52 HOH B O     1 
HETATM 1475 O O     . HOH F 3 .  ? 12.534  -9.293  15.280  1.00 36.75 ? 53 HOH B O     1 
HETATM 1476 O O     . HOH F 3 .  ? -7.288  -3.095  20.348  1.00 28.33 ? 54 HOH B O     1 
HETATM 1477 O O     . HOH F 3 .  ? 1.563   -13.584 12.640  1.00 15.67 ? 55 HOH B O     1 
HETATM 1478 O O     . HOH F 3 .  ? 1.041   -4.994  10.726  1.00 32.90 ? 56 HOH B O     1 
HETATM 1479 O O     . HOH F 3 .  ? -12.353 2.404   11.689  1.00 34.37 ? 57 HOH B O     1 
HETATM 1480 O O     . HOH F 3 .  ? 7.037   -0.671  9.663   1.00 31.54 ? 58 HOH B O     1 
HETATM 1481 O O     . HOH F 3 .  ? 4.390   -13.045 7.332   1.00 40.86 ? 59 HOH B O     1 
HETATM 1482 O O     . HOH F 3 .  ? -14.034 4.252   10.361  1.00 32.90 ? 60 HOH B O     1 
HETATM 1483 O O     . HOH F 3 .  ? -1.882  -6.193  3.773   1.00 32.68 ? 61 HOH B O     1 
HETATM 1484 O O     . HOH F 3 .  ? -16.541 6.675   9.870   1.00 28.91 ? 62 HOH B O     1 
HETATM 1485 O O     . HOH F 3 .  ? 2.498   -5.315  8.619   1.00 20.82 ? 63 HOH B O     1 
HETATM 1486 O O     . HOH F 3 .  ? -15.006 10.743  16.706  1.00 29.38 ? 64 HOH B O     1 
HETATM 1487 O O     . HOH F 3 .  ? -3.875  -5.961  9.538   1.00 26.49 ? 65 HOH B O     1 
HETATM 1488 O O     . HOH F 3 .  ? 9.648   -0.727  12.561  1.00 36.74 ? 66 HOH B O     1 
HETATM 1489 O O     . HOH F 3 .  ? -0.862  -5.883  7.352   1.00 39.45 ? 67 HOH B O     1 
HETATM 1490 O O     . HOH F 3 .  ? 4.996   -8.317  1.692   1.00 26.75 ? 68 HOH B O     1 
HETATM 1491 O O     . HOH F 3 .  ? 0.648   -1.612  8.716   1.00 30.84 ? 69 HOH B O     1 
HETATM 1492 O O     . HOH F 3 .  ? 5.762   -3.439  10.985  1.00 33.01 ? 70 HOH B O     1 
HETATM 1493 O O     . HOH F 3 .  ? -16.166 9.551   14.531  1.00 36.33 ? 71 HOH B O     1 
HETATM 1494 O O     . HOH F 3 .  ? -18.349 10.677  7.686   1.00 42.31 ? 72 HOH B O     1 
HETATM 1495 O O     . HOH F 3 .  ? -11.730 6.587   21.493  1.00 31.21 ? 73 HOH B O     1 
HETATM 1496 O O     . HOH F 3 .  ? -18.946 6.481   -4.557  1.00 29.13 ? 74 HOH B O     1 
HETATM 1497 O O     . HOH F 3 .  ? -2.190  -6.428  0.964   1.00 33.10 ? 75 HOH B O     1 
HETATM 1498 O O     . HOH F 3 .  ? -15.598 5.927   16.942  1.00 32.74 ? 76 HOH B O     1 
HETATM 1499 O O     . HOH F 3 .  ? -18.686 7.478   7.198   1.00 39.56 ? 77 HOH B O     1 
HETATM 1500 O O     . HOH F 3 .  ? 11.462  -6.396  13.932  1.00 32.98 ? 78 HOH B O     1 
HETATM 1501 O O     . HOH F 3 .  ? 10.058  -0.380  18.972  1.00 32.82 ? 79 HOH B O     1 
HETATM 1502 O O     . HOH F 3 .  ? 9.704   -6.549  3.273   1.00 35.52 ? 80 HOH B O     1 
HETATM 1503 O O     . HOH F 3 .  ? -14.600 6.439   13.468  1.00 42.55 ? 81 HOH B O     1 
HETATM 1504 O O     . HOH G 3 .  ? -19.394 4.184   -24.938 1.00 41.33 ? 18 HOH C O     1 
HETATM 1505 O O     . HOH G 3 .  ? -15.240 4.953   -11.410 1.00 29.39 ? 19 HOH C O     1 
HETATM 1506 O O     . HOH G 3 .  ? 17.444  5.366   -1.860  1.00 19.06 ? 20 HOH C O     1 
HETATM 1507 O O     . HOH G 3 .  ? -14.100 4.690   -0.830  1.00 27.47 ? 21 HOH C O     1 
HETATM 1508 O O     . HOH G 3 .  ? -15.399 -5.118  -5.068  1.00 46.57 ? 22 HOH C O     1 
HETATM 1509 O O     . HOH G 3 .  ? 10.974  1.676   -2.541  1.00 13.29 ? 23 HOH C O     1 
HETATM 1510 O O     . HOH G 3 .  ? 9.672   3.470   -6.134  1.00 19.72 ? 24 HOH C O     1 
HETATM 1511 O O     . HOH G 3 .  ? -16.099 17.855  -9.182  1.00 25.28 ? 25 HOH C O     1 
HETATM 1512 O O     . HOH G 3 .  ? 5.911   -0.820  -18.071 1.00 30.91 ? 26 HOH C O     1 
HETATM 1513 O O     . HOH G 3 .  ? 8.435   7.270   -7.212  1.00 39.27 ? 27 HOH C O     1 
HETATM 1514 O O     . HOH G 3 .  ? -13.867 -3.272  -1.683  1.00 18.13 ? 28 HOH C O     1 
HETATM 1515 O O     . HOH G 3 .  ? -17.567 7.029   -12.376 1.00 39.71 ? 29 HOH C O     1 
HETATM 1516 O O     . HOH G 3 .  ? -16.667 2.054   -11.863 1.00 35.76 ? 30 HOH C O     1 
HETATM 1517 O O     . HOH G 3 .  ? -5.375  -6.379  -5.505  1.00 24.14 ? 31 HOH C O     1 
HETATM 1518 O O     . HOH G 3 .  ? 12.026  11.768  -12.432 1.00 16.90 ? 32 HOH C O     1 
HETATM 1519 O O     . HOH G 3 .  ? 10.828  3.600   -16.357 1.00 22.94 ? 33 HOH C O     1 
HETATM 1520 O O     . HOH G 3 .  ? 17.349  1.328   3.286   1.00 31.64 ? 34 HOH C O     1 
HETATM 1521 O O     . HOH G 3 .  ? -10.523 0.219   -10.935 1.00 27.83 ? 35 HOH C O     1 
HETATM 1522 O O     . HOH G 3 .  ? -12.096 -1.868  -9.859  1.00 32.48 ? 36 HOH C O     1 
HETATM 1523 O O     . HOH G 3 .  ? -13.343 3.429   -9.370  1.00 23.76 ? 37 HOH C O     1 
HETATM 1524 O O     . HOH G 3 .  ? 19.040  3.279   2.072   1.00 31.11 ? 38 HOH C O     1 
HETATM 1525 O O     . HOH G 3 .  ? 11.539  -0.750  -1.421  1.00 33.65 ? 39 HOH C O     1 
HETATM 1526 O O     . HOH G 3 .  ? 10.795  2.732   5.110   1.00 36.02 ? 40 HOH C O     1 
HETATM 1527 O O     . HOH G 3 .  ? 9.455   5.058   -4.323  1.00 29.80 ? 41 HOH C O     1 
HETATM 1528 O O     . HOH G 3 .  ? 1.000   -5.738  -14.789 1.00 47.12 ? 42 HOH C O     1 
HETATM 1529 O O     . HOH G 3 .  ? -11.749 3.488   -11.564 1.00 29.67 ? 43 HOH C O     1 
HETATM 1530 O O     . HOH G 3 .  ? 13.262  -1.937  -3.588  1.00 33.38 ? 44 HOH C O     1 
HETATM 1531 O O     . HOH G 3 .  ? 15.004  -4.893  -3.256  1.00 29.43 ? 45 HOH C O     1 
HETATM 1532 O O     . HOH G 3 .  ? 7.523   4.492   -8.269  1.00 43.04 ? 46 HOH C O     1 
HETATM 1533 O O     . HOH G 3 .  ? -4.643  0.122   -11.584 1.00 25.13 ? 47 HOH C O     1 
HETATM 1534 O O     . HOH G 3 .  ? -8.207  -6.631  -4.153  1.00 43.37 ? 48 HOH C O     1 
HETATM 1535 O O     . HOH G 3 .  ? 2.069   4.249   -12.431 1.00 41.19 ? 49 HOH C O     1 
HETATM 1536 O O     . HOH G 3 .  ? 6.588   11.076  -15.506 1.00 46.55 ? 50 HOH C O     1 
HETATM 1537 O O     . HOH G 3 .  ? 17.548  -3.998  -5.492  1.00 31.67 ? 51 HOH C O     1 
HETATM 1538 O O     . HOH G 3 .  ? -7.537  -0.688  -12.789 1.00 31.56 ? 52 HOH C O     1 
HETATM 1539 O O     . HOH G 3 .  ? -1.725  -2.194  -23.990 1.00 32.29 ? 53 HOH C O     1 
HETATM 1540 O O     . HOH G 3 .  ? 6.649   10.385  -7.544  1.00 31.77 ? 54 HOH C O     1 
HETATM 1541 O O     . HOH G 3 .  ? -12.724 -8.066  -7.206  1.00 29.34 ? 55 HOH C O     1 
HETATM 1542 O O     . HOH G 3 .  ? -17.042 11.199  -2.828  1.00 44.64 ? 56 HOH C O     1 
HETATM 1543 O O     . HOH G 3 .  ? -15.058 -4.807  -8.448  1.00 36.44 ? 57 HOH C O     1 
HETATM 1544 O O     . HOH G 3 .  ? -13.444 -6.553  -4.150  1.00 36.05 ? 58 HOH C O     1 
HETATM 1545 O O     . HOH G 3 .  ? 9.639   12.309  -12.629 1.00 20.91 ? 59 HOH C O     1 
HETATM 1546 O O     . HOH G 3 .  ? -6.219  -3.951  -2.946  1.00 33.76 ? 60 HOH C O     1 
HETATM 1547 O O     . HOH G 3 .  ? -1.699  -4.191  -22.139 1.00 31.90 ? 61 HOH C O     1 
HETATM 1548 O O     . HOH G 3 .  ? -10.668 -3.668  -18.053 1.00 39.11 ? 62 HOH C O     1 
HETATM 1549 O O     . HOH G 3 .  ? -20.175 13.274  -15.915 1.00 46.68 ? 63 HOH C O     1 
HETATM 1550 O O     . HOH G 3 .  ? -7.375  -0.278  -2.975  1.00 36.05 ? 64 HOH C O     1 
HETATM 1551 O O     . HOH G 3 .  ? 4.264   9.410   -19.170 1.00 39.31 ? 65 HOH C O     1 
HETATM 1552 O O     . HOH G 3 .  ? -3.673  -5.627  -13.651 1.00 40.35 ? 66 HOH C O     1 
HETATM 1553 O O     . HOH G 3 .  ? -18.867 0.627   -10.980 1.00 39.94 ? 67 HOH C O     1 
HETATM 1554 O O     . HOH G 3 .  ? -3.275  2.026   -18.187 1.00 37.10 ? 68 HOH C O     1 
HETATM 1555 O O     . HOH G 3 .  ? 9.773   7.904   -17.977 1.00 31.76 ? 69 HOH C O     1 
HETATM 1556 O O     . HOH G 3 .  ? 10.879  9.770   -19.379 1.00 37.93 ? 70 HOH C O     1 
HETATM 1557 O O     . HOH G 3 .  ? -1.644  -2.325  -13.878 1.00 38.56 ? 71 HOH C O     1 
HETATM 1558 O O     . HOH G 3 .  ? 3.741   6.457   -21.282 1.00 40.10 ? 72 HOH C O     1 
HETATM 1559 O O     . HOH G 3 .  ? -11.310 -3.715  -12.930 1.00 43.80 ? 73 HOH C O     1 
HETATM 1560 O O     . HOH H 3 .  ? 4.153   -5.359  -14.949 1.00 31.88 ? 36 HOH D O     1 
HETATM 1561 O O     . HOH H 3 .  ? 17.086  5.464   -12.938 1.00 22.83 ? 37 HOH D O     1 
HETATM 1562 O O     . HOH H 3 .  ? -0.606  5.097   -7.076  1.00 22.08 ? 38 HOH D O     1 
HETATM 1563 O O     . HOH H 3 .  ? 4.129   -1.340  0.084   1.00 36.94 ? 39 HOH D O     1 
HETATM 1564 O O     . HOH H 3 .  ? -1.285  8.744   -17.543 1.00 28.75 ? 40 HOH D O     1 
HETATM 1565 O O     . HOH H 3 .  ? 11.462  -3.248  -8.750  1.00 22.83 ? 41 HOH D O     1 
HETATM 1566 O O     . HOH H 3 .  ? 18.815  5.984   -7.659  1.00 10.50 ? 42 HOH D O     1 
HETATM 1567 O O     . HOH H 3 .  ? 13.805  -2.239  -8.238  1.00 23.48 ? 43 HOH D O     1 
HETATM 1568 O O     . HOH H 3 .  ? -5.444  4.785   -13.486 1.00 19.38 ? 44 HOH D O     1 
HETATM 1569 O O     . HOH H 3 .  ? -3.336  7.238   0.080   1.00 27.09 ? 45 HOH D O     1 
HETATM 1570 O O     . HOH H 3 .  ? 19.814  4.690   -0.651  1.00 21.50 ? 46 HOH D O     1 
HETATM 1571 O O     . HOH H 3 .  ? 16.779  -3.826  -8.628  1.00 27.64 ? 47 HOH D O     1 
HETATM 1572 O O     . HOH H 3 .  ? -9.300  12.768  -17.704 1.00 23.60 ? 48 HOH D O     1 
HETATM 1573 O O     . HOH H 3 .  ? 2.990   1.096   -5.719  1.00 25.69 ? 49 HOH D O     1 
HETATM 1574 O O     . HOH H 3 .  ? -2.609  6.145   -10.049 1.00 19.06 ? 50 HOH D O     1 
HETATM 1575 O O     . HOH H 3 .  ? 0.018   9.254   -1.514  1.00 27.98 ? 51 HOH D O     1 
HETATM 1576 O O     . HOH H 3 .  ? 22.681  -1.932  -5.819  1.00 28.47 ? 52 HOH D O     1 
HETATM 1577 O O     . HOH H 3 .  ? -2.919  -5.704  -5.862  1.00 26.13 ? 53 HOH D O     1 
HETATM 1578 O O     . HOH H 3 .  ? -7.897  8.837   -4.422  1.00 22.91 ? 54 HOH D O     1 
HETATM 1579 O O     . HOH H 3 .  ? 1.059   -8.056  -10.744 1.00 28.89 ? 55 HOH D O     1 
HETATM 1580 O O     . HOH H 3 .  ? -6.775  4.719   -24.806 1.00 26.93 ? 56 HOH D O     1 
HETATM 1581 O O     . HOH H 3 .  ? 8.629   -3.011  -7.002  1.00 23.06 ? 57 HOH D O     1 
HETATM 1582 O O     . HOH H 3 .  ? 18.343  7.110   -11.576 1.00 32.69 ? 58 HOH D O     1 
HETATM 1583 O O     . HOH H 3 .  ? 0.459   1.897   -7.675  1.00 21.61 ? 59 HOH D O     1 
HETATM 1584 O O     . HOH H 3 .  ? 25.477  3.610   4.195   1.00 27.24 ? 60 HOH D O     1 
HETATM 1585 O O     . HOH H 3 .  ? -8.024  3.678   -15.445 1.00 33.95 ? 61 HOH D O     1 
HETATM 1586 O O     . HOH H 3 .  ? 26.122  0.189   -2.906  1.00 24.45 ? 62 HOH D O     1 
HETATM 1587 O O     . HOH H 3 .  ? -6.742  9.881   -6.486  1.00 40.91 ? 63 HOH D O     1 
HETATM 1588 O O     . HOH H 3 .  ? 18.703  -2.693  -12.433 1.00 20.21 ? 64 HOH D O     1 
HETATM 1589 O O     . HOH H 3 .  ? -10.657 2.587   -18.578 1.00 35.02 ? 65 HOH D O     1 
HETATM 1590 O O     . HOH H 3 .  ? 29.508  3.503   -2.924  1.00 38.38 ? 66 HOH D O     1 
HETATM 1591 O O     . HOH H 3 .  ? 24.318  0.574   -5.291  1.00 44.80 ? 67 HOH D O     1 
HETATM 1592 O O     . HOH H 3 .  ? 21.462  -3.227  -14.738 1.00 25.27 ? 68 HOH D O     1 
HETATM 1593 O O     . HOH H 3 .  ? 17.520  -4.239  -18.932 1.00 25.12 ? 69 HOH D O     1 
HETATM 1594 O O     . HOH H 3 .  ? 7.637   -12.402 -10.309 1.00 33.19 ? 70 HOH D O     1 
HETATM 1595 O O     . HOH H 3 .  ? -6.962  5.018   -17.579 1.00 30.45 ? 71 HOH D O     1 
HETATM 1596 O O     . HOH H 3 .  ? 15.361  -2.437  -10.415 1.00 27.96 ? 72 HOH D O     1 
HETATM 1597 O O     . HOH H 3 .  ? 2.448   -5.828  1.366   1.00 48.57 ? 73 HOH D O     1 
HETATM 1598 O O     . HOH H 3 .  ? -8.613  0.709   -22.743 1.00 30.71 ? 74 HOH D O     1 
HETATM 1599 O O     . HOH H 3 .  ? 5.048   -10.615 -13.223 1.00 35.97 ? 75 HOH D O     1 
HETATM 1600 O O     . HOH H 3 .  ? -2.614  6.381   -12.821 1.00 36.80 ? 76 HOH D O     1 
HETATM 1601 O O     . HOH H 3 .  ? 1.031   2.734   -5.010  1.00 31.61 ? 77 HOH D O     1 
HETATM 1602 O O     . HOH H 3 .  ? -9.884  2.757   -13.035 1.00 27.46 ? 78 HOH D O     1 
HETATM 1603 O O     . HOH H 3 .  ? -6.806  13.972  -17.078 1.00 34.41 ? 79 HOH D O     1 
HETATM 1604 O O     . HOH H 3 .  ? 21.195  0.131   3.795   1.00 33.05 ? 80 HOH D O     1 
HETATM 1605 O O     . HOH H 3 .  ? -7.349  -1.960  -24.519 1.00 36.59 ? 81 HOH D O     1 
HETATM 1606 O O     . HOH H 3 .  ? 14.946  -4.452  -11.967 1.00 30.79 ? 82 HOH D O     1 
HETATM 1607 O O     . HOH H 3 .  ? 4.899   -7.088  -1.507  1.00 40.09 ? 83 HOH D O     1 
HETATM 1608 O O     . HOH H 3 .  ? 29.468  1.063   -3.609  1.00 43.55 ? 84 HOH D O     1 
HETATM 1609 O O     . HOH H 3 .  ? -3.944  6.366   -15.282 1.00 50.52 ? 85 HOH D O     1 
HETATM 1610 O O     . HOH H 3 .  ? -1.153  -0.148  -12.291 1.00 26.71 ? 86 HOH D O     1 
HETATM 1611 O O     . HOH H 3 .  ? 27.580  5.750   -5.573  1.00 46.53 ? 87 HOH D O     1 
HETATM 1612 O O     . HOH H 3 .  ? 25.363  -0.445  -12.734 1.00 38.21 ? 88 HOH D O     1 
HETATM 1613 O O     . HOH H 3 .  ? 12.123  -11.334 -11.782 1.00 38.16 ? 89 HOH D O     1 
# 
